data_6UB8
#
_entry.id   6UB8
#
_cell.length_a   117.993
_cell.length_b   151.860
_cell.length_c   166.785
_cell.angle_alpha   90.00
_cell.angle_beta   90.00
_cell.angle_gamma   90.00
#
_symmetry.space_group_name_H-M   'P 21 21 21'
#
loop_
_entity.id
_entity.type
_entity.pdbx_description
1 polymer 'Glyco_hydro_cc domain-containing protein'
2 non-polymer GLYCEROL
3 water water
#
_entity_poly.entity_id   1
_entity_poly.type   'polypeptide(L)'
_entity_poly.pdbx_seq_one_letter_code
;MGSSHHHHHHSSGLVPAGSHMVKKRVLLWDYTNTRDVKWAMDKINFKGPLHSCSNWNTWYPDELKHRLPFRPMIHGKNNL
TGGEWQNILKTNEEVIHFFNEPERAGISPEEAAKIWNDQVLALRTSHHKRLVSPSCASDPAGIAWIKKWMNLVAKNPPDY
LGLHWYGTKGDEMIRYLESMHKEHPHQPIIVSEWASTSRSYPDVLGLTVQLANWMDSTPWVAEYALFGCMRQMADDFVSP
EAQLMNKDGSFTDLMWKYMSDQPMHI
;
_entity_poly.pdbx_strand_id   A,B,C,D,E,F,G,H,I,J
#
# COMPACT_ATOMS: atom_id res chain seq x y z
N GLY A 18 -2.63 -12.32 -9.16
CA GLY A 18 -2.24 -13.09 -7.94
C GLY A 18 -1.74 -12.19 -6.83
N SER A 19 -2.40 -11.04 -6.52
CA SER A 19 -2.09 -10.15 -5.35
C SER A 19 -3.18 -10.17 -4.27
N HIS A 20 -4.32 -10.85 -4.50
CA HIS A 20 -5.64 -10.70 -3.80
C HIS A 20 -6.37 -12.05 -3.88
N MET A 21 -6.99 -12.59 -2.83
CA MET A 21 -7.95 -13.69 -3.05
C MET A 21 -8.93 -13.31 -4.17
N VAL A 22 -9.14 -14.18 -5.18
CA VAL A 22 -10.15 -13.89 -6.25
C VAL A 22 -11.54 -14.32 -5.73
N LYS A 23 -12.51 -13.42 -5.75
CA LYS A 23 -13.84 -13.70 -5.18
C LYS A 23 -14.88 -13.52 -6.30
N LYS A 24 -15.27 -14.63 -6.93
CA LYS A 24 -16.28 -14.52 -8.00
C LYS A 24 -17.21 -15.74 -7.99
N ARG A 25 -17.32 -16.40 -6.85
CA ARG A 25 -18.18 -17.61 -6.68
C ARG A 25 -19.53 -17.21 -6.10
N VAL A 26 -20.58 -17.71 -6.76
CA VAL A 26 -21.98 -17.44 -6.33
C VAL A 26 -22.41 -18.59 -5.43
N LEU A 27 -23.07 -18.28 -4.33
CA LEU A 27 -23.83 -19.27 -3.55
C LEU A 27 -25.23 -19.42 -4.14
N LEU A 28 -25.54 -20.57 -4.82
CA LEU A 28 -26.91 -20.92 -5.28
C LEU A 28 -27.62 -21.54 -4.08
N TRP A 29 -28.72 -20.96 -3.64
CA TRP A 29 -29.36 -21.30 -2.34
C TRP A 29 -30.81 -21.67 -2.64
N ASP A 30 -31.01 -22.92 -3.08
CA ASP A 30 -32.35 -23.44 -3.42
C ASP A 30 -33.33 -23.09 -2.30
N TYR A 31 -34.58 -22.79 -2.65
CA TYR A 31 -35.61 -22.48 -1.63
C TYR A 31 -35.80 -23.64 -0.64
N THR A 32 -35.58 -24.91 -1.00
CA THR A 32 -35.70 -26.03 -0.04
C THR A 32 -34.73 -25.88 1.15
N ASN A 33 -33.56 -25.27 0.96
CA ASN A 33 -32.71 -24.81 2.10
C ASN A 33 -33.49 -23.83 3.00
N THR A 34 -34.14 -22.84 2.40
CA THR A 34 -34.87 -21.81 3.17
C THR A 34 -36.02 -22.59 3.88
N ARG A 35 -36.58 -23.60 3.20
CA ARG A 35 -37.75 -24.32 3.78
C ARG A 35 -37.29 -25.15 5.00
N ASP A 36 -36.15 -25.81 4.95
CA ASP A 36 -35.86 -26.98 5.83
C ASP A 36 -34.65 -26.77 6.74
N VAL A 37 -33.61 -26.08 6.25
CA VAL A 37 -32.29 -26.03 6.96
C VAL A 37 -31.71 -24.60 6.89
N LYS A 38 -32.51 -23.62 7.31
CA LYS A 38 -32.11 -22.19 7.35
C LYS A 38 -30.71 -22.09 7.98
N TRP A 39 -30.50 -22.82 9.08
CA TRP A 39 -29.27 -22.93 9.91
C TRP A 39 -28.03 -23.24 9.06
N ALA A 40 -28.13 -23.84 7.88
CA ALA A 40 -26.95 -24.21 7.09
C ALA A 40 -26.32 -22.92 6.54
N MET A 41 -27.10 -21.85 6.39
CA MET A 41 -26.52 -20.60 5.83
C MET A 41 -25.44 -20.10 6.79
N ASP A 42 -25.60 -20.33 8.09
CA ASP A 42 -24.67 -19.89 9.15
C ASP A 42 -23.39 -20.74 9.13
N LYS A 43 -23.41 -21.90 8.49
CA LYS A 43 -22.20 -22.76 8.35
C LYS A 43 -21.39 -22.32 7.12
N ILE A 44 -21.92 -21.41 6.32
CA ILE A 44 -21.20 -20.87 5.14
C ILE A 44 -19.97 -20.09 5.62
N ASN A 45 -18.91 -20.21 4.83
CA ASN A 45 -17.65 -19.47 5.00
C ASN A 45 -17.82 -18.20 4.20
N PHE A 46 -17.92 -17.07 4.91
CA PHE A 46 -18.18 -15.77 4.24
C PHE A 46 -16.84 -15.10 3.96
N LYS A 47 -15.73 -15.73 4.34
CA LYS A 47 -14.35 -15.17 4.28
C LYS A 47 -13.62 -15.59 3.00
N GLY A 48 -14.14 -16.59 2.31
CA GLY A 48 -13.44 -17.17 1.18
C GLY A 48 -13.86 -16.47 -0.09
N PRO A 49 -13.73 -17.19 -1.22
CA PRO A 49 -14.12 -16.69 -2.55
C PRO A 49 -15.60 -16.55 -2.91
N LEU A 50 -16.53 -16.92 -2.03
CA LEU A 50 -17.98 -16.59 -2.19
C LEU A 50 -18.15 -15.08 -2.21
N HIS A 51 -18.81 -14.51 -3.21
CA HIS A 51 -19.01 -13.04 -3.22
C HIS A 51 -20.47 -12.65 -3.48
N SER A 52 -21.34 -13.57 -3.87
CA SER A 52 -22.79 -13.31 -4.08
C SER A 52 -23.66 -14.56 -3.83
N CYS A 53 -24.99 -14.41 -3.90
CA CYS A 53 -25.97 -15.49 -3.64
C CYS A 53 -27.21 -15.24 -4.50
N SER A 54 -27.78 -16.29 -5.08
CA SER A 54 -29.04 -16.19 -5.86
C SER A 54 -29.91 -17.38 -5.45
N ASN A 55 -31.24 -17.28 -5.61
CA ASN A 55 -32.14 -18.41 -5.24
C ASN A 55 -33.24 -18.57 -6.30
N TRP A 56 -33.03 -18.10 -7.52
CA TRP A 56 -34.00 -18.33 -8.62
C TRP A 56 -35.34 -17.65 -8.33
N ASN A 57 -35.43 -16.74 -7.35
CA ASN A 57 -36.71 -16.11 -6.94
C ASN A 57 -36.56 -14.59 -6.82
N THR A 58 -37.70 -13.90 -6.68
CA THR A 58 -37.75 -12.45 -6.47
C THR A 58 -37.54 -12.19 -4.99
N TRP A 59 -37.85 -13.14 -4.11
CA TRP A 59 -37.85 -12.88 -2.65
C TRP A 59 -36.46 -13.18 -2.11
N TYR A 60 -36.15 -12.59 -0.98
CA TYR A 60 -34.84 -12.54 -0.31
C TYR A 60 -34.81 -13.63 0.73
N PRO A 61 -33.72 -14.44 0.77
CA PRO A 61 -33.58 -15.44 1.81
C PRO A 61 -33.04 -14.89 3.13
N ASP A 62 -33.94 -14.64 4.11
CA ASP A 62 -33.53 -13.84 5.30
C ASP A 62 -32.31 -14.49 5.98
N GLU A 63 -32.16 -15.83 5.99
CA GLU A 63 -31.07 -16.47 6.75
C GLU A 63 -29.69 -15.98 6.21
N LEU A 64 -29.63 -15.44 4.99
CA LEU A 64 -28.36 -14.85 4.48
C LEU A 64 -27.93 -13.65 5.36
N LYS A 65 -28.90 -12.92 5.94
CA LYS A 65 -28.58 -11.79 6.87
C LYS A 65 -27.57 -10.85 6.19
N HIS A 66 -27.76 -10.61 4.89
CA HIS A 66 -27.01 -9.59 4.14
C HIS A 66 -25.51 -9.90 4.13
N ARG A 67 -25.10 -11.19 4.31
CA ARG A 67 -23.66 -11.56 4.47
C ARG A 67 -23.05 -11.64 3.08
N LEU A 68 -23.85 -11.65 2.02
CA LEU A 68 -23.33 -11.55 0.65
C LEU A 68 -24.38 -10.77 -0.11
N PRO A 69 -23.98 -10.05 -1.16
CA PRO A 69 -24.94 -9.47 -2.10
C PRO A 69 -25.88 -10.55 -2.66
N PHE A 70 -27.14 -10.25 -2.86
CA PHE A 70 -28.14 -11.23 -3.38
C PHE A 70 -28.64 -10.72 -4.72
N ARG A 71 -28.69 -11.56 -5.74
CA ARG A 71 -29.28 -11.22 -7.06
C ARG A 71 -30.66 -11.85 -7.10
N PRO A 72 -31.71 -11.03 -6.96
CA PRO A 72 -33.06 -11.45 -7.27
C PRO A 72 -33.13 -11.89 -8.74
N MET A 73 -34.14 -12.70 -9.03
CA MET A 73 -34.41 -13.16 -10.38
C MET A 73 -35.88 -12.93 -10.73
N ILE A 74 -36.12 -12.45 -11.94
CA ILE A 74 -37.43 -12.53 -12.63
C ILE A 74 -37.41 -13.86 -13.39
N HIS A 75 -37.78 -14.94 -12.72
CA HIS A 75 -37.61 -16.31 -13.23
C HIS A 75 -38.42 -16.54 -14.52
N GLY A 76 -39.72 -16.26 -14.45
CA GLY A 76 -40.71 -16.57 -15.50
C GLY A 76 -41.85 -15.55 -15.51
N LYS A 77 -42.88 -15.81 -16.31
CA LYS A 77 -44.01 -14.85 -16.47
C LYS A 77 -44.69 -14.53 -15.13
N ASN A 78 -44.76 -15.45 -14.16
CA ASN A 78 -45.43 -15.23 -12.84
C ASN A 78 -44.78 -14.05 -12.08
N ASN A 79 -43.53 -13.67 -12.40
CA ASN A 79 -42.70 -12.77 -11.55
C ASN A 79 -42.68 -11.37 -12.15
N LEU A 80 -43.65 -11.05 -13.01
CA LEU A 80 -43.70 -9.80 -13.82
C LEU A 80 -44.76 -8.82 -13.27
N THR A 81 -45.72 -9.31 -12.46
CA THR A 81 -46.78 -8.45 -11.87
C THR A 81 -46.86 -8.62 -10.34
N GLY A 82 -47.75 -7.85 -9.73
CA GLY A 82 -48.23 -8.06 -8.37
C GLY A 82 -47.09 -8.00 -7.37
N GLY A 83 -47.14 -8.91 -6.40
CA GLY A 83 -46.20 -8.95 -5.27
C GLY A 83 -44.82 -9.39 -5.73
N GLU A 84 -44.76 -10.35 -6.66
CA GLU A 84 -43.45 -10.79 -7.22
C GLU A 84 -42.71 -9.55 -7.74
N TRP A 85 -43.36 -8.74 -8.57
CA TRP A 85 -42.78 -7.51 -9.17
C TRP A 85 -42.43 -6.51 -8.08
N GLN A 86 -43.29 -6.35 -7.07
CA GLN A 86 -43.05 -5.41 -5.93
C GLN A 86 -41.70 -5.81 -5.29
N ASN A 87 -41.42 -7.12 -5.18
CA ASN A 87 -40.14 -7.60 -4.59
C ASN A 87 -38.94 -7.07 -5.38
N ILE A 88 -39.05 -7.04 -6.71
CA ILE A 88 -38.02 -6.52 -7.66
C ILE A 88 -37.96 -4.99 -7.55
N LEU A 89 -39.10 -4.29 -7.57
CA LEU A 89 -39.14 -2.81 -7.52
C LEU A 89 -38.46 -2.29 -6.24
N LYS A 90 -38.52 -3.04 -5.13
CA LYS A 90 -38.16 -2.49 -3.79
C LYS A 90 -36.76 -2.93 -3.35
N THR A 91 -36.16 -3.89 -4.05
CA THR A 91 -34.84 -4.47 -3.66
C THR A 91 -33.75 -3.39 -3.56
N ASN A 92 -33.04 -3.42 -2.45
CA ASN A 92 -31.78 -2.67 -2.24
C ASN A 92 -30.62 -3.33 -3.00
N GLU A 93 -30.76 -4.57 -3.48
CA GLU A 93 -29.64 -5.26 -4.17
C GLU A 93 -29.41 -4.63 -5.55
N GLU A 94 -28.28 -4.92 -6.18
CA GLU A 94 -27.66 -4.10 -7.24
C GLU A 94 -27.90 -4.69 -8.62
N VAL A 95 -28.00 -6.04 -8.68
CA VAL A 95 -27.98 -6.88 -9.91
C VAL A 95 -29.17 -7.86 -9.88
N ILE A 96 -29.94 -7.83 -10.97
CA ILE A 96 -31.18 -8.60 -11.18
C ILE A 96 -30.98 -9.44 -12.43
N HIS A 97 -31.31 -10.75 -12.34
CA HIS A 97 -31.40 -11.75 -13.44
C HIS A 97 -32.80 -11.69 -14.09
N PHE A 98 -32.87 -11.69 -15.41
CA PHE A 98 -34.13 -11.97 -16.17
C PHE A 98 -34.37 -13.49 -16.19
N PHE A 99 -35.07 -13.98 -17.23
CA PHE A 99 -35.76 -15.31 -17.22
C PHE A 99 -34.75 -16.47 -17.16
N ASN A 100 -35.14 -17.47 -16.37
CA ASN A 100 -34.49 -18.81 -16.36
C ASN A 100 -34.97 -19.63 -17.56
N GLU A 101 -34.07 -19.99 -18.49
CA GLU A 101 -34.34 -21.02 -19.54
C GLU A 101 -35.69 -20.74 -20.16
N PRO A 102 -35.89 -19.50 -20.63
CA PRO A 102 -37.16 -19.08 -21.23
C PRO A 102 -37.59 -19.95 -22.44
N GLU A 103 -36.62 -20.46 -23.21
CA GLU A 103 -36.84 -21.36 -24.39
C GLU A 103 -37.53 -22.66 -23.97
N ARG A 104 -37.37 -23.07 -22.72
CA ARG A 104 -37.98 -24.30 -22.18
C ARG A 104 -39.24 -24.00 -21.37
N ALA A 105 -39.69 -22.75 -21.29
CA ALA A 105 -40.88 -22.37 -20.50
C ALA A 105 -41.91 -21.78 -21.47
N GLY A 106 -41.58 -21.74 -22.75
CA GLY A 106 -42.51 -21.37 -23.82
C GLY A 106 -42.41 -19.91 -24.15
N ILE A 107 -41.41 -19.19 -23.60
CA ILE A 107 -41.30 -17.71 -23.76
C ILE A 107 -40.45 -17.40 -25.00
N SER A 108 -41.03 -16.61 -25.91
CA SER A 108 -40.45 -16.29 -27.22
C SER A 108 -39.37 -15.21 -27.07
N PRO A 109 -38.32 -15.18 -27.91
CA PRO A 109 -37.38 -14.08 -27.89
C PRO A 109 -38.12 -12.75 -28.13
N GLU A 110 -39.04 -12.73 -29.11
CA GLU A 110 -39.86 -11.53 -29.46
C GLU A 110 -40.59 -11.02 -28.21
N GLU A 111 -41.13 -11.92 -27.40
CA GLU A 111 -41.93 -11.54 -26.20
C GLU A 111 -41.01 -11.02 -25.09
N ALA A 112 -39.94 -11.78 -24.77
CA ALA A 112 -38.99 -11.42 -23.70
C ALA A 112 -38.36 -10.06 -24.06
N ALA A 113 -38.20 -9.79 -25.35
CA ALA A 113 -37.78 -8.49 -25.92
C ALA A 113 -38.78 -7.40 -25.51
N LYS A 114 -40.04 -7.59 -25.89
CA LYS A 114 -41.14 -6.64 -25.61
C LYS A 114 -41.21 -6.40 -24.10
N ILE A 115 -41.20 -7.44 -23.25
CA ILE A 115 -41.15 -7.34 -21.75
C ILE A 115 -39.93 -6.51 -21.29
N TRP A 116 -38.75 -6.84 -21.78
CA TRP A 116 -37.52 -6.05 -21.50
C TRP A 116 -37.77 -4.56 -21.73
N ASN A 117 -38.01 -4.14 -22.97
CA ASN A 117 -38.21 -2.71 -23.36
C ASN A 117 -39.34 -2.11 -22.51
N ASP A 118 -40.39 -2.87 -22.25
CA ASP A 118 -41.65 -2.30 -21.70
C ASP A 118 -41.59 -2.20 -20.17
N GLN A 119 -40.81 -3.03 -19.47
CA GLN A 119 -40.97 -3.09 -18.00
C GLN A 119 -39.62 -3.29 -17.37
N VAL A 120 -38.75 -4.14 -17.92
CA VAL A 120 -37.47 -4.45 -17.21
C VAL A 120 -36.42 -3.33 -17.38
N LEU A 121 -36.30 -2.68 -18.54
CA LEU A 121 -35.34 -1.56 -18.73
C LEU A 121 -35.46 -0.54 -17.58
N ALA A 122 -36.67 -0.19 -17.23
CA ALA A 122 -36.94 0.84 -16.20
C ALA A 122 -36.10 0.50 -14.96
N LEU A 123 -35.80 -0.77 -14.70
CA LEU A 123 -35.02 -1.12 -13.48
C LEU A 123 -33.59 -0.57 -13.58
N ARG A 124 -33.11 -0.32 -14.80
CA ARG A 124 -31.80 0.34 -15.08
C ARG A 124 -32.03 1.86 -15.15
N THR A 125 -32.81 2.28 -16.12
CA THR A 125 -32.89 3.71 -16.52
C THR A 125 -33.47 4.47 -15.34
N SER A 126 -34.36 3.84 -14.56
CA SER A 126 -34.98 4.49 -13.38
C SER A 126 -34.38 3.97 -12.05
N HIS A 127 -34.15 2.66 -11.84
CA HIS A 127 -33.62 2.20 -10.52
C HIS A 127 -32.10 1.99 -10.53
N HIS A 128 -31.43 2.21 -11.67
CA HIS A 128 -29.95 2.11 -11.84
C HIS A 128 -29.50 0.77 -11.32
N LYS A 129 -30.26 -0.28 -11.59
CA LYS A 129 -29.86 -1.69 -11.35
C LYS A 129 -29.08 -2.20 -12.56
N ARG A 130 -28.23 -3.18 -12.36
CA ARG A 130 -27.67 -3.94 -13.51
C ARG A 130 -28.49 -5.20 -13.71
N LEU A 131 -28.62 -5.61 -14.97
CA LEU A 131 -29.55 -6.63 -15.48
C LEU A 131 -28.75 -7.71 -16.24
N VAL A 132 -28.95 -8.96 -15.84
CA VAL A 132 -28.46 -10.15 -16.57
C VAL A 132 -29.52 -10.56 -17.58
N SER A 133 -29.08 -10.84 -18.80
CA SER A 133 -29.87 -11.54 -19.84
C SER A 133 -30.57 -12.76 -19.25
N PRO A 134 -31.61 -13.27 -19.94
CA PRO A 134 -32.10 -14.60 -19.64
C PRO A 134 -30.91 -15.57 -19.74
N SER A 135 -30.90 -16.52 -18.81
CA SER A 135 -29.91 -17.61 -18.80
C SER A 135 -30.51 -18.86 -19.50
N CYS A 136 -30.08 -19.13 -20.73
CA CYS A 136 -30.53 -20.29 -21.53
C CYS A 136 -29.61 -21.51 -21.33
N ALA A 137 -30.15 -22.74 -21.50
CA ALA A 137 -29.38 -24.00 -21.56
C ALA A 137 -28.35 -23.87 -22.69
N SER A 138 -27.27 -24.64 -22.59
CA SER A 138 -26.13 -24.62 -23.53
C SER A 138 -26.42 -25.48 -24.79
N ASP A 139 -27.61 -26.06 -24.94
CA ASP A 139 -27.97 -26.92 -26.12
C ASP A 139 -28.26 -25.99 -27.30
N PRO A 140 -28.50 -26.49 -28.53
CA PRO A 140 -28.78 -25.61 -29.68
C PRO A 140 -30.05 -24.74 -29.58
N ALA A 141 -31.09 -25.18 -28.88
CA ALA A 141 -32.34 -24.39 -28.63
C ALA A 141 -32.06 -23.20 -27.70
N GLY A 142 -31.28 -23.41 -26.64
CA GLY A 142 -30.80 -22.31 -25.77
C GLY A 142 -29.91 -21.34 -26.54
N ILE A 143 -28.91 -21.84 -27.26
CA ILE A 143 -27.91 -21.00 -28.00
C ILE A 143 -28.63 -20.12 -29.01
N ALA A 144 -29.61 -20.66 -29.74
CA ALA A 144 -30.35 -19.88 -30.76
C ALA A 144 -31.35 -18.92 -30.08
N TRP A 145 -31.87 -19.22 -28.88
CA TRP A 145 -32.80 -18.29 -28.17
C TRP A 145 -32.03 -17.02 -27.78
N ILE A 146 -30.92 -17.18 -27.07
CA ILE A 146 -30.19 -16.00 -26.55
C ILE A 146 -29.65 -15.24 -27.76
N LYS A 147 -29.19 -15.95 -28.81
CA LYS A 147 -28.64 -15.30 -30.02
C LYS A 147 -29.67 -14.31 -30.61
N LYS A 148 -30.93 -14.72 -30.71
CA LYS A 148 -32.02 -13.88 -31.28
C LYS A 148 -32.42 -12.71 -30.34
N TRP A 149 -32.64 -12.99 -29.05
CA TRP A 149 -32.99 -11.99 -28.00
C TRP A 149 -31.92 -10.89 -27.92
N MET A 150 -30.66 -11.27 -27.79
CA MET A 150 -29.52 -10.33 -27.80
C MET A 150 -29.61 -9.47 -29.05
N ASN A 151 -29.85 -10.07 -30.20
CA ASN A 151 -30.06 -9.29 -31.45
C ASN A 151 -31.22 -8.29 -31.28
N LEU A 152 -32.34 -8.68 -30.69
CA LEU A 152 -33.54 -7.80 -30.64
C LEU A 152 -33.33 -6.61 -29.69
N VAL A 153 -32.58 -6.77 -28.60
CA VAL A 153 -32.46 -5.73 -27.52
C VAL A 153 -31.14 -4.97 -27.64
N ALA A 154 -30.50 -5.07 -28.81
CA ALA A 154 -29.11 -4.62 -29.03
C ALA A 154 -28.97 -3.14 -28.73
N LYS A 155 -30.03 -2.36 -28.97
CA LYS A 155 -30.02 -0.90 -28.73
C LYS A 155 -30.06 -0.64 -27.20
N ASN A 156 -30.61 -1.55 -26.38
CA ASN A 156 -30.60 -1.51 -24.88
C ASN A 156 -30.13 -2.85 -24.30
N PRO A 157 -28.82 -3.19 -24.42
CA PRO A 157 -28.38 -4.56 -24.13
C PRO A 157 -28.32 -4.75 -22.61
N PRO A 158 -28.27 -6.00 -22.13
CA PRO A 158 -28.06 -6.28 -20.70
C PRO A 158 -26.62 -6.00 -20.27
N ASP A 159 -26.41 -5.84 -18.97
CA ASP A 159 -25.06 -5.61 -18.37
C ASP A 159 -24.22 -6.88 -18.47
N TYR A 160 -24.86 -8.03 -18.44
CA TYR A 160 -24.23 -9.36 -18.31
C TYR A 160 -24.96 -10.37 -19.17
N LEU A 161 -24.20 -11.29 -19.79
CA LEU A 161 -24.74 -12.48 -20.51
C LEU A 161 -24.78 -13.65 -19.53
N GLY A 162 -25.99 -14.09 -19.17
CA GLY A 162 -26.21 -15.28 -18.34
C GLY A 162 -26.11 -16.58 -19.14
N LEU A 163 -25.36 -17.57 -18.61
CA LEU A 163 -25.19 -18.92 -19.22
C LEU A 163 -25.32 -20.02 -18.16
N HIS A 164 -25.92 -21.12 -18.58
CA HIS A 164 -25.91 -22.43 -17.88
C HIS A 164 -24.97 -23.34 -18.68
N TRP A 165 -24.19 -24.16 -17.98
CA TRP A 165 -23.45 -25.30 -18.57
C TRP A 165 -23.42 -26.48 -17.59
N TYR A 166 -23.76 -27.67 -18.12
CA TYR A 166 -23.69 -28.98 -17.43
C TYR A 166 -23.08 -30.01 -18.39
N GLY A 167 -22.16 -30.85 -17.88
CA GLY A 167 -21.49 -31.92 -18.64
C GLY A 167 -20.29 -32.48 -17.89
N THR A 168 -19.44 -33.25 -18.61
CA THR A 168 -18.43 -34.16 -18.01
C THR A 168 -17.01 -33.65 -18.30
N LYS A 169 -16.83 -32.90 -19.39
CA LYS A 169 -15.50 -32.45 -19.88
C LYS A 169 -15.26 -30.96 -19.61
N GLY A 170 -14.40 -30.70 -18.62
CA GLY A 170 -13.78 -29.38 -18.36
C GLY A 170 -13.50 -28.65 -19.65
N ASP A 171 -12.67 -29.20 -20.52
CA ASP A 171 -12.26 -28.50 -21.78
C ASP A 171 -13.51 -28.16 -22.58
N GLU A 172 -14.60 -28.91 -22.47
CA GLU A 172 -15.79 -28.46 -23.25
C GLU A 172 -16.45 -27.18 -22.67
N MET A 173 -16.58 -27.04 -21.37
CA MET A 173 -17.20 -25.81 -20.79
C MET A 173 -16.36 -24.60 -21.22
N ILE A 174 -15.05 -24.74 -21.12
CA ILE A 174 -14.09 -23.67 -21.51
C ILE A 174 -14.34 -23.25 -22.96
N ARG A 175 -14.49 -24.19 -23.90
CA ARG A 175 -14.78 -23.88 -25.33
C ARG A 175 -16.14 -23.19 -25.50
N TYR A 176 -17.19 -23.67 -24.84
CA TYR A 176 -18.52 -23.01 -24.80
C TYR A 176 -18.41 -21.55 -24.31
N LEU A 177 -17.77 -21.31 -23.15
CA LEU A 177 -17.58 -19.93 -22.64
C LEU A 177 -16.81 -19.11 -23.67
N GLU A 178 -15.72 -19.65 -24.23
CA GLU A 178 -14.88 -18.92 -25.23
C GLU A 178 -15.75 -18.60 -26.44
N SER A 179 -16.49 -19.59 -26.87
CA SER A 179 -17.39 -19.47 -28.04
C SER A 179 -18.41 -18.37 -27.78
N MET A 180 -19.13 -18.47 -26.67
CA MET A 180 -20.23 -17.53 -26.39
C MET A 180 -19.67 -16.11 -26.21
N HIS A 181 -18.49 -15.97 -25.61
CA HIS A 181 -17.81 -14.66 -25.41
C HIS A 181 -17.52 -14.02 -26.78
N LYS A 182 -17.05 -14.82 -27.72
CA LYS A 182 -16.72 -14.41 -29.11
C LYS A 182 -18.01 -13.94 -29.82
N GLU A 183 -19.09 -14.68 -29.62
CA GLU A 183 -20.37 -14.43 -30.30
C GLU A 183 -21.10 -13.23 -29.66
N HIS A 184 -20.90 -12.96 -28.37
CA HIS A 184 -21.55 -11.84 -27.62
C HIS A 184 -20.47 -11.06 -26.87
N PRO A 185 -19.65 -10.30 -27.61
CA PRO A 185 -18.43 -9.70 -27.07
C PRO A 185 -18.66 -8.49 -26.16
N HIS A 186 -19.80 -7.83 -26.28
CA HIS A 186 -20.08 -6.48 -25.77
C HIS A 186 -20.28 -6.46 -24.25
N GLN A 187 -20.28 -7.58 -23.55
CA GLN A 187 -20.47 -7.58 -22.08
C GLN A 187 -19.88 -8.83 -21.44
N PRO A 188 -19.61 -8.75 -20.13
CA PRO A 188 -19.07 -9.90 -19.40
C PRO A 188 -20.14 -10.98 -19.26
N ILE A 189 -19.67 -12.20 -18.92
CA ILE A 189 -20.48 -13.42 -18.71
C ILE A 189 -20.67 -13.71 -17.21
N ILE A 190 -21.92 -14.03 -16.84
CA ILE A 190 -22.24 -14.68 -15.54
C ILE A 190 -22.68 -16.11 -15.84
N VAL A 191 -21.97 -17.06 -15.24
CA VAL A 191 -22.35 -18.50 -15.34
C VAL A 191 -23.29 -18.74 -14.17
N SER A 192 -24.59 -18.55 -14.42
CA SER A 192 -25.64 -18.44 -13.37
C SER A 192 -25.98 -19.82 -12.80
N GLU A 193 -25.59 -20.87 -13.55
CA GLU A 193 -25.62 -22.31 -13.14
C GLU A 193 -24.63 -23.16 -13.96
N TRP A 194 -23.86 -23.99 -13.27
CA TRP A 194 -22.99 -25.01 -13.93
C TRP A 194 -22.68 -26.12 -12.93
N ALA A 195 -22.34 -27.31 -13.44
CA ALA A 195 -21.73 -28.36 -12.62
C ALA A 195 -21.22 -29.48 -13.53
N SER A 196 -20.39 -30.35 -12.94
CA SER A 196 -20.10 -31.71 -13.47
C SER A 196 -21.34 -32.59 -13.28
N THR A 197 -21.78 -33.23 -14.35
CA THR A 197 -22.77 -34.35 -14.30
C THR A 197 -22.08 -35.71 -14.21
N SER A 198 -20.75 -35.76 -14.18
CA SER A 198 -20.00 -37.04 -14.08
C SER A 198 -20.40 -37.77 -12.80
N ARG A 199 -20.44 -39.11 -12.83
CA ARG A 199 -20.79 -39.89 -11.61
C ARG A 199 -19.51 -40.36 -10.95
N SER A 200 -18.37 -40.04 -11.55
CA SER A 200 -17.05 -40.32 -10.95
C SER A 200 -16.64 -39.10 -10.08
N TYR A 201 -16.69 -39.24 -8.75
CA TYR A 201 -16.27 -38.12 -7.86
C TYR A 201 -14.93 -37.55 -8.32
N PRO A 202 -13.87 -38.37 -8.62
CA PRO A 202 -12.62 -37.82 -9.16
C PRO A 202 -12.78 -36.92 -10.38
N ASP A 203 -13.72 -37.23 -11.29
CA ASP A 203 -13.94 -36.39 -12.51
C ASP A 203 -14.70 -35.08 -12.15
N VAL A 204 -15.55 -35.17 -11.13
CA VAL A 204 -16.43 -34.05 -10.72
C VAL A 204 -15.52 -32.98 -10.12
N LEU A 205 -14.76 -33.39 -9.09
CA LEU A 205 -13.69 -32.61 -8.43
C LEU A 205 -12.76 -32.05 -9.50
N GLY A 206 -12.23 -32.91 -10.37
CA GLY A 206 -11.28 -32.50 -11.42
C GLY A 206 -11.83 -31.39 -12.27
N LEU A 207 -13.03 -31.51 -12.81
CA LEU A 207 -13.63 -30.48 -13.72
C LEU A 207 -13.89 -29.16 -12.96
N THR A 208 -14.46 -29.26 -11.75
CA THR A 208 -14.86 -28.13 -10.83
C THR A 208 -13.62 -27.28 -10.55
N VAL A 209 -12.51 -27.94 -10.13
CA VAL A 209 -11.17 -27.33 -9.89
C VAL A 209 -10.68 -26.62 -11.16
N GLN A 210 -10.62 -27.37 -12.26
CA GLN A 210 -10.21 -26.81 -13.56
C GLN A 210 -11.02 -25.55 -13.82
N LEU A 211 -12.35 -25.58 -13.76
CA LEU A 211 -13.19 -24.47 -14.28
C LEU A 211 -13.22 -23.30 -13.29
N ALA A 212 -13.24 -23.57 -11.99
CA ALA A 212 -13.15 -22.54 -10.95
C ALA A 212 -11.84 -21.79 -11.18
N ASN A 213 -10.72 -22.51 -11.25
CA ASN A 213 -9.40 -21.84 -11.39
C ASN A 213 -9.34 -21.08 -12.71
N TRP A 214 -9.85 -21.68 -13.80
CA TRP A 214 -9.87 -21.01 -15.14
C TRP A 214 -10.66 -19.71 -15.08
N MET A 215 -11.91 -19.79 -14.57
CA MET A 215 -12.87 -18.65 -14.60
C MET A 215 -12.35 -17.54 -13.68
N ASP A 216 -11.73 -17.91 -12.56
CA ASP A 216 -10.99 -17.00 -11.67
C ASP A 216 -9.97 -16.16 -12.47
N SER A 217 -9.21 -16.71 -13.43
CA SER A 217 -8.25 -15.89 -14.20
C SER A 217 -8.83 -15.38 -15.53
N THR A 218 -10.11 -15.55 -15.83
CA THR A 218 -10.69 -14.95 -17.04
C THR A 218 -11.39 -13.64 -16.64
N PRO A 219 -10.80 -12.46 -16.97
CA PRO A 219 -11.36 -11.19 -16.55
C PRO A 219 -12.79 -11.03 -17.07
N TRP A 220 -13.18 -11.60 -18.23
CA TRP A 220 -14.54 -11.39 -18.80
C TRP A 220 -15.57 -12.34 -18.17
N VAL A 221 -15.16 -13.16 -17.21
CA VAL A 221 -16.13 -13.93 -16.37
C VAL A 221 -16.28 -13.17 -15.07
N ALA A 222 -17.45 -12.59 -14.92
CA ALA A 222 -17.82 -11.73 -13.77
C ALA A 222 -18.05 -12.62 -12.55
N GLU A 223 -18.85 -13.67 -12.69
CA GLU A 223 -19.09 -14.61 -11.56
C GLU A 223 -19.68 -15.91 -12.12
N TYR A 224 -19.61 -16.92 -11.27
CA TYR A 224 -19.97 -18.32 -11.65
C TYR A 224 -20.56 -19.02 -10.42
N ALA A 225 -21.57 -19.85 -10.67
CA ALA A 225 -22.52 -20.33 -9.67
C ALA A 225 -22.65 -21.87 -9.78
N LEU A 226 -21.92 -22.59 -8.93
CA LEU A 226 -21.90 -24.05 -8.91
C LEU A 226 -23.19 -24.59 -8.30
N PHE A 227 -23.85 -25.46 -9.06
CA PHE A 227 -25.14 -26.09 -8.69
C PHE A 227 -24.90 -27.31 -7.78
N GLY A 228 -25.71 -27.44 -6.73
CA GLY A 228 -25.95 -28.72 -6.05
C GLY A 228 -26.02 -28.59 -4.55
N CYS A 229 -26.10 -27.37 -3.98
CA CYS A 229 -26.19 -27.09 -2.52
C CYS A 229 -27.66 -27.21 -2.07
N MET A 230 -28.13 -28.45 -1.88
CA MET A 230 -29.53 -28.77 -1.54
C MET A 230 -29.57 -30.24 -1.09
N ARG A 231 -30.51 -30.63 -0.22
CA ARG A 231 -30.47 -31.95 0.45
C ARG A 231 -30.85 -33.08 -0.55
N GLN A 232 -31.79 -32.86 -1.46
CA GLN A 232 -32.25 -33.91 -2.42
C GLN A 232 -31.65 -33.58 -3.79
N MET A 233 -31.46 -34.56 -4.66
CA MET A 233 -31.15 -34.43 -6.10
C MET A 233 -32.25 -33.61 -6.74
N ALA A 234 -31.90 -32.63 -7.55
CA ALA A 234 -32.83 -31.68 -8.20
C ALA A 234 -33.63 -32.46 -9.24
N ASP A 235 -33.01 -33.44 -9.87
CA ASP A 235 -33.57 -34.20 -11.02
C ASP A 235 -32.65 -35.42 -11.24
N ASP A 236 -32.86 -36.15 -12.35
CA ASP A 236 -32.02 -37.31 -12.70
C ASP A 236 -30.81 -36.85 -13.50
N PHE A 237 -30.77 -35.61 -14.02
CA PHE A 237 -29.68 -35.15 -14.93
C PHE A 237 -28.45 -34.84 -14.07
N VAL A 238 -28.59 -34.27 -12.87
CA VAL A 238 -27.42 -33.84 -12.04
C VAL A 238 -26.86 -35.09 -11.35
N SER A 239 -25.54 -35.07 -11.08
CA SER A 239 -24.77 -36.15 -10.42
C SER A 239 -24.93 -36.11 -8.92
N PRO A 240 -25.30 -37.25 -8.28
CA PRO A 240 -25.19 -37.35 -6.82
C PRO A 240 -23.78 -37.00 -6.34
N GLU A 241 -22.75 -37.20 -7.17
CA GLU A 241 -21.34 -37.01 -6.75
C GLU A 241 -21.00 -35.51 -6.68
N ALA A 242 -21.85 -34.65 -7.29
CA ALA A 242 -21.67 -33.19 -7.49
C ALA A 242 -22.38 -32.45 -6.35
N GLN A 243 -23.13 -33.16 -5.50
CA GLN A 243 -23.93 -32.56 -4.40
C GLN A 243 -22.97 -31.76 -3.52
N LEU A 244 -23.40 -30.56 -3.13
CA LEU A 244 -22.63 -29.65 -2.26
C LEU A 244 -23.17 -29.70 -0.82
N MET A 245 -24.33 -30.34 -0.62
CA MET A 245 -24.95 -30.57 0.70
C MET A 245 -25.32 -32.05 0.81
N ASN A 246 -25.16 -32.63 2.00
CA ASN A 246 -25.61 -34.01 2.37
C ASN A 246 -27.09 -33.94 2.74
N LYS A 247 -27.71 -35.12 2.89
CA LYS A 247 -29.17 -35.29 3.12
C LYS A 247 -29.49 -34.68 4.49
N ASP A 248 -28.55 -34.62 5.44
CA ASP A 248 -28.78 -33.92 6.75
C ASP A 248 -28.51 -32.39 6.67
N GLY A 249 -28.11 -31.88 5.49
CA GLY A 249 -27.95 -30.43 5.27
C GLY A 249 -26.57 -29.93 5.68
N SER A 250 -25.66 -30.81 6.11
CA SER A 250 -24.21 -30.54 6.23
C SER A 250 -23.60 -30.44 4.82
N PHE A 251 -22.42 -29.80 4.76
CA PHE A 251 -21.71 -29.45 3.50
C PHE A 251 -20.82 -30.63 3.13
N THR A 252 -20.66 -30.85 1.84
CA THR A 252 -19.78 -31.93 1.33
C THR A 252 -18.39 -31.35 1.17
N ASP A 253 -17.41 -32.20 0.90
CA ASP A 253 -16.02 -31.73 0.72
C ASP A 253 -15.99 -30.84 -0.53
N LEU A 254 -16.71 -31.20 -1.59
CA LEU A 254 -16.68 -30.37 -2.80
C LEU A 254 -17.13 -28.95 -2.41
N MET A 255 -18.10 -28.83 -1.50
CA MET A 255 -18.67 -27.52 -1.12
C MET A 255 -17.62 -26.78 -0.30
N TRP A 256 -17.02 -27.49 0.69
CA TRP A 256 -15.91 -26.92 1.49
C TRP A 256 -14.94 -26.24 0.56
N LYS A 257 -14.52 -26.92 -0.50
CA LYS A 257 -13.42 -26.47 -1.37
C LYS A 257 -13.87 -25.26 -2.18
N TYR A 258 -15.06 -25.33 -2.73
CA TYR A 258 -15.64 -24.23 -3.55
C TYR A 258 -15.66 -22.89 -2.78
N MET A 259 -15.92 -22.98 -1.46
CA MET A 259 -16.23 -21.83 -0.62
C MET A 259 -15.00 -21.51 0.24
N SER A 260 -13.94 -22.36 0.22
CA SER A 260 -12.71 -22.11 1.04
C SER A 260 -11.43 -21.88 0.21
N ASP A 261 -11.29 -22.44 -1.00
CA ASP A 261 -9.95 -22.66 -1.61
C ASP A 261 -9.81 -21.82 -2.88
N GLN A 262 -8.85 -20.88 -2.91
CA GLN A 262 -8.50 -20.08 -4.12
C GLN A 262 -6.98 -19.91 -4.21
N PRO A 263 -6.26 -20.59 -5.13
CA PRO A 263 -6.87 -21.57 -6.06
C PRO A 263 -7.49 -22.79 -5.38
N MET A 264 -8.40 -23.41 -6.12
CA MET A 264 -8.99 -24.66 -5.62
C MET A 264 -8.17 -25.81 -6.23
N HIS A 265 -8.09 -26.91 -5.50
CA HIS A 265 -7.26 -28.10 -5.87
C HIS A 265 -8.02 -29.37 -5.51
N ILE A 266 -7.53 -30.50 -6.01
CA ILE A 266 -8.09 -31.85 -5.77
C ILE A 266 -7.65 -32.24 -4.35
N GLY B 18 36.94 13.82 1.69
CA GLY B 18 37.62 14.72 0.74
C GLY B 18 38.60 13.97 -0.13
N SER B 19 38.14 12.97 -0.90
CA SER B 19 38.94 12.26 -1.95
C SER B 19 38.65 12.89 -3.33
N HIS B 20 37.73 13.85 -3.39
CA HIS B 20 37.19 14.41 -4.67
C HIS B 20 37.25 15.96 -4.60
N MET B 21 37.48 16.62 -5.72
CA MET B 21 37.19 18.06 -5.89
C MET B 21 35.67 18.21 -5.73
N VAL B 22 35.20 19.15 -4.89
CA VAL B 22 33.77 19.53 -4.78
C VAL B 22 33.48 20.40 -6.00
N LYS B 23 32.48 20.06 -6.79
CA LYS B 23 32.07 20.73 -8.02
C LYS B 23 30.58 21.05 -7.88
N LYS B 24 30.29 22.24 -7.37
CA LYS B 24 28.91 22.73 -7.33
C LYS B 24 28.84 24.21 -7.71
N ARG B 25 29.76 24.74 -8.54
CA ARG B 25 29.77 26.15 -9.00
C ARG B 25 29.06 26.21 -10.36
N VAL B 26 28.19 27.19 -10.54
CA VAL B 26 27.44 27.41 -11.80
C VAL B 26 28.18 28.52 -12.53
N LEU B 27 28.31 28.42 -13.85
CA LEU B 27 28.74 29.53 -14.70
C LEU B 27 27.47 30.33 -15.07
N LEU B 28 27.37 31.58 -14.61
CA LEU B 28 26.31 32.48 -15.10
C LEU B 28 26.79 33.14 -16.35
N TRP B 29 26.08 32.99 -17.45
CA TRP B 29 26.53 33.46 -18.78
C TRP B 29 25.50 34.41 -19.38
N ASP B 30 25.57 35.67 -18.96
CA ASP B 30 24.69 36.74 -19.45
C ASP B 30 24.66 36.68 -20.96
N TYR B 31 23.54 37.04 -21.56
CA TYR B 31 23.37 36.95 -23.02
C TYR B 31 24.26 37.94 -23.73
N THR B 32 24.74 38.98 -23.01
CA THR B 32 25.62 39.99 -23.67
C THR B 32 26.95 39.30 -24.03
N ASN B 33 27.37 38.27 -23.31
CA ASN B 33 28.50 37.37 -23.72
C ASN B 33 28.21 36.72 -25.07
N THR B 34 26.99 36.19 -25.22
CA THR B 34 26.58 35.47 -26.43
C THR B 34 26.54 36.47 -27.58
N ARG B 35 26.03 37.66 -27.31
CA ARG B 35 25.83 38.73 -28.30
C ARG B 35 27.19 39.26 -28.80
N ASP B 36 28.19 39.35 -27.93
CA ASP B 36 29.39 40.21 -28.17
C ASP B 36 30.70 39.40 -28.11
N VAL B 37 30.89 38.55 -27.09
CA VAL B 37 32.18 37.88 -26.82
C VAL B 37 31.96 36.36 -26.65
N LYS B 38 31.30 35.72 -27.62
CA LYS B 38 31.06 34.24 -27.65
C LYS B 38 32.34 33.48 -27.30
N TRP B 39 33.42 33.93 -27.94
CA TRP B 39 34.75 33.27 -27.92
C TRP B 39 35.22 33.14 -26.46
N ALA B 40 34.72 33.97 -25.53
CA ALA B 40 35.16 33.89 -24.12
C ALA B 40 34.83 32.52 -23.52
N MET B 41 33.73 31.88 -23.92
CA MET B 41 33.33 30.59 -23.32
C MET B 41 34.45 29.53 -23.52
N ASP B 42 35.15 29.56 -24.65
CA ASP B 42 36.27 28.62 -24.96
C ASP B 42 37.42 28.82 -23.96
N LYS B 43 37.51 29.98 -23.28
CA LYS B 43 38.57 30.26 -22.27
C LYS B 43 38.19 29.79 -20.86
N ILE B 44 36.95 29.36 -20.64
CA ILE B 44 36.51 28.83 -19.33
C ILE B 44 37.34 27.62 -18.94
N ASN B 45 37.66 27.53 -17.67
CA ASN B 45 38.14 26.27 -17.08
C ASN B 45 36.96 25.29 -16.87
N PHE B 46 36.90 24.27 -17.72
CA PHE B 46 35.86 23.22 -17.61
C PHE B 46 36.42 22.10 -16.73
N LYS B 47 37.62 22.21 -16.17
CA LYS B 47 38.17 21.03 -15.44
C LYS B 47 38.19 21.28 -13.94
N GLY B 48 37.77 22.47 -13.52
CA GLY B 48 37.78 22.82 -12.09
C GLY B 48 36.38 22.65 -11.48
N PRO B 49 36.00 23.48 -10.49
CA PRO B 49 34.77 23.26 -9.73
C PRO B 49 33.49 23.68 -10.45
N LEU B 50 33.53 24.21 -11.66
CA LEU B 50 32.27 24.53 -12.40
C LEU B 50 31.51 23.24 -12.75
N HIS B 51 30.19 23.12 -12.54
CA HIS B 51 29.49 21.88 -12.99
C HIS B 51 28.21 22.18 -13.74
N SER B 52 27.85 23.45 -13.91
CA SER B 52 26.65 23.80 -14.66
C SER B 52 26.69 25.24 -15.13
N CYS B 53 25.69 25.57 -15.94
CA CYS B 53 25.66 26.88 -16.61
C CYS B 53 24.19 27.33 -16.67
N SER B 54 23.91 28.62 -16.47
CA SER B 54 22.56 29.20 -16.74
C SER B 54 22.72 30.55 -17.40
N ASN B 55 21.70 31.07 -18.08
CA ASN B 55 21.86 32.38 -18.76
C ASN B 55 20.57 33.22 -18.65
N TRP B 56 19.72 32.98 -17.63
CA TRP B 56 18.45 33.71 -17.45
C TRP B 56 17.53 33.54 -18.67
N ASN B 57 17.73 32.56 -19.55
CA ASN B 57 16.92 32.43 -20.80
C ASN B 57 16.46 30.97 -20.96
N THR B 58 15.47 30.80 -21.81
CA THR B 58 14.92 29.51 -22.26
C THR B 58 15.91 28.88 -23.24
N TRP B 59 16.56 29.69 -24.08
CA TRP B 59 17.46 29.22 -25.17
C TRP B 59 18.87 28.91 -24.64
N TYR B 60 19.48 27.95 -25.30
CA TYR B 60 20.80 27.32 -25.08
C TYR B 60 21.94 28.21 -25.61
N PRO B 61 22.97 28.51 -24.82
CA PRO B 61 24.10 29.26 -25.37
C PRO B 61 24.98 28.25 -26.13
N ASP B 62 24.94 28.32 -27.46
CA ASP B 62 25.55 27.34 -28.39
C ASP B 62 27.05 27.23 -28.10
N GLU B 63 27.67 28.34 -27.75
CA GLU B 63 29.13 28.44 -27.50
C GLU B 63 29.50 27.55 -26.31
N LEU B 64 28.55 27.21 -25.43
CA LEU B 64 28.83 26.25 -24.34
C LEU B 64 29.24 24.87 -24.93
N LYS B 65 28.74 24.51 -26.12
CA LYS B 65 28.94 23.15 -26.76
C LYS B 65 28.78 22.01 -25.75
N HIS B 66 27.80 22.09 -24.86
CA HIS B 66 27.43 20.99 -23.93
C HIS B 66 28.59 20.65 -23.00
N ARG B 67 29.47 21.61 -22.69
CA ARG B 67 30.65 21.25 -21.87
C ARG B 67 30.27 21.26 -20.39
N LEU B 68 29.10 21.80 -20.04
CA LEU B 68 28.55 21.69 -18.67
C LEU B 68 27.07 21.50 -18.84
N PRO B 69 26.36 20.87 -17.92
CA PRO B 69 24.90 20.98 -17.93
C PRO B 69 24.38 22.44 -17.89
N PHE B 70 23.29 22.71 -18.62
CA PHE B 70 22.61 24.03 -18.77
C PHE B 70 21.26 23.95 -18.04
N ARG B 71 20.95 24.94 -17.20
CA ARG B 71 19.62 25.08 -16.60
C ARG B 71 18.89 26.15 -17.38
N PRO B 72 17.92 25.78 -18.23
CA PRO B 72 17.09 26.80 -18.88
C PRO B 72 16.28 27.49 -17.78
N MET B 73 15.71 28.63 -18.11
CA MET B 73 14.99 29.42 -17.10
C MET B 73 13.71 30.02 -17.72
N ILE B 74 12.58 29.93 -17.00
CA ILE B 74 11.32 30.63 -17.35
C ILE B 74 11.36 31.95 -16.58
N HIS B 75 11.97 32.95 -17.20
CA HIS B 75 12.44 34.19 -16.55
C HIS B 75 11.22 34.98 -16.06
N GLY B 76 10.26 35.15 -16.95
CA GLY B 76 9.13 36.07 -16.76
C GLY B 76 7.93 35.66 -17.56
N LYS B 77 6.93 36.54 -17.64
CA LYS B 77 5.66 36.21 -18.36
C LYS B 77 5.91 36.16 -19.87
N ASN B 78 6.98 36.75 -20.38
CA ASN B 78 7.28 36.72 -21.83
C ASN B 78 7.92 35.38 -22.20
N ASN B 79 8.08 34.42 -21.28
CA ASN B 79 8.74 33.09 -21.52
C ASN B 79 7.76 31.90 -21.42
N LEU B 80 6.46 32.16 -21.57
CA LEU B 80 5.36 31.19 -21.30
C LEU B 80 4.72 30.69 -22.59
N THR B 81 5.03 31.33 -23.75
CA THR B 81 4.44 31.03 -25.10
C THR B 81 5.45 31.15 -26.27
N GLY B 82 5.02 30.69 -27.45
CA GLY B 82 5.77 30.82 -28.71
C GLY B 82 7.10 30.08 -28.66
N GLY B 83 8.13 30.67 -29.28
CA GLY B 83 9.47 30.07 -29.28
C GLY B 83 9.90 29.77 -27.87
N GLU B 84 9.71 30.76 -26.97
CA GLU B 84 10.23 30.72 -25.58
C GLU B 84 9.74 29.42 -24.92
N TRP B 85 8.46 29.07 -25.06
CA TRP B 85 7.96 27.83 -24.40
C TRP B 85 8.42 26.60 -25.17
N GLN B 86 8.48 26.65 -26.51
CA GLN B 86 8.95 25.47 -27.29
C GLN B 86 10.37 25.11 -26.80
N ASN B 87 11.23 26.12 -26.55
CA ASN B 87 12.60 25.95 -25.98
C ASN B 87 12.55 25.09 -24.72
N ILE B 88 11.60 25.36 -23.81
CA ILE B 88 11.48 24.65 -22.50
C ILE B 88 11.01 23.20 -22.73
N LEU B 89 9.96 23.03 -23.54
CA LEU B 89 9.34 21.70 -23.87
C LEU B 89 10.41 20.78 -24.45
N LYS B 90 11.34 21.30 -25.24
CA LYS B 90 12.20 20.44 -26.11
C LYS B 90 13.61 20.26 -25.54
N THR B 91 13.93 20.80 -24.38
CA THR B 91 15.34 20.71 -23.86
C THR B 91 15.59 19.28 -23.37
N ASN B 92 16.80 18.78 -23.56
CA ASN B 92 17.34 17.53 -22.97
C ASN B 92 17.93 17.72 -21.58
N GLU B 93 18.03 18.96 -21.10
CA GLU B 93 18.65 19.21 -19.78
C GLU B 93 17.66 18.76 -18.71
N GLU B 94 18.14 18.61 -17.49
CA GLU B 94 17.42 18.04 -16.33
C GLU B 94 16.72 19.06 -15.46
N VAL B 95 17.32 20.23 -15.24
CA VAL B 95 16.87 21.20 -14.19
C VAL B 95 16.43 22.49 -14.84
N ILE B 96 15.23 22.96 -14.51
CA ILE B 96 14.65 24.20 -15.06
C ILE B 96 14.28 25.18 -13.93
N HIS B 97 14.68 26.45 -14.08
CA HIS B 97 14.35 27.57 -13.17
C HIS B 97 13.00 28.15 -13.60
N PHE B 98 12.20 28.47 -12.60
CA PHE B 98 11.02 29.35 -12.74
C PHE B 98 11.48 30.83 -12.63
N PHE B 99 10.55 31.72 -12.32
CA PHE B 99 10.67 33.19 -12.51
C PHE B 99 11.88 33.76 -11.74
N ASN B 100 12.56 34.69 -12.42
CA ASN B 100 13.64 35.55 -11.88
C ASN B 100 13.02 36.76 -11.14
N GLU B 101 13.15 36.80 -9.82
CA GLU B 101 12.74 37.99 -8.98
C GLU B 101 11.36 38.49 -9.45
N PRO B 102 10.33 37.61 -9.49
CA PRO B 102 9.01 38.01 -9.96
C PRO B 102 8.34 39.08 -9.09
N GLU B 103 8.76 39.22 -7.83
CA GLU B 103 8.22 40.26 -6.93
C GLU B 103 8.55 41.65 -7.50
N ARG B 104 9.57 41.77 -8.39
CA ARG B 104 9.99 43.08 -8.98
C ARG B 104 9.46 43.23 -10.38
N ALA B 105 8.86 42.21 -10.94
CA ALA B 105 8.35 42.21 -12.31
C ALA B 105 6.85 42.34 -12.28
N GLY B 106 6.28 42.55 -11.09
CA GLY B 106 4.86 42.76 -10.85
C GLY B 106 4.06 41.49 -11.06
N ILE B 107 4.58 40.32 -10.67
CA ILE B 107 3.94 38.97 -10.79
C ILE B 107 3.61 38.52 -9.38
N SER B 108 2.34 38.29 -9.04
CA SER B 108 1.94 37.95 -7.65
C SER B 108 2.24 36.47 -7.39
N PRO B 109 2.40 36.08 -6.12
CA PRO B 109 2.55 34.65 -5.77
C PRO B 109 1.38 33.83 -6.35
N GLU B 110 0.20 34.45 -6.36
CA GLU B 110 -1.06 33.84 -6.84
C GLU B 110 -0.95 33.55 -8.33
N GLU B 111 -0.62 34.52 -9.17
CA GLU B 111 -0.60 34.17 -10.60
C GLU B 111 0.61 33.27 -10.88
N ALA B 112 1.67 33.33 -10.09
CA ALA B 112 2.83 32.41 -10.30
C ALA B 112 2.43 31.00 -9.85
N ALA B 113 1.65 30.82 -8.80
CA ALA B 113 1.20 29.48 -8.33
C ALA B 113 0.27 28.86 -9.37
N LYS B 114 -0.58 29.68 -9.98
CA LYS B 114 -1.51 29.24 -11.04
C LYS B 114 -0.69 28.74 -12.23
N ILE B 115 0.22 29.55 -12.75
CA ILE B 115 1.05 29.25 -13.95
C ILE B 115 1.89 28.01 -13.65
N TRP B 116 2.34 27.82 -12.42
CA TRP B 116 3.06 26.59 -12.04
C TRP B 116 2.14 25.37 -12.17
N ASN B 117 0.91 25.46 -11.61
CA ASN B 117 -0.06 24.35 -11.70
C ASN B 117 -0.43 24.12 -13.16
N ASP B 118 -0.73 25.17 -13.95
CA ASP B 118 -1.28 25.04 -15.33
C ASP B 118 -0.25 24.62 -16.39
N GLN B 119 1.03 25.03 -16.30
CA GLN B 119 1.99 24.72 -17.40
C GLN B 119 3.36 24.29 -16.89
N VAL B 120 3.77 24.61 -15.67
CA VAL B 120 5.15 24.25 -15.23
C VAL B 120 5.23 22.82 -14.69
N LEU B 121 4.35 22.37 -13.78
CA LEU B 121 4.40 21.02 -13.14
C LEU B 121 4.52 19.87 -14.18
N ALA B 122 3.88 20.00 -15.35
CA ALA B 122 3.90 18.95 -16.38
C ALA B 122 5.35 18.70 -16.82
N LEU B 123 6.26 19.68 -16.68
CA LEU B 123 7.70 19.50 -17.04
C LEU B 123 8.27 18.45 -16.08
N ARG B 124 7.75 18.38 -14.86
CA ARG B 124 8.15 17.28 -13.95
C ARG B 124 7.28 16.04 -14.21
N THR B 125 5.94 16.11 -14.12
CA THR B 125 5.14 14.84 -14.05
C THR B 125 5.17 14.09 -15.38
N SER B 126 5.20 14.82 -16.50
CA SER B 126 5.32 14.31 -17.87
C SER B 126 6.81 14.26 -18.33
N HIS B 127 7.64 15.28 -18.15
CA HIS B 127 9.01 15.31 -18.77
C HIS B 127 10.13 14.98 -17.76
N HIS B 128 9.81 14.71 -16.50
CA HIS B 128 10.75 14.28 -15.46
C HIS B 128 11.91 15.27 -15.31
N LYS B 129 11.66 16.57 -15.56
CA LYS B 129 12.59 17.65 -15.19
C LYS B 129 12.43 17.93 -13.69
N ARG B 130 13.52 18.35 -13.08
CA ARG B 130 13.51 18.91 -11.71
C ARG B 130 13.27 20.42 -11.81
N LEU B 131 12.48 20.95 -10.89
CA LEU B 131 12.06 22.37 -11.03
C LEU B 131 12.61 23.18 -9.87
N VAL B 132 13.20 24.32 -10.18
CA VAL B 132 13.64 25.32 -9.16
C VAL B 132 12.49 26.29 -8.99
N SER B 133 12.20 26.66 -7.75
CA SER B 133 11.30 27.78 -7.40
C SER B 133 11.77 29.04 -8.08
N PRO B 134 10.89 30.05 -8.21
CA PRO B 134 11.33 31.41 -8.57
C PRO B 134 12.45 31.80 -7.61
N SER B 135 13.49 32.45 -8.12
CA SER B 135 14.58 33.02 -7.27
C SER B 135 14.23 34.49 -6.97
N CYS B 136 13.94 34.78 -5.72
CA CYS B 136 13.55 36.14 -5.25
C CYS B 136 14.77 36.82 -4.63
N ALA B 137 14.77 38.16 -4.59
CA ALA B 137 15.84 38.92 -3.91
C ALA B 137 15.80 38.56 -2.43
N SER B 138 16.91 38.75 -1.75
CA SER B 138 17.11 38.54 -0.30
C SER B 138 16.58 39.75 0.55
N ASP B 139 15.87 40.72 -0.02
CA ASP B 139 15.23 41.84 0.74
C ASP B 139 13.87 41.38 1.24
N PRO B 140 13.23 42.12 2.17
CA PRO B 140 11.95 41.70 2.76
C PRO B 140 10.93 41.31 1.69
N ALA B 141 10.84 42.12 0.65
CA ALA B 141 9.86 41.96 -0.44
C ALA B 141 10.00 40.55 -1.06
N GLY B 142 11.24 40.13 -1.28
CA GLY B 142 11.55 38.80 -1.85
C GLY B 142 11.25 37.71 -0.84
N ILE B 143 11.69 37.84 0.39
CA ILE B 143 11.43 36.78 1.42
C ILE B 143 9.93 36.56 1.52
N ALA B 144 9.12 37.64 1.48
CA ALA B 144 7.66 37.57 1.66
C ALA B 144 7.07 36.83 0.46
N TRP B 145 7.60 37.09 -0.75
CA TRP B 145 6.98 36.64 -2.02
C TRP B 145 7.14 35.11 -2.06
N ILE B 146 8.35 34.64 -1.78
CA ILE B 146 8.69 33.20 -1.84
C ILE B 146 8.02 32.53 -0.65
N LYS B 147 7.85 33.23 0.49
CA LYS B 147 7.14 32.50 1.59
C LYS B 147 5.72 32.19 1.13
N LYS B 148 5.04 33.18 0.53
CA LYS B 148 3.61 33.02 0.09
C LYS B 148 3.56 31.93 -1.00
N TRP B 149 4.48 32.00 -1.98
CA TRP B 149 4.44 31.13 -3.16
C TRP B 149 4.67 29.67 -2.73
N MET B 150 5.62 29.41 -1.84
CA MET B 150 5.92 28.06 -1.32
C MET B 150 4.69 27.55 -0.58
N ASN B 151 3.92 28.42 0.06
CA ASN B 151 2.67 28.01 0.76
C ASN B 151 1.65 27.63 -0.32
N LEU B 152 1.45 28.42 -1.37
CA LEU B 152 0.36 28.11 -2.33
C LEU B 152 0.67 26.78 -3.03
N VAL B 153 1.94 26.38 -3.23
CA VAL B 153 2.29 25.18 -4.04
C VAL B 153 2.81 24.06 -3.15
N ALA B 154 2.66 24.15 -1.83
CA ALA B 154 3.15 23.15 -0.86
C ALA B 154 2.76 21.73 -1.29
N LYS B 155 1.58 21.56 -1.89
CA LYS B 155 1.09 20.21 -2.33
C LYS B 155 1.88 19.69 -3.53
N ASN B 156 2.46 20.58 -4.35
CA ASN B 156 3.26 20.25 -5.56
C ASN B 156 4.54 21.10 -5.57
N PRO B 157 5.42 20.85 -4.57
CA PRO B 157 6.46 21.81 -4.20
C PRO B 157 7.58 21.71 -5.23
N PRO B 158 8.42 22.73 -5.37
CA PRO B 158 9.58 22.65 -6.27
C PRO B 158 10.60 21.64 -5.77
N ASP B 159 11.51 21.24 -6.63
CA ASP B 159 12.61 20.32 -6.23
C ASP B 159 13.68 21.11 -5.50
N TYR B 160 13.87 22.35 -5.90
CA TYR B 160 14.89 23.20 -5.25
C TYR B 160 14.28 24.56 -4.92
N LEU B 161 14.74 25.13 -3.81
CA LEU B 161 14.49 26.54 -3.43
C LEU B 161 15.55 27.44 -4.10
N GLY B 162 15.16 28.28 -5.05
CA GLY B 162 16.07 29.22 -5.68
C GLY B 162 16.23 30.46 -4.79
N LEU B 163 17.45 30.93 -4.53
CA LEU B 163 17.70 32.17 -3.75
C LEU B 163 18.69 33.08 -4.46
N HIS B 164 18.54 34.38 -4.24
CA HIS B 164 19.56 35.38 -4.61
C HIS B 164 20.07 35.97 -3.31
N TRP B 165 21.32 36.44 -3.32
CA TRP B 165 21.87 37.25 -2.20
C TRP B 165 23.00 38.15 -2.70
N TYR B 166 22.88 39.43 -2.33
CA TYR B 166 23.92 40.46 -2.51
C TYR B 166 24.07 41.19 -1.18
N GLY B 167 25.31 41.49 -0.82
CA GLY B 167 25.65 42.06 0.50
C GLY B 167 27.14 42.12 0.68
N THR B 168 27.58 42.68 1.82
CA THR B 168 29.02 42.94 2.08
C THR B 168 29.49 41.98 3.15
N LYS B 169 28.62 41.37 3.95
CA LYS B 169 29.11 40.54 5.08
C LYS B 169 28.82 39.06 4.78
N GLY B 170 29.87 38.25 4.77
CA GLY B 170 29.72 36.81 4.51
C GLY B 170 28.92 36.13 5.61
N ASP B 171 29.14 36.56 6.84
CA ASP B 171 28.42 36.03 8.02
C ASP B 171 26.91 36.22 7.84
N GLU B 172 26.52 37.30 7.17
CA GLU B 172 25.11 37.60 6.87
C GLU B 172 24.58 36.62 5.79
N MET B 173 25.33 36.41 4.71
CA MET B 173 24.84 35.46 3.67
C MET B 173 24.62 34.06 4.26
N ILE B 174 25.54 33.57 5.08
CA ILE B 174 25.41 32.28 5.80
C ILE B 174 24.14 32.27 6.68
N ARG B 175 23.91 33.30 7.52
CA ARG B 175 22.72 33.39 8.41
C ARG B 175 21.45 33.33 7.53
N TYR B 176 21.47 34.01 6.38
CA TYR B 176 20.33 34.02 5.45
C TYR B 176 20.13 32.63 4.86
N LEU B 177 21.21 32.00 4.39
CA LEU B 177 21.08 30.62 3.82
C LEU B 177 20.53 29.71 4.92
N GLU B 178 21.05 29.75 6.16
CA GLU B 178 20.52 28.92 7.27
C GLU B 178 19.09 29.31 7.65
N SER B 179 18.71 30.59 7.62
CA SER B 179 17.31 31.00 7.87
C SER B 179 16.38 30.38 6.84
N MET B 180 16.70 30.50 5.56
CA MET B 180 15.82 29.98 4.47
C MET B 180 15.79 28.44 4.51
N HIS B 181 16.86 27.79 4.92
CA HIS B 181 16.93 26.30 5.01
C HIS B 181 16.00 25.82 6.15
N LYS B 182 15.96 26.51 7.29
CA LYS B 182 15.00 26.20 8.39
C LYS B 182 13.56 26.54 7.94
N GLU B 183 13.32 27.65 7.23
CA GLU B 183 11.94 28.09 6.81
C GLU B 183 11.39 27.14 5.75
N HIS B 184 12.23 26.67 4.83
CA HIS B 184 11.79 25.84 3.69
C HIS B 184 12.66 24.60 3.72
N PRO B 185 12.40 23.72 4.72
CA PRO B 185 13.32 22.62 5.02
C PRO B 185 13.27 21.44 4.04
N HIS B 186 12.27 21.36 3.16
CA HIS B 186 11.93 20.10 2.41
C HIS B 186 12.70 19.97 1.09
N GLN B 187 13.51 20.93 0.67
CA GLN B 187 14.24 20.78 -0.61
C GLN B 187 15.60 21.45 -0.52
N PRO B 188 16.60 20.98 -1.30
CA PRO B 188 17.91 21.60 -1.25
C PRO B 188 17.84 23.04 -1.79
N ILE B 189 18.88 23.83 -1.50
CA ILE B 189 18.91 25.23 -2.00
C ILE B 189 19.82 25.27 -3.22
N ILE B 190 19.37 26.00 -4.25
CA ILE B 190 20.28 26.52 -5.31
C ILE B 190 20.40 28.06 -5.10
N VAL B 191 21.62 28.57 -4.91
CA VAL B 191 21.87 30.05 -4.94
C VAL B 191 22.06 30.50 -6.38
N SER B 192 21.03 30.95 -7.05
CA SER B 192 21.05 31.13 -8.52
C SER B 192 21.78 32.40 -8.96
N GLU B 193 21.90 33.37 -8.02
CA GLU B 193 22.76 34.59 -8.09
C GLU B 193 23.26 34.96 -6.70
N TRP B 194 24.52 35.29 -6.59
CA TRP B 194 25.10 35.94 -5.39
C TRP B 194 26.40 36.66 -5.73
N ALA B 195 26.78 37.63 -4.87
CA ALA B 195 28.05 38.38 -5.01
C ALA B 195 28.23 39.29 -3.80
N SER B 196 29.49 39.59 -3.40
CA SER B 196 29.78 40.81 -2.59
C SER B 196 29.37 42.05 -3.40
N THR B 197 28.71 43.01 -2.74
CA THR B 197 28.52 44.37 -3.30
C THR B 197 29.60 45.36 -2.77
N SER B 198 30.59 44.88 -2.03
CA SER B 198 31.65 45.74 -1.45
C SER B 198 32.44 46.36 -2.59
N ARG B 199 32.84 47.60 -2.42
CA ARG B 199 33.71 48.28 -3.40
C ARG B 199 35.17 48.07 -3.02
N SER B 200 35.43 47.49 -1.86
CA SER B 200 36.82 47.10 -1.46
C SER B 200 37.09 45.66 -1.99
N TYR B 201 37.96 45.55 -3.02
CA TYR B 201 38.38 44.25 -3.60
C TYR B 201 38.73 43.23 -2.51
N PRO B 202 39.55 43.59 -1.52
CA PRO B 202 39.91 42.63 -0.46
C PRO B 202 38.67 42.06 0.24
N ASP B 203 37.65 42.89 0.44
CA ASP B 203 36.39 42.43 1.09
C ASP B 203 35.61 41.51 0.11
N VAL B 204 35.53 41.86 -1.18
CA VAL B 204 34.85 41.05 -2.23
C VAL B 204 35.46 39.64 -2.26
N LEU B 205 36.78 39.56 -2.47
CA LEU B 205 37.55 38.30 -2.42
C LEU B 205 37.35 37.60 -1.08
N GLY B 206 37.55 38.26 0.05
CA GLY B 206 37.33 37.60 1.36
C GLY B 206 35.92 36.98 1.47
N LEU B 207 34.88 37.69 0.99
CA LEU B 207 33.49 37.19 1.12
C LEU B 207 33.33 35.96 0.21
N THR B 208 33.79 36.08 -1.05
CA THR B 208 33.64 35.10 -2.13
C THR B 208 34.37 33.82 -1.70
N VAL B 209 35.53 33.95 -1.07
CA VAL B 209 36.31 32.82 -0.56
C VAL B 209 35.56 32.17 0.60
N GLN B 210 35.16 32.92 1.61
CA GLN B 210 34.42 32.38 2.78
C GLN B 210 33.19 31.59 2.30
N LEU B 211 32.43 32.14 1.35
CA LEU B 211 31.07 31.62 1.03
C LEU B 211 31.18 30.41 0.11
N ALA B 212 32.12 30.44 -0.85
CA ALA B 212 32.38 29.29 -1.75
C ALA B 212 32.77 28.12 -0.85
N ASN B 213 33.66 28.36 0.13
CA ASN B 213 34.21 27.29 0.98
C ASN B 213 33.12 26.78 1.91
N TRP B 214 32.34 27.66 2.49
CA TRP B 214 31.19 27.25 3.36
C TRP B 214 30.13 26.50 2.54
N MET B 215 29.76 26.97 1.35
CA MET B 215 28.67 26.30 0.60
C MET B 215 29.17 24.92 0.06
N ASP B 216 30.45 24.80 -0.34
CA ASP B 216 31.11 23.55 -0.80
C ASP B 216 30.93 22.53 0.32
N SER B 217 31.04 22.94 1.58
CA SER B 217 31.02 22.05 2.77
C SER B 217 29.58 21.75 3.20
N THR B 218 28.59 22.33 2.54
CA THR B 218 27.19 22.33 3.04
C THR B 218 26.35 21.48 2.10
N PRO B 219 26.00 20.25 2.51
CA PRO B 219 25.43 19.30 1.58
C PRO B 219 24.07 19.79 1.06
N TRP B 220 23.37 20.68 1.77
CA TRP B 220 22.02 21.10 1.35
C TRP B 220 22.05 22.30 0.40
N VAL B 221 23.25 22.75 0.06
CA VAL B 221 23.41 23.75 -1.02
C VAL B 221 23.87 22.94 -2.22
N ALA B 222 22.96 22.71 -3.15
CA ALA B 222 23.10 21.86 -4.33
C ALA B 222 24.15 22.48 -5.28
N GLU B 223 24.01 23.78 -5.55
CA GLU B 223 24.95 24.58 -6.40
C GLU B 223 24.77 26.06 -6.05
N TYR B 224 25.71 26.88 -6.51
CA TYR B 224 25.74 28.34 -6.24
C TYR B 224 26.42 29.04 -7.40
N ALA B 225 25.91 30.22 -7.74
CA ALA B 225 26.13 30.93 -9.03
C ALA B 225 26.63 32.38 -8.79
N LEU B 226 27.93 32.63 -8.95
CA LEU B 226 28.55 33.94 -8.66
C LEU B 226 28.28 34.86 -9.85
N PHE B 227 27.72 36.02 -9.55
CA PHE B 227 27.33 37.09 -10.51
C PHE B 227 28.59 37.90 -10.90
N GLY B 228 28.70 38.31 -12.17
CA GLY B 228 29.65 39.36 -12.61
C GLY B 228 30.37 39.08 -13.92
N CYS B 229 30.18 37.90 -14.51
CA CYS B 229 30.86 37.51 -15.78
C CYS B 229 30.13 38.18 -16.98
N MET B 230 30.32 39.47 -17.15
CA MET B 230 29.80 40.23 -18.31
C MET B 230 30.66 41.50 -18.43
N ARG B 231 30.70 42.13 -19.58
CA ARG B 231 31.70 43.19 -19.85
C ARG B 231 31.35 44.49 -19.11
N GLN B 232 30.07 44.84 -19.12
CA GLN B 232 29.48 46.10 -18.55
C GLN B 232 28.87 45.79 -17.17
N MET B 233 28.81 46.79 -16.29
CA MET B 233 28.13 46.65 -15.00
C MET B 233 26.65 46.44 -15.34
N ALA B 234 26.02 45.46 -14.66
CA ALA B 234 24.58 45.13 -14.87
C ALA B 234 23.72 46.33 -14.44
N ASP B 235 24.16 47.08 -13.45
CA ASP B 235 23.37 48.19 -12.81
C ASP B 235 24.29 48.90 -11.81
N ASP B 236 23.74 49.78 -10.97
CA ASP B 236 24.57 50.56 -10.02
C ASP B 236 24.69 49.83 -8.69
N PHE B 237 24.01 48.68 -8.50
CA PHE B 237 23.93 47.99 -7.18
C PHE B 237 25.17 47.10 -7.05
N VAL B 238 25.52 46.42 -8.16
CA VAL B 238 26.67 45.46 -8.17
C VAL B 238 27.98 46.27 -8.12
N SER B 239 29.05 45.62 -7.68
CA SER B 239 30.38 46.19 -7.43
C SER B 239 31.25 46.01 -8.66
N PRO B 240 31.90 47.09 -9.16
CA PRO B 240 32.87 46.96 -10.23
C PRO B 240 34.00 46.05 -9.75
N GLU B 241 34.24 45.95 -8.44
CA GLU B 241 35.34 45.09 -7.93
C GLU B 241 34.97 43.60 -7.94
N ALA B 242 33.68 43.27 -7.99
CA ALA B 242 33.13 41.89 -8.07
C ALA B 242 33.04 41.38 -9.51
N GLN B 243 33.33 42.22 -10.49
CA GLN B 243 33.27 41.82 -11.90
C GLN B 243 34.16 40.57 -12.09
N LEU B 244 33.67 39.63 -12.89
CA LEU B 244 34.35 38.37 -13.26
C LEU B 244 34.92 38.45 -14.68
N MET B 245 34.56 39.49 -15.41
CA MET B 245 34.99 39.77 -16.78
C MET B 245 35.41 41.25 -16.83
N ASN B 246 36.43 41.53 -17.63
CA ASN B 246 36.90 42.88 -18.00
C ASN B 246 36.10 43.38 -19.22
N LYS B 247 36.15 44.69 -19.43
CA LYS B 247 35.56 45.37 -20.60
C LYS B 247 36.07 44.79 -21.93
N ASP B 248 37.22 44.09 -21.98
CA ASP B 248 37.65 43.50 -23.30
C ASP B 248 37.20 42.04 -23.42
N GLY B 249 36.52 41.51 -22.39
CA GLY B 249 36.07 40.12 -22.44
C GLY B 249 37.00 39.15 -21.73
N SER B 250 38.17 39.61 -21.26
CA SER B 250 39.12 38.76 -20.50
C SER B 250 38.48 38.48 -19.14
N PHE B 251 38.93 37.46 -18.44
CA PHE B 251 38.50 37.12 -17.07
C PHE B 251 39.35 37.85 -16.04
N THR B 252 38.71 38.15 -14.93
CA THR B 252 39.33 38.78 -13.75
C THR B 252 39.92 37.66 -12.90
N ASP B 253 40.85 37.99 -12.00
CA ASP B 253 41.46 37.00 -11.11
C ASP B 253 40.34 36.39 -10.23
N LEU B 254 39.33 37.17 -9.85
CA LEU B 254 38.23 36.61 -9.00
C LEU B 254 37.56 35.42 -9.77
N MET B 255 37.37 35.59 -11.07
CA MET B 255 36.76 34.56 -11.94
C MET B 255 37.69 33.33 -12.07
N TRP B 256 38.99 33.56 -12.36
CA TRP B 256 40.03 32.48 -12.35
C TRP B 256 39.83 31.67 -11.09
N LYS B 257 39.78 32.33 -9.92
CA LYS B 257 39.82 31.61 -8.63
C LYS B 257 38.51 30.84 -8.50
N TYR B 258 37.39 31.45 -8.90
CA TYR B 258 36.02 30.86 -8.78
C TYR B 258 35.95 29.59 -9.64
N MET B 259 36.48 29.66 -10.85
CA MET B 259 36.39 28.55 -11.82
C MET B 259 37.55 27.56 -11.66
N SER B 260 38.55 27.78 -10.80
CA SER B 260 39.76 26.93 -10.80
C SER B 260 40.01 26.35 -9.41
N ASP B 261 39.73 27.05 -8.31
CA ASP B 261 40.30 26.66 -7.00
C ASP B 261 39.23 26.15 -6.02
N GLN B 262 39.48 24.95 -5.49
CA GLN B 262 38.64 24.32 -4.44
C GLN B 262 39.61 23.63 -3.49
N PRO B 263 39.81 24.10 -2.24
CA PRO B 263 39.11 25.28 -1.71
C PRO B 263 39.51 26.56 -2.45
N MET B 264 38.66 27.60 -2.36
CA MET B 264 39.07 28.96 -2.78
C MET B 264 39.99 29.52 -1.72
N HIS B 265 40.91 30.42 -2.13
CA HIS B 265 41.81 31.16 -1.20
C HIS B 265 42.10 32.56 -1.76
N ILE B 266 42.57 33.42 -0.85
CA ILE B 266 43.01 34.82 -1.12
C ILE B 266 44.21 34.82 -2.08
N GLY C 18 10.38 -19.46 46.09
CA GLY C 18 10.45 -19.09 44.63
C GLY C 18 9.62 -20.04 43.78
N SER C 19 9.33 -21.22 44.33
CA SER C 19 8.43 -22.27 43.78
C SER C 19 7.04 -21.69 43.35
N HIS C 20 6.24 -21.20 44.35
CA HIS C 20 4.75 -21.03 44.42
C HIS C 20 4.53 -19.47 44.42
N MET C 21 3.66 -18.82 43.65
CA MET C 21 3.08 -17.54 44.16
C MET C 21 2.56 -17.79 45.59
N VAL C 22 2.93 -16.99 46.59
CA VAL C 22 2.50 -17.26 47.99
C VAL C 22 1.07 -16.67 48.12
N LYS C 23 0.09 -17.46 48.55
CA LYS C 23 -1.31 -16.98 48.60
C LYS C 23 -1.87 -17.20 50.02
N LYS C 24 -1.88 -16.14 50.84
CA LYS C 24 -2.39 -16.19 52.24
C LYS C 24 -3.15 -14.89 52.58
N ARG C 25 -3.67 -14.21 51.57
CA ARG C 25 -4.32 -12.89 51.79
C ARG C 25 -5.84 -13.09 51.84
N VAL C 26 -6.46 -12.49 52.86
CA VAL C 26 -7.92 -12.61 53.08
C VAL C 26 -8.59 -11.42 52.44
N LEU C 27 -9.74 -11.62 51.81
CA LEU C 27 -10.64 -10.52 51.39
C LEU C 27 -11.64 -10.24 52.52
N LEU C 28 -11.41 -9.19 53.33
CA LEU C 28 -12.44 -8.70 54.26
C LEU C 28 -13.52 -8.00 53.42
N TRP C 29 -14.75 -8.48 53.48
CA TRP C 29 -15.87 -8.01 52.64
C TRP C 29 -17.01 -7.56 53.54
N ASP C 30 -16.98 -6.28 53.95
CA ASP C 30 -17.95 -5.68 54.86
C ASP C 30 -19.34 -5.88 54.26
N TYR C 31 -20.35 -6.06 55.10
CA TYR C 31 -21.74 -6.30 54.65
C TYR C 31 -22.27 -5.10 53.84
N THR C 32 -21.65 -3.91 53.94
CA THR C 32 -22.05 -2.72 53.15
C THR C 32 -21.73 -2.93 51.67
N ASN C 33 -20.79 -3.79 51.35
CA ASN C 33 -20.52 -4.18 49.94
C ASN C 33 -21.70 -5.01 49.41
N THR C 34 -22.10 -6.00 50.18
CA THR C 34 -23.28 -6.88 49.85
C THR C 34 -24.52 -5.97 49.74
N ARG C 35 -24.66 -5.00 50.63
CA ARG C 35 -25.87 -4.14 50.68
C ARG C 35 -25.90 -3.25 49.44
N ASP C 36 -24.76 -2.66 49.05
CA ASP C 36 -24.73 -1.53 48.08
C ASP C 36 -24.08 -1.87 46.72
N VAL C 37 -23.05 -2.70 46.69
CA VAL C 37 -22.18 -2.84 45.48
C VAL C 37 -21.73 -4.31 45.35
N LYS C 38 -22.70 -5.21 45.33
CA LYS C 38 -22.51 -6.64 44.95
C LYS C 38 -21.51 -6.79 43.80
N TRP C 39 -21.71 -6.04 42.74
CA TRP C 39 -20.91 -6.05 41.49
C TRP C 39 -19.40 -5.94 41.75
N ALA C 40 -18.96 -5.23 42.81
CA ALA C 40 -17.53 -5.03 43.12
C ALA C 40 -16.81 -6.38 43.28
N MET C 41 -17.52 -7.42 43.75
CA MET C 41 -16.91 -8.75 44.01
C MET C 41 -16.42 -9.34 42.68
N ASP C 42 -17.11 -9.06 41.57
CA ASP C 42 -16.76 -9.57 40.22
C ASP C 42 -15.55 -8.82 39.65
N LYS C 43 -15.13 -7.74 40.30
CA LYS C 43 -13.96 -6.94 39.90
C LYS C 43 -12.72 -7.43 40.66
N ILE C 44 -12.90 -8.20 41.75
CA ILE C 44 -11.78 -8.84 42.49
C ILE C 44 -10.93 -9.70 41.53
N ASN C 45 -9.62 -9.59 41.66
CA ASN C 45 -8.62 -10.41 40.96
C ASN C 45 -8.58 -11.71 41.74
N PHE C 46 -9.22 -12.76 41.22
CA PHE C 46 -9.26 -14.08 41.91
C PHE C 46 -7.99 -14.89 41.63
N LYS C 47 -7.10 -14.36 40.80
CA LYS C 47 -5.90 -15.02 40.23
C LYS C 47 -4.62 -14.60 40.94
N GLY C 48 -4.69 -13.78 42.00
CA GLY C 48 -3.50 -13.33 42.72
C GLY C 48 -3.43 -14.02 44.07
N PRO C 49 -2.78 -13.36 45.06
CA PRO C 49 -2.54 -13.99 46.37
C PRO C 49 -3.74 -13.95 47.35
N LEU C 50 -4.92 -13.49 46.89
CA LEU C 50 -6.16 -13.68 47.70
C LEU C 50 -6.43 -15.18 47.78
N HIS C 51 -6.71 -15.73 48.96
CA HIS C 51 -7.00 -17.19 49.06
C HIS C 51 -8.22 -17.47 49.93
N SER C 52 -8.80 -16.45 50.54
CA SER C 52 -9.97 -16.60 51.44
C SER C 52 -10.67 -15.24 51.63
N CYS C 53 -11.85 -15.30 52.24
CA CYS C 53 -12.80 -14.17 52.41
C CYS C 53 -13.48 -14.33 53.76
N SER C 54 -13.60 -13.23 54.56
CA SER C 54 -14.49 -13.16 55.76
C SER C 54 -15.31 -11.85 55.71
N ASN C 55 -16.37 -11.78 56.51
CA ASN C 55 -17.41 -10.72 56.40
C ASN C 55 -18.00 -10.42 57.78
N TRP C 56 -17.34 -10.87 58.86
CA TRP C 56 -17.72 -10.64 60.27
C TRP C 56 -19.11 -11.24 60.62
N ASN C 57 -19.64 -12.12 59.77
CA ASN C 57 -21.03 -12.63 59.90
C ASN C 57 -21.08 -14.14 59.74
N THR C 58 -22.21 -14.73 60.19
CA THR C 58 -22.51 -16.16 60.08
C THR C 58 -22.96 -16.40 58.64
N TRP C 59 -23.56 -15.43 57.97
CA TRP C 59 -24.18 -15.67 56.64
C TRP C 59 -23.16 -15.45 55.53
N TYR C 60 -23.45 -16.03 54.37
CA TYR C 60 -22.58 -16.21 53.19
C TYR C 60 -22.86 -15.02 52.27
N PRO C 61 -21.83 -14.32 51.74
CA PRO C 61 -22.06 -13.31 50.72
C PRO C 61 -22.17 -13.93 49.33
N ASP C 62 -23.40 -14.06 48.82
CA ASP C 62 -23.68 -14.84 47.59
C ASP C 62 -22.84 -14.31 46.43
N GLU C 63 -22.54 -13.01 46.37
CA GLU C 63 -21.76 -12.45 45.23
C GLU C 63 -20.37 -13.12 45.15
N LEU C 64 -19.81 -13.69 46.23
CA LEU C 64 -18.48 -14.40 46.19
C LEU C 64 -18.55 -15.58 45.20
N LYS C 65 -19.69 -16.27 45.16
CA LYS C 65 -19.92 -17.38 44.18
C LYS C 65 -18.85 -18.45 44.39
N HIS C 66 -18.49 -18.71 45.63
CA HIS C 66 -17.57 -19.78 46.01
C HIS C 66 -16.20 -19.62 45.34
N ARG C 67 -15.85 -18.41 44.86
CA ARG C 67 -14.58 -18.19 44.13
C ARG C 67 -13.42 -18.15 45.14
N LEU C 68 -13.67 -18.05 46.44
CA LEU C 68 -12.63 -18.21 47.48
C LEU C 68 -13.33 -18.90 48.63
N PRO C 69 -12.59 -19.65 49.45
CA PRO C 69 -13.13 -20.10 50.73
C PRO C 69 -13.64 -18.95 51.61
N PHE C 70 -14.76 -19.18 52.31
CA PHE C 70 -15.44 -18.24 53.24
C PHE C 70 -15.29 -18.74 54.67
N ARG C 71 -14.86 -17.86 55.57
CA ARG C 71 -14.73 -18.12 57.02
C ARG C 71 -15.92 -17.41 57.67
N PRO C 72 -16.99 -18.16 57.98
CA PRO C 72 -18.08 -17.59 58.77
C PRO C 72 -17.51 -17.22 60.14
N MET C 73 -18.23 -16.35 60.82
CA MET C 73 -17.84 -15.82 62.13
C MET C 73 -19.04 -15.87 63.08
N ILE C 74 -18.77 -16.34 64.29
CA ILE C 74 -19.62 -16.18 65.49
C ILE C 74 -19.20 -14.84 66.11
N HIS C 75 -19.74 -13.74 65.61
CA HIS C 75 -19.28 -12.37 65.94
C HIS C 75 -19.38 -12.05 67.43
N GLY C 76 -20.55 -12.25 68.04
CA GLY C 76 -20.82 -11.99 69.46
C GLY C 76 -21.99 -12.83 69.94
N LYS C 77 -22.68 -12.41 70.99
CA LYS C 77 -23.65 -13.30 71.68
C LYS C 77 -24.92 -13.50 70.84
N ASN C 78 -25.33 -12.53 70.01
CA ASN C 78 -26.46 -12.66 69.03
C ASN C 78 -26.37 -13.95 68.18
N ASN C 79 -25.19 -14.56 68.04
CA ASN C 79 -24.87 -15.50 66.91
C ASN C 79 -24.81 -16.96 67.39
N LEU C 80 -25.23 -17.22 68.62
CA LEU C 80 -25.09 -18.54 69.30
C LEU C 80 -26.39 -19.33 69.24
N THR C 81 -27.46 -18.78 68.66
CA THR C 81 -28.86 -19.28 68.73
C THR C 81 -29.62 -18.98 67.43
N GLY C 82 -30.56 -19.85 67.10
CA GLY C 82 -31.56 -19.61 66.04
C GLY C 82 -30.92 -19.62 64.66
N GLY C 83 -31.42 -18.80 63.74
CA GLY C 83 -31.03 -18.81 62.32
C GLY C 83 -29.55 -18.44 62.18
N GLU C 84 -29.02 -17.74 63.16
CA GLU C 84 -27.60 -17.33 63.19
C GLU C 84 -26.73 -18.58 63.45
N TRP C 85 -27.04 -19.36 64.47
CA TRP C 85 -26.38 -20.66 64.72
C TRP C 85 -26.59 -21.62 63.53
N GLN C 86 -27.80 -21.63 62.95
CA GLN C 86 -28.13 -22.62 61.88
C GLN C 86 -27.18 -22.36 60.69
N ASN C 87 -26.89 -21.10 60.36
CA ASN C 87 -25.90 -20.73 59.30
C ASN C 87 -24.54 -21.37 59.59
N ILE C 88 -24.14 -21.36 60.85
CA ILE C 88 -22.90 -22.00 61.34
C ILE C 88 -23.04 -23.52 61.22
N LEU C 89 -24.18 -24.10 61.65
CA LEU C 89 -24.39 -25.57 61.69
C LEU C 89 -24.37 -26.19 60.28
N LYS C 90 -24.75 -25.47 59.21
CA LYS C 90 -24.85 -26.05 57.86
C LYS C 90 -23.70 -25.65 56.94
N THR C 91 -22.78 -24.77 57.39
CA THR C 91 -21.70 -24.32 56.50
C THR C 91 -20.97 -25.57 56.00
N ASN C 92 -20.85 -25.67 54.67
CA ASN C 92 -19.81 -26.47 53.96
C ASN C 92 -18.40 -25.89 54.13
N GLU C 93 -18.19 -24.71 54.71
CA GLU C 93 -16.83 -24.08 54.79
C GLU C 93 -16.11 -24.69 55.99
N GLU C 94 -14.78 -24.66 56.03
CA GLU C 94 -13.95 -25.53 56.93
C GLU C 94 -13.47 -24.81 58.20
N VAL C 95 -13.31 -23.48 58.13
CA VAL C 95 -12.72 -22.61 59.17
C VAL C 95 -13.76 -21.60 59.67
N ILE C 96 -13.96 -21.53 60.98
CA ILE C 96 -14.98 -20.64 61.58
C ILE C 96 -14.29 -19.82 62.66
N HIS C 97 -14.56 -18.51 62.67
CA HIS C 97 -14.03 -17.54 63.66
C HIS C 97 -14.99 -17.49 64.85
N PHE C 98 -14.44 -17.48 66.08
CA PHE C 98 -15.12 -17.09 67.34
C PHE C 98 -15.10 -15.55 67.50
N PHE C 99 -15.36 -15.06 68.71
CA PHE C 99 -15.87 -13.69 68.99
C PHE C 99 -14.88 -12.63 68.50
N ASN C 100 -15.45 -11.54 67.98
CA ASN C 100 -14.71 -10.36 67.50
C ASN C 100 -14.56 -9.43 68.70
N GLU C 101 -13.35 -9.28 69.23
CA GLU C 101 -12.99 -8.26 70.26
C GLU C 101 -13.99 -8.35 71.40
N PRO C 102 -14.19 -9.58 71.92
CA PRO C 102 -15.16 -9.83 72.98
C PRO C 102 -14.88 -8.95 74.21
N GLU C 103 -13.60 -8.68 74.47
CA GLU C 103 -13.20 -7.82 75.62
C GLU C 103 -13.86 -6.44 75.49
N ARG C 104 -14.41 -6.07 74.32
CA ARG C 104 -15.07 -4.75 74.10
C ARG C 104 -16.60 -4.86 74.06
N ALA C 105 -17.16 -6.07 74.04
CA ALA C 105 -18.62 -6.31 74.16
C ALA C 105 -18.91 -6.94 75.54
N GLY C 106 -18.21 -6.54 76.61
CA GLY C 106 -18.35 -7.08 77.98
C GLY C 106 -18.66 -8.57 78.03
N ILE C 107 -17.99 -9.38 77.20
CA ILE C 107 -17.97 -10.87 77.26
C ILE C 107 -16.71 -11.25 78.04
N SER C 108 -16.81 -11.97 79.14
CA SER C 108 -15.64 -12.33 79.98
C SER C 108 -14.89 -13.47 79.32
N PRO C 109 -13.57 -13.59 79.62
CA PRO C 109 -12.84 -14.82 79.29
C PRO C 109 -13.64 -16.06 79.76
N GLU C 110 -14.08 -16.08 81.02
CA GLU C 110 -14.79 -17.25 81.63
C GLU C 110 -16.04 -17.61 80.79
N GLU C 111 -16.88 -16.63 80.46
CA GLU C 111 -18.15 -16.86 79.70
C GLU C 111 -17.83 -17.45 78.32
N ALA C 112 -16.87 -16.86 77.60
CA ALA C 112 -16.46 -17.35 76.25
C ALA C 112 -15.78 -18.72 76.37
N ALA C 113 -15.11 -19.04 77.50
CA ALA C 113 -14.53 -20.38 77.74
C ALA C 113 -15.68 -21.38 77.97
N LYS C 114 -16.75 -20.97 78.66
CA LYS C 114 -17.96 -21.82 78.88
C LYS C 114 -18.61 -22.09 77.50
N ILE C 115 -18.94 -21.03 76.76
CA ILE C 115 -19.62 -21.11 75.41
C ILE C 115 -18.79 -21.98 74.46
N TRP C 116 -17.46 -21.92 74.56
CA TRP C 116 -16.53 -22.71 73.71
C TRP C 116 -16.74 -24.22 73.98
N ASN C 117 -16.57 -24.69 75.22
CA ASN C 117 -16.62 -26.13 75.59
C ASN C 117 -18.02 -26.69 75.39
N ASP C 118 -19.04 -25.87 75.65
CA ASP C 118 -20.48 -26.25 75.62
C ASP C 118 -20.99 -26.33 74.21
N GLN C 119 -20.73 -25.32 73.39
CA GLN C 119 -21.49 -25.14 72.13
C GLN C 119 -20.57 -25.18 70.92
N VAL C 120 -19.35 -24.63 70.99
CA VAL C 120 -18.53 -24.30 69.79
C VAL C 120 -17.59 -25.47 69.47
N LEU C 121 -17.09 -26.16 70.50
CA LEU C 121 -16.17 -27.33 70.36
C LEU C 121 -16.82 -28.43 69.51
N ALA C 122 -18.13 -28.63 69.68
CA ALA C 122 -18.85 -29.65 68.91
C ALA C 122 -18.60 -29.34 67.43
N LEU C 123 -18.32 -28.11 67.06
CA LEU C 123 -18.07 -27.80 65.63
C LEU C 123 -16.80 -28.54 65.16
N ARG C 124 -15.84 -28.77 66.07
CA ARG C 124 -14.65 -29.60 65.75
C ARG C 124 -14.97 -31.10 65.99
N THR C 125 -15.55 -31.48 67.13
CA THR C 125 -15.67 -32.92 67.52
C THR C 125 -16.69 -33.64 66.62
N SER C 126 -17.73 -32.94 66.16
CA SER C 126 -18.86 -33.50 65.38
C SER C 126 -18.85 -32.98 63.92
N HIS C 127 -18.52 -31.70 63.65
CA HIS C 127 -18.52 -31.20 62.24
C HIS C 127 -17.10 -31.09 61.65
N HIS C 128 -16.03 -31.41 62.41
CA HIS C 128 -14.62 -31.45 61.91
C HIS C 128 -14.24 -30.13 61.23
N LYS C 129 -14.73 -29.01 61.76
CA LYS C 129 -14.28 -27.67 61.35
C LYS C 129 -13.04 -27.29 62.18
N ARG C 130 -12.20 -26.43 61.60
CA ARG C 130 -11.09 -25.70 62.30
C ARG C 130 -11.68 -24.37 62.83
N LEU C 131 -11.28 -24.03 64.06
CA LEU C 131 -11.83 -22.95 64.91
C LEU C 131 -10.76 -21.91 65.21
N VAL C 132 -11.05 -20.63 64.94
CA VAL C 132 -10.16 -19.50 65.30
C VAL C 132 -10.58 -19.01 66.69
N SER C 133 -9.62 -18.76 67.59
CA SER C 133 -9.87 -18.05 68.88
C SER C 133 -10.64 -16.79 68.58
N PRO C 134 -11.17 -16.16 69.65
CA PRO C 134 -11.55 -14.77 69.59
C PRO C 134 -10.38 -13.94 69.07
N SER C 135 -10.65 -13.01 68.16
CA SER C 135 -9.71 -11.93 67.73
C SER C 135 -9.90 -10.70 68.63
N CYS C 136 -9.02 -10.51 69.61
CA CYS C 136 -8.98 -9.30 70.48
C CYS C 136 -8.12 -8.18 69.87
N ALA C 137 -8.37 -6.94 70.31
CA ALA C 137 -7.49 -5.79 70.02
C ALA C 137 -6.07 -6.06 70.56
N SER C 138 -5.08 -5.37 69.97
CA SER C 138 -3.63 -5.38 70.28
C SER C 138 -3.26 -4.42 71.42
N ASP C 139 -4.22 -3.87 72.17
CA ASP C 139 -3.93 -2.98 73.35
C ASP C 139 -3.85 -3.89 74.56
N PRO C 140 -3.48 -3.42 75.78
CA PRO C 140 -3.34 -4.33 76.92
C PRO C 140 -4.61 -5.08 77.35
N ALA C 141 -5.79 -4.48 77.16
CA ALA C 141 -7.06 -5.10 77.56
C ALA C 141 -7.25 -6.36 76.69
N GLY C 142 -7.02 -6.20 75.38
CA GLY C 142 -7.04 -7.26 74.36
C GLY C 142 -6.03 -8.37 74.64
N ILE C 143 -4.76 -8.03 74.83
CA ILE C 143 -3.71 -9.03 75.16
C ILE C 143 -4.13 -9.83 76.40
N ALA C 144 -4.50 -9.17 77.51
CA ALA C 144 -4.86 -9.86 78.78
C ALA C 144 -6.10 -10.76 78.59
N TRP C 145 -7.05 -10.39 77.73
CA TRP C 145 -8.31 -11.16 77.53
C TRP C 145 -7.95 -12.49 76.89
N ILE C 146 -7.28 -12.44 75.74
CA ILE C 146 -6.95 -13.65 74.96
C ILE C 146 -5.99 -14.49 75.80
N LYS C 147 -5.11 -13.89 76.61
CA LYS C 147 -4.20 -14.68 77.46
C LYS C 147 -5.02 -15.53 78.43
N LYS C 148 -6.05 -14.93 79.03
CA LYS C 148 -6.89 -15.62 80.04
C LYS C 148 -7.72 -16.71 79.35
N TRP C 149 -8.37 -16.38 78.24
CA TRP C 149 -9.25 -17.33 77.51
C TRP C 149 -8.41 -18.54 77.05
N MET C 150 -7.21 -18.31 76.52
CA MET C 150 -6.39 -19.41 75.91
C MET C 150 -5.98 -20.36 77.03
N ASN C 151 -5.75 -19.84 78.22
CA ASN C 151 -5.40 -20.65 79.40
C ASN C 151 -6.59 -21.52 79.77
N LEU C 152 -7.74 -20.88 79.98
CA LEU C 152 -9.00 -21.56 80.37
C LEU C 152 -9.39 -22.66 79.37
N VAL C 153 -8.96 -22.60 78.11
CA VAL C 153 -9.41 -23.59 77.08
C VAL C 153 -8.20 -24.37 76.56
N ALA C 154 -7.12 -24.48 77.35
CA ALA C 154 -5.83 -25.10 76.95
C ALA C 154 -6.02 -26.58 76.57
N LYS C 155 -6.93 -27.30 77.25
CA LYS C 155 -7.19 -28.76 77.08
C LYS C 155 -7.88 -29.01 75.73
N ASN C 156 -8.68 -28.06 75.27
CA ASN C 156 -9.39 -28.09 73.96
C ASN C 156 -9.10 -26.79 73.20
N PRO C 157 -7.84 -26.56 72.77
CA PRO C 157 -7.43 -25.24 72.27
C PRO C 157 -7.95 -24.99 70.86
N PRO C 158 -7.96 -23.73 70.41
CA PRO C 158 -8.30 -23.45 69.03
C PRO C 158 -7.23 -23.94 68.05
N ASP C 159 -7.60 -24.06 66.79
CA ASP C 159 -6.66 -24.40 65.71
C ASP C 159 -5.76 -23.19 65.40
N TYR C 160 -6.33 -22.00 65.41
CA TYR C 160 -5.66 -20.73 65.07
C TYR C 160 -5.88 -19.75 66.21
N LEU C 161 -4.86 -18.97 66.49
CA LEU C 161 -4.94 -17.72 67.30
C LEU C 161 -5.17 -16.58 66.33
N GLY C 162 -6.30 -15.91 66.51
CA GLY C 162 -6.70 -14.71 65.75
C GLY C 162 -6.21 -13.46 66.45
N LEU C 163 -5.67 -12.51 65.67
CA LEU C 163 -5.26 -11.18 66.18
C LEU C 163 -5.76 -10.06 65.28
N HIS C 164 -5.94 -8.92 65.91
CA HIS C 164 -6.11 -7.60 65.26
C HIS C 164 -4.83 -6.78 65.52
N TRP C 165 -4.42 -5.97 64.57
CA TRP C 165 -3.38 -4.96 64.82
C TRP C 165 -3.63 -3.76 63.93
N TYR C 166 -3.59 -2.57 64.54
CA TYR C 166 -3.69 -1.27 63.82
C TYR C 166 -2.64 -0.34 64.41
N GLY C 167 -2.03 0.48 63.57
CA GLY C 167 -0.94 1.37 64.00
C GLY C 167 -0.24 1.90 62.77
N THR C 168 0.85 2.62 63.01
CA THR C 168 1.57 3.42 62.00
C THR C 168 2.91 2.78 61.73
N LYS C 169 3.47 1.97 62.63
CA LYS C 169 4.87 1.51 62.52
C LYS C 169 4.95 0.01 62.21
N GLY C 170 5.43 -0.34 61.02
CA GLY C 170 5.53 -1.75 60.59
C GLY C 170 6.33 -2.56 61.57
N ASP C 171 7.46 -2.03 62.06
CA ASP C 171 8.31 -2.83 62.99
C ASP C 171 7.52 -3.21 64.22
N GLU C 172 6.52 -2.42 64.59
CA GLU C 172 5.75 -2.66 65.83
C GLU C 172 4.80 -3.86 65.63
N MET C 173 4.21 -3.97 64.42
CA MET C 173 3.32 -5.12 64.15
C MET C 173 4.15 -6.40 64.11
N ILE C 174 5.33 -6.39 63.48
CA ILE C 174 6.25 -7.57 63.50
C ILE C 174 6.56 -7.96 64.95
N ARG C 175 6.94 -7.00 65.80
CA ARG C 175 7.23 -7.20 67.24
C ARG C 175 5.99 -7.79 67.93
N TYR C 176 4.79 -7.32 67.58
CA TYR C 176 3.52 -7.79 68.20
C TYR C 176 3.25 -9.27 67.84
N LEU C 177 3.34 -9.61 66.55
CA LEU C 177 3.08 -10.99 66.05
C LEU C 177 4.11 -11.96 66.66
N GLU C 178 5.40 -11.64 66.56
CA GLU C 178 6.52 -12.40 67.17
C GLU C 178 6.24 -12.62 68.65
N SER C 179 5.87 -11.58 69.37
CA SER C 179 5.58 -11.67 70.82
C SER C 179 4.40 -12.63 71.02
N MET C 180 3.32 -12.42 70.28
CA MET C 180 2.10 -13.25 70.47
C MET C 180 2.41 -14.71 70.10
N HIS C 181 3.24 -14.95 69.08
CA HIS C 181 3.65 -16.32 68.65
C HIS C 181 4.41 -16.98 69.80
N LYS C 182 5.20 -16.21 70.57
CA LYS C 182 6.08 -16.77 71.62
C LYS C 182 5.24 -17.17 72.84
N GLU C 183 4.31 -16.27 73.19
CA GLU C 183 3.30 -16.41 74.27
C GLU C 183 2.39 -17.61 74.02
N HIS C 184 2.01 -17.85 72.77
CA HIS C 184 1.06 -18.92 72.34
C HIS C 184 1.71 -19.68 71.19
N PRO C 185 2.74 -20.48 71.50
CA PRO C 185 3.52 -21.14 70.44
C PRO C 185 2.73 -22.29 69.81
N HIS C 186 1.61 -22.71 70.39
CA HIS C 186 1.06 -24.04 70.05
C HIS C 186 0.19 -23.95 68.80
N GLN C 187 -0.12 -22.78 68.23
CA GLN C 187 -0.99 -22.71 67.04
C GLN C 187 -0.53 -21.68 66.03
N PRO C 188 -0.89 -21.84 64.75
CA PRO C 188 -0.59 -20.81 63.77
C PRO C 188 -1.37 -19.52 64.06
N ILE C 189 -0.95 -18.39 63.50
CA ILE C 189 -1.68 -17.12 63.67
C ILE C 189 -2.47 -16.76 62.40
N ILE C 190 -3.68 -16.24 62.59
CA ILE C 190 -4.49 -15.58 61.52
C ILE C 190 -4.68 -14.13 61.94
N VAL C 191 -4.20 -13.22 61.12
CA VAL C 191 -4.39 -11.77 61.37
C VAL C 191 -5.70 -11.41 60.68
N SER C 192 -6.74 -11.46 61.50
CA SER C 192 -8.13 -11.41 61.02
C SER C 192 -8.57 -10.00 60.65
N GLU C 193 -7.85 -8.98 61.14
CA GLU C 193 -7.91 -7.56 60.71
C GLU C 193 -6.56 -6.86 61.00
N TRP C 194 -6.07 -6.04 60.07
CA TRP C 194 -4.90 -5.16 60.28
C TRP C 194 -4.88 -4.09 59.18
N ALA C 195 -4.26 -2.95 59.48
CA ALA C 195 -4.14 -1.81 58.55
C ALA C 195 -3.12 -0.85 59.11
N SER C 196 -2.48 -0.08 58.24
CA SER C 196 -1.85 1.18 58.68
C SER C 196 -2.95 2.18 59.05
N THR C 197 -2.88 2.79 60.24
CA THR C 197 -3.66 4.01 60.60
C THR C 197 -2.93 5.33 60.25
N SER C 198 -1.73 5.32 59.64
CA SER C 198 -1.04 6.55 59.22
C SER C 198 -1.91 7.35 58.25
N ARG C 199 -1.87 8.70 58.30
CA ARG C 199 -2.63 9.60 57.39
C ARG C 199 -1.77 10.02 56.20
N SER C 200 -0.51 9.56 56.21
CA SER C 200 0.46 9.71 55.11
C SER C 200 0.42 8.44 54.23
N TYR C 201 -0.09 8.57 52.99
CA TYR C 201 -0.25 7.42 52.04
C TYR C 201 1.07 6.71 51.82
N PRO C 202 2.22 7.39 51.55
CA PRO C 202 3.50 6.70 51.50
C PRO C 202 3.77 5.83 52.73
N ASP C 203 3.54 6.33 53.96
CA ASP C 203 3.68 5.45 55.16
C ASP C 203 2.58 4.35 55.15
N VAL C 204 1.38 4.59 54.60
CA VAL C 204 0.34 3.51 54.56
C VAL C 204 0.87 2.36 53.69
N LEU C 205 1.19 2.69 52.44
CA LEU C 205 1.71 1.76 51.39
C LEU C 205 3.00 1.10 51.92
N GLY C 206 3.90 1.87 52.51
CA GLY C 206 5.17 1.32 53.04
C GLY C 206 4.96 0.22 54.07
N LEU C 207 4.15 0.47 55.10
CA LEU C 207 3.81 -0.49 56.15
C LEU C 207 3.13 -1.73 55.52
N THR C 208 2.22 -1.50 54.55
CA THR C 208 1.33 -2.56 54.00
C THR C 208 2.27 -3.52 53.28
N VAL C 209 3.12 -2.93 52.41
CA VAL C 209 4.16 -3.64 51.63
C VAL C 209 5.06 -4.42 52.58
N GLN C 210 5.68 -3.74 53.54
CA GLN C 210 6.55 -4.43 54.53
C GLN C 210 5.82 -5.63 55.16
N LEU C 211 4.54 -5.54 55.56
CA LEU C 211 4.00 -6.52 56.50
C LEU C 211 3.42 -7.72 55.69
N ALA C 212 2.86 -7.45 54.50
CA ALA C 212 2.42 -8.46 53.51
C ALA C 212 3.61 -9.35 53.20
N ASN C 213 4.74 -8.72 52.85
CA ASN C 213 5.97 -9.48 52.49
C ASN C 213 6.45 -10.28 53.70
N TRP C 214 6.55 -9.67 54.85
CA TRP C 214 7.04 -10.36 56.06
C TRP C 214 6.10 -11.53 56.38
N MET C 215 4.79 -11.29 56.46
CA MET C 215 3.85 -12.41 56.77
C MET C 215 3.88 -13.47 55.65
N ASP C 216 3.93 -13.11 54.36
CA ASP C 216 4.12 -14.05 53.24
C ASP C 216 5.33 -14.97 53.49
N SER C 217 6.44 -14.46 54.03
CA SER C 217 7.65 -15.27 54.28
C SER C 217 7.64 -15.87 55.71
N THR C 218 6.53 -15.82 56.46
CA THR C 218 6.49 -16.37 57.84
C THR C 218 5.57 -17.58 57.83
N PRO C 219 6.08 -18.81 58.07
CA PRO C 219 5.25 -20.00 57.86
C PRO C 219 4.06 -20.02 58.86
N TRP C 220 4.27 -19.46 60.05
CA TRP C 220 3.33 -19.63 61.17
C TRP C 220 2.24 -18.53 61.13
N VAL C 221 2.26 -17.63 60.15
CA VAL C 221 1.08 -16.78 59.84
C VAL C 221 0.36 -17.51 58.73
N ALA C 222 -0.77 -18.14 59.10
CA ALA C 222 -1.59 -18.96 58.19
C ALA C 222 -2.20 -18.05 57.13
N GLU C 223 -2.70 -16.88 57.51
CA GLU C 223 -3.28 -15.89 56.56
C GLU C 223 -3.46 -14.56 57.31
N TYR C 224 -3.71 -13.50 56.54
CA TYR C 224 -3.82 -12.11 57.05
C TYR C 224 -4.82 -11.37 56.16
N ALA C 225 -5.54 -10.42 56.76
CA ALA C 225 -6.77 -9.78 56.24
C ALA C 225 -6.63 -8.27 56.39
N LEU C 226 -6.34 -7.58 55.28
CA LEU C 226 -6.12 -6.12 55.31
C LEU C 226 -7.49 -5.39 55.33
N PHE C 227 -7.71 -4.48 56.31
CA PHE C 227 -9.00 -3.77 56.49
C PHE C 227 -9.11 -2.60 55.49
N GLY C 228 -10.31 -2.24 55.04
CA GLY C 228 -10.53 -0.95 54.34
C GLY C 228 -11.29 -1.06 53.04
N CYS C 229 -11.73 -2.28 52.67
CA CYS C 229 -12.46 -2.54 51.40
C CYS C 229 -13.96 -2.35 51.62
N MET C 230 -14.37 -1.10 51.75
CA MET C 230 -15.73 -0.65 52.06
C MET C 230 -15.81 0.82 51.67
N ARG C 231 -16.98 1.31 51.23
CA ARG C 231 -17.11 2.63 50.55
C ARG C 231 -16.90 3.80 51.53
N GLN C 232 -17.40 3.67 52.76
CA GLN C 232 -17.37 4.72 53.80
C GLN C 232 -16.36 4.30 54.87
N MET C 233 -15.76 5.27 55.54
CA MET C 233 -14.85 5.05 56.68
C MET C 233 -15.62 4.32 57.77
N ALA C 234 -15.10 3.21 58.27
CA ALA C 234 -15.70 2.41 59.35
C ALA C 234 -15.87 3.28 60.59
N ASP C 235 -14.89 4.14 60.91
CA ASP C 235 -14.83 4.90 62.18
C ASP C 235 -13.75 5.99 62.03
N ASP C 236 -13.51 6.76 63.10
CA ASP C 236 -12.47 7.81 63.09
C ASP C 236 -11.06 7.21 63.21
N PHE C 237 -10.86 6.01 63.79
CA PHE C 237 -9.51 5.43 64.06
C PHE C 237 -8.76 5.08 62.76
N VAL C 238 -9.47 4.54 61.76
CA VAL C 238 -8.87 4.00 60.50
C VAL C 238 -8.56 5.19 59.59
N SER C 239 -7.57 5.04 58.74
CA SER C 239 -7.01 6.13 57.93
C SER C 239 -7.72 6.16 56.61
N PRO C 240 -8.20 7.33 56.16
CA PRO C 240 -8.78 7.43 54.82
C PRO C 240 -7.77 7.04 53.72
N GLU C 241 -6.46 7.21 53.97
CA GLU C 241 -5.36 6.84 53.04
C GLU C 241 -5.23 5.31 52.90
N ALA C 242 -5.71 4.56 53.90
CA ALA C 242 -5.71 3.08 53.97
C ALA C 242 -6.91 2.45 53.24
N GLN C 243 -7.82 3.22 52.64
CA GLN C 243 -9.07 2.67 52.04
C GLN C 243 -8.70 1.80 50.84
N LEU C 244 -9.40 0.71 50.65
CA LEU C 244 -9.19 -0.26 49.53
C LEU C 244 -10.31 -0.12 48.51
N MET C 245 -11.37 0.61 48.85
CA MET C 245 -12.46 0.97 47.93
C MET C 245 -12.64 2.50 47.97
N ASN C 246 -12.99 3.08 46.83
CA ASN C 246 -13.39 4.51 46.70
C ASN C 246 -14.85 4.66 47.10
N LYS C 247 -15.37 5.88 47.12
CA LYS C 247 -16.79 6.13 47.49
C LYS C 247 -17.71 5.52 46.44
N ASP C 248 -17.23 5.34 45.19
CA ASP C 248 -18.08 4.81 44.07
C ASP C 248 -17.99 3.27 43.94
N GLY C 249 -17.29 2.60 44.86
CA GLY C 249 -17.14 1.13 44.87
C GLY C 249 -15.97 0.60 44.04
N SER C 250 -15.28 1.46 43.27
CA SER C 250 -14.06 1.15 42.48
C SER C 250 -12.93 0.93 43.49
N PHE C 251 -11.94 0.13 43.09
CA PHE C 251 -10.86 -0.33 44.00
C PHE C 251 -9.76 0.73 44.01
N THR C 252 -9.04 0.87 45.11
CA THR C 252 -7.90 1.84 45.16
C THR C 252 -6.63 1.13 44.68
N ASP C 253 -5.54 1.87 44.46
CA ASP C 253 -4.27 1.24 44.02
C ASP C 253 -3.79 0.35 45.15
N LEU C 254 -3.98 0.80 46.38
CA LEU C 254 -3.53 -0.05 47.49
C LEU C 254 -4.17 -1.43 47.33
N MET C 255 -5.44 -1.46 46.95
CA MET C 255 -6.21 -2.73 46.89
C MET C 255 -5.71 -3.55 45.71
N TRP C 256 -5.55 -2.90 44.56
CA TRP C 256 -4.92 -3.54 43.37
C TRP C 256 -3.63 -4.28 43.79
N LYS C 257 -2.70 -3.60 44.46
CA LYS C 257 -1.43 -4.23 44.86
C LYS C 257 -1.75 -5.37 45.83
N TYR C 258 -2.64 -5.18 46.78
CA TYR C 258 -2.91 -6.21 47.80
C TYR C 258 -3.45 -7.48 47.13
N MET C 259 -4.20 -7.33 46.06
CA MET C 259 -4.90 -8.50 45.44
C MET C 259 -4.13 -8.97 44.18
N SER C 260 -3.07 -8.26 43.79
CA SER C 260 -2.32 -8.52 42.54
C SER C 260 -0.86 -8.91 42.78
N ASP C 261 -0.17 -8.29 43.74
CA ASP C 261 1.31 -8.24 43.69
C ASP C 261 1.89 -9.17 44.75
N GLN C 262 2.70 -10.16 44.33
CA GLN C 262 3.49 -10.96 45.30
C GLN C 262 4.87 -11.25 44.73
N PRO C 263 5.95 -10.68 45.32
CA PRO C 263 5.87 -9.85 46.53
C PRO C 263 5.11 -8.53 46.32
N MET C 264 4.71 -7.86 47.40
CA MET C 264 4.18 -6.48 47.27
C MET C 264 5.37 -5.50 47.12
N HIS C 265 5.17 -4.42 46.36
CA HIS C 265 6.17 -3.34 46.16
C HIS C 265 5.46 -1.97 46.21
N ILE C 266 6.22 -0.92 46.53
CA ILE C 266 5.78 0.50 46.56
C ILE C 266 5.43 0.98 45.14
N GLY D 18 -31.41 -34.64 65.81
CA GLY D 18 -30.48 -33.52 65.47
C GLY D 18 -31.20 -32.36 64.83
N SER D 19 -30.53 -31.22 64.69
CA SER D 19 -31.08 -29.95 64.17
C SER D 19 -30.71 -29.76 62.68
N HIS D 20 -29.51 -30.24 62.34
CA HIS D 20 -28.79 -30.00 61.06
C HIS D 20 -29.22 -31.15 60.13
N MET D 21 -29.54 -30.93 58.85
CA MET D 21 -29.15 -31.92 57.80
C MET D 21 -27.65 -32.30 58.00
N VAL D 22 -27.34 -33.59 58.18
CA VAL D 22 -25.93 -34.07 58.34
C VAL D 22 -25.33 -34.20 56.93
N LYS D 23 -24.26 -33.47 56.65
CA LYS D 23 -23.64 -33.37 55.30
C LYS D 23 -22.21 -33.89 55.39
N LYS D 24 -22.02 -35.20 55.16
CA LYS D 24 -20.73 -35.88 55.26
C LYS D 24 -20.35 -36.62 53.97
N ARG D 25 -21.09 -36.40 52.87
CA ARG D 25 -20.97 -37.26 51.68
C ARG D 25 -20.05 -36.58 50.69
N VAL D 26 -19.14 -37.39 50.17
CA VAL D 26 -18.14 -36.98 49.14
C VAL D 26 -18.71 -37.37 47.78
N LEU D 27 -18.61 -36.50 46.78
CA LEU D 27 -18.79 -36.87 45.36
C LEU D 27 -17.46 -37.38 44.84
N LEU D 28 -17.33 -38.69 44.60
CA LEU D 28 -16.19 -39.24 43.82
C LEU D 28 -16.48 -38.97 42.35
N TRP D 29 -15.60 -38.25 41.65
CA TRP D 29 -15.85 -37.81 40.25
C TRP D 29 -14.71 -38.24 39.31
N ASP D 30 -14.75 -39.49 38.85
CA ASP D 30 -13.75 -40.09 37.91
C ASP D 30 -13.51 -39.17 36.73
N TYR D 31 -12.30 -39.15 36.23
CA TYR D 31 -11.86 -38.21 35.18
C TYR D 31 -12.62 -38.50 33.89
N THR D 32 -13.15 -39.73 33.75
CA THR D 32 -13.90 -40.14 32.55
C THR D 32 -15.22 -39.34 32.53
N ASN D 33 -15.73 -38.89 33.67
CA ASN D 33 -16.88 -37.92 33.65
C ASN D 33 -16.41 -36.57 33.07
N THR D 34 -15.27 -36.07 33.56
CA THR D 34 -14.70 -34.81 33.03
C THR D 34 -14.47 -35.00 31.53
N ARG D 35 -13.99 -36.19 31.10
CA ARG D 35 -13.56 -36.37 29.70
C ARG D 35 -14.73 -36.39 28.74
N ASP D 36 -15.84 -37.02 29.16
CA ASP D 36 -16.93 -37.41 28.26
C ASP D 36 -18.25 -36.69 28.54
N VAL D 37 -18.63 -36.52 29.82
CA VAL D 37 -20.00 -36.10 30.26
C VAL D 37 -19.89 -35.07 31.38
N LYS D 38 -19.15 -33.98 31.15
CA LYS D 38 -18.90 -33.03 32.28
C LYS D 38 -20.19 -32.28 32.61
N TRP D 39 -21.11 -32.16 31.63
CA TRP D 39 -22.49 -31.67 31.79
C TRP D 39 -23.18 -32.35 32.97
N ALA D 40 -22.77 -33.55 33.40
CA ALA D 40 -23.52 -34.30 34.42
C ALA D 40 -23.26 -33.66 35.78
N MET D 41 -22.21 -32.87 35.87
CA MET D 41 -21.91 -32.18 37.14
C MET D 41 -23.03 -31.17 37.39
N ASP D 42 -23.59 -30.58 36.34
CA ASP D 42 -24.68 -29.60 36.45
C ASP D 42 -25.97 -30.28 36.93
N LYS D 43 -26.06 -31.61 36.93
CA LYS D 43 -27.29 -32.32 37.35
C LYS D 43 -27.18 -32.78 38.80
N ILE D 44 -26.02 -32.67 39.42
CA ILE D 44 -25.82 -33.05 40.83
C ILE D 44 -26.69 -32.17 41.72
N ASN D 45 -27.27 -32.75 42.77
CA ASN D 45 -28.04 -32.04 43.83
C ASN D 45 -27.01 -31.50 44.82
N PHE D 46 -26.82 -30.17 44.79
CA PHE D 46 -25.85 -29.42 45.62
C PHE D 46 -26.51 -28.96 46.93
N LYS D 47 -27.81 -29.23 47.15
CA LYS D 47 -28.52 -28.83 48.39
C LYS D 47 -28.75 -30.03 49.35
N GLY D 48 -28.29 -31.21 48.99
CA GLY D 48 -28.48 -32.41 49.83
C GLY D 48 -27.29 -32.60 50.75
N PRO D 49 -27.05 -33.84 51.20
CA PRO D 49 -25.94 -34.16 52.11
C PRO D 49 -24.55 -34.24 51.48
N LEU D 50 -24.36 -33.91 50.21
CA LEU D 50 -23.01 -33.89 49.63
C LEU D 50 -22.28 -32.70 50.22
N HIS D 51 -21.02 -32.84 50.65
CA HIS D 51 -20.31 -31.65 51.18
C HIS D 51 -18.94 -31.47 50.57
N SER D 52 -18.52 -32.35 49.68
CA SER D 52 -17.17 -32.34 49.08
C SER D 52 -17.07 -33.26 47.86
N CYS D 53 -15.92 -33.16 47.18
CA CYS D 53 -15.68 -33.82 45.87
C CYS D 53 -14.19 -34.17 45.76
N SER D 54 -13.82 -35.38 45.31
CA SER D 54 -12.40 -35.78 45.03
C SER D 54 -12.40 -36.49 43.68
N ASN D 55 -11.26 -36.54 42.98
CA ASN D 55 -11.26 -37.17 41.64
C ASN D 55 -9.98 -38.02 41.48
N TRP D 56 -9.31 -38.39 42.58
CA TRP D 56 -8.07 -39.20 42.50
C TRP D 56 -6.93 -38.46 41.78
N ASN D 57 -7.06 -37.16 41.50
CA ASN D 57 -6.05 -36.40 40.74
C ASN D 57 -5.65 -35.14 41.51
N THR D 58 -4.54 -34.54 41.05
CA THR D 58 -4.01 -33.27 41.58
C THR D 58 -4.83 -32.14 41.01
N TRP D 59 -5.33 -32.26 39.78
CA TRP D 59 -5.98 -31.13 39.04
C TRP D 59 -7.47 -30.98 39.38
N TYR D 60 -7.99 -29.77 39.20
CA TYR D 60 -9.38 -29.36 39.55
C TYR D 60 -10.33 -29.68 38.40
N PRO D 61 -11.44 -30.39 38.71
CA PRO D 61 -12.50 -30.60 37.73
C PRO D 61 -13.32 -29.30 37.56
N ASP D 62 -13.02 -28.53 36.50
CA ASP D 62 -13.56 -27.16 36.30
C ASP D 62 -15.09 -27.17 36.30
N GLU D 63 -15.73 -28.23 35.79
CA GLU D 63 -17.22 -28.30 35.76
C GLU D 63 -17.82 -28.28 37.20
N LEU D 64 -17.03 -28.58 38.22
CA LEU D 64 -17.45 -28.42 39.63
C LEU D 64 -17.83 -26.96 39.93
N LYS D 65 -17.13 -25.95 39.36
CA LYS D 65 -17.33 -24.48 39.61
C LYS D 65 -17.46 -24.15 41.11
N HIS D 66 -16.68 -24.82 41.95
CA HIS D 66 -16.48 -24.50 43.38
C HIS D 66 -17.78 -24.76 44.12
N ARG D 67 -18.65 -25.64 43.60
CA ARG D 67 -20.00 -25.80 44.23
C ARG D 67 -19.84 -26.72 45.44
N LEU D 68 -18.72 -27.44 45.53
CA LEU D 68 -18.35 -28.16 46.77
C LEU D 68 -16.85 -27.99 46.98
N PRO D 69 -16.37 -28.04 48.23
CA PRO D 69 -14.93 -28.18 48.47
C PRO D 69 -14.36 -29.37 47.69
N PHE D 70 -13.19 -29.22 47.09
CA PHE D 70 -12.45 -30.27 46.33
C PHE D 70 -11.21 -30.64 47.12
N ARG D 71 -11.00 -31.94 47.33
CA ARG D 71 -9.81 -32.54 47.98
C ARG D 71 -8.91 -33.07 46.86
N PRO D 72 -7.85 -32.33 46.46
CA PRO D 72 -6.84 -32.89 45.56
C PRO D 72 -6.20 -34.17 46.14
N MET D 73 -5.65 -34.98 45.25
CA MET D 73 -4.95 -36.19 45.71
C MET D 73 -3.56 -36.20 45.09
N ILE D 74 -2.61 -36.62 45.92
CA ILE D 74 -1.24 -37.10 45.54
C ILE D 74 -1.35 -38.62 45.36
N HIS D 75 -1.67 -39.05 44.14
CA HIS D 75 -2.12 -40.43 43.85
C HIS D 75 -1.00 -41.42 44.11
N GLY D 76 0.11 -41.23 43.40
CA GLY D 76 1.33 -42.06 43.46
C GLY D 76 2.58 -41.24 43.17
N LYS D 77 3.62 -41.90 42.68
CA LYS D 77 4.97 -41.27 42.57
C LYS D 77 4.94 -40.17 41.48
N ASN D 78 4.17 -40.35 40.41
CA ASN D 78 4.02 -39.38 39.28
C ASN D 78 3.51 -38.01 39.77
N ASN D 79 3.12 -37.85 41.04
CA ASN D 79 2.39 -36.63 41.48
C ASN D 79 3.23 -35.81 42.44
N LEU D 80 4.53 -36.08 42.51
CA LEU D 80 5.44 -35.48 43.52
C LEU D 80 6.30 -34.36 42.92
N THR D 81 6.35 -34.21 41.60
CA THR D 81 7.28 -33.25 40.91
C THR D 81 6.58 -32.56 39.72
N GLY D 82 7.21 -31.52 39.15
CA GLY D 82 6.72 -30.82 37.95
C GLY D 82 5.30 -30.26 38.11
N GLY D 83 4.57 -30.12 37.01
CA GLY D 83 3.20 -29.55 36.97
C GLY D 83 2.24 -30.22 37.95
N GLU D 84 2.38 -31.53 38.16
CA GLU D 84 1.49 -32.31 39.07
C GLU D 84 1.58 -31.67 40.45
N TRP D 85 2.79 -31.46 40.93
CA TRP D 85 3.08 -31.04 42.32
C TRP D 85 2.68 -29.56 42.41
N GLN D 86 2.84 -28.84 41.31
CA GLN D 86 2.50 -27.39 41.23
C GLN D 86 0.98 -27.23 41.48
N ASN D 87 0.17 -28.16 40.96
CA ASN D 87 -1.29 -28.21 41.20
C ASN D 87 -1.49 -28.33 42.71
N ILE D 88 -0.68 -29.09 43.43
CA ILE D 88 -0.92 -29.20 44.90
C ILE D 88 -0.43 -27.92 45.58
N LEU D 89 0.66 -27.35 45.07
CA LEU D 89 1.31 -26.18 45.69
C LEU D 89 0.38 -24.98 45.60
N LYS D 90 -0.44 -24.87 44.56
CA LYS D 90 -1.18 -23.62 44.27
C LYS D 90 -2.62 -23.68 44.78
N THR D 91 -3.13 -24.87 45.10
CA THR D 91 -4.59 -25.06 45.36
C THR D 91 -5.04 -24.10 46.47
N ASN D 92 -6.18 -23.43 46.28
CA ASN D 92 -6.93 -22.80 47.39
C ASN D 92 -7.60 -23.82 48.29
N GLU D 93 -7.71 -25.11 47.95
CA GLU D 93 -8.59 -26.02 48.75
C GLU D 93 -7.83 -26.46 50.00
N GLU D 94 -8.52 -27.06 50.97
CA GLU D 94 -8.06 -27.10 52.38
C GLU D 94 -7.63 -28.49 52.87
N VAL D 95 -7.98 -29.56 52.17
CA VAL D 95 -7.69 -30.96 52.60
C VAL D 95 -7.09 -31.70 51.41
N ILE D 96 -5.98 -32.38 51.60
CA ILE D 96 -5.28 -33.05 50.49
C ILE D 96 -5.13 -34.51 50.88
N HIS D 97 -5.34 -35.40 49.91
CA HIS D 97 -5.12 -36.85 50.10
C HIS D 97 -3.70 -37.19 49.66
N PHE D 98 -3.05 -38.07 50.42
CA PHE D 98 -1.81 -38.77 50.01
C PHE D 98 -2.18 -40.05 49.21
N PHE D 99 -1.22 -40.98 49.08
CA PHE D 99 -1.19 -42.10 48.11
C PHE D 99 -2.46 -42.95 48.16
N ASN D 100 -3.03 -43.19 46.98
CA ASN D 100 -4.13 -44.17 46.76
C ASN D 100 -3.52 -45.58 46.85
N GLU D 101 -3.87 -46.39 47.84
CA GLU D 101 -3.46 -47.85 47.87
C GLU D 101 -1.98 -47.97 47.47
N PRO D 102 -1.07 -47.38 48.27
CA PRO D 102 0.36 -47.42 47.96
C PRO D 102 0.88 -48.88 47.94
N GLU D 103 0.22 -49.78 48.68
CA GLU D 103 0.64 -51.19 48.89
C GLU D 103 0.42 -52.00 47.59
N ARG D 104 -0.53 -51.62 46.71
CA ARG D 104 -0.71 -52.31 45.40
C ARG D 104 0.13 -51.58 44.34
N ALA D 105 1.06 -50.71 44.72
CA ALA D 105 2.01 -50.01 43.80
C ALA D 105 3.46 -50.19 44.32
N GLY D 106 4.43 -49.45 43.81
CA GLY D 106 5.85 -49.76 44.11
C GLY D 106 6.24 -49.55 45.58
N ILE D 107 5.35 -49.00 46.41
CA ILE D 107 5.70 -47.98 47.44
C ILE D 107 5.73 -48.56 48.85
N SER D 108 6.89 -48.52 49.51
CA SER D 108 7.03 -49.10 50.86
C SER D 108 6.40 -48.11 51.81
N PRO D 109 5.96 -48.59 52.99
CA PRO D 109 5.68 -47.70 54.13
C PRO D 109 6.86 -46.76 54.45
N GLU D 110 8.08 -47.32 54.41
CA GLU D 110 9.34 -46.58 54.66
C GLU D 110 9.43 -45.41 53.67
N GLU D 111 9.27 -45.69 52.37
CA GLU D 111 9.58 -44.64 51.36
C GLU D 111 8.45 -43.60 51.35
N ALA D 112 7.22 -43.99 51.70
CA ALA D 112 6.04 -43.12 51.88
C ALA D 112 6.19 -42.20 53.11
N ALA D 113 6.69 -42.72 54.24
CA ALA D 113 7.10 -41.93 55.43
C ALA D 113 8.15 -40.87 55.06
N LYS D 114 9.06 -41.21 54.15
CA LYS D 114 10.20 -40.35 53.73
C LYS D 114 9.66 -39.28 52.77
N ILE D 115 8.86 -39.65 51.75
CA ILE D 115 8.19 -38.67 50.85
C ILE D 115 7.32 -37.72 51.69
N TRP D 116 6.66 -38.22 52.74
CA TRP D 116 5.77 -37.44 53.65
C TRP D 116 6.59 -36.39 54.39
N ASN D 117 7.55 -36.86 55.17
CA ASN D 117 8.47 -36.03 55.98
C ASN D 117 9.12 -34.95 55.10
N ASP D 118 9.58 -35.32 53.90
CA ASP D 118 10.50 -34.50 53.07
C ASP D 118 9.76 -33.68 52.03
N GLN D 119 8.44 -33.81 51.85
CA GLN D 119 7.76 -32.97 50.84
C GLN D 119 6.28 -32.75 51.21
N VAL D 120 5.61 -33.69 51.84
CA VAL D 120 4.13 -33.51 52.05
C VAL D 120 3.88 -32.72 53.35
N LEU D 121 4.61 -32.98 54.45
CA LEU D 121 4.44 -32.22 55.72
C LEU D 121 4.43 -30.71 55.49
N ALA D 122 5.21 -30.23 54.52
CA ALA D 122 5.31 -28.79 54.19
C ALA D 122 3.92 -28.24 53.87
N LEU D 123 3.06 -29.02 53.22
CA LEU D 123 1.69 -28.54 52.87
C LEU D 123 0.92 -28.09 54.13
N ARG D 124 1.21 -28.69 55.29
CA ARG D 124 0.64 -28.33 56.60
C ARG D 124 1.52 -27.24 57.23
N THR D 125 2.79 -27.55 57.52
CA THR D 125 3.64 -26.64 58.35
C THR D 125 3.65 -25.28 57.67
N SER D 126 3.70 -25.24 56.36
CA SER D 126 3.89 -24.01 55.55
C SER D 126 2.60 -23.60 54.83
N HIS D 127 1.82 -24.55 54.30
CA HIS D 127 0.61 -24.13 53.53
C HIS D 127 -0.66 -24.29 54.40
N HIS D 128 -0.57 -24.82 55.61
CA HIS D 128 -1.70 -24.88 56.58
C HIS D 128 -2.87 -25.67 55.96
N LYS D 129 -2.56 -26.72 55.20
CA LYS D 129 -3.57 -27.67 54.64
C LYS D 129 -3.63 -28.88 55.54
N ARG D 130 -4.84 -29.40 55.72
CA ARG D 130 -5.02 -30.66 56.50
C ARG D 130 -4.69 -31.84 55.56
N LEU D 131 -4.16 -32.95 56.10
CA LEU D 131 -3.64 -34.06 55.26
C LEU D 131 -4.34 -35.37 55.64
N VAL D 132 -4.83 -36.08 54.62
CA VAL D 132 -5.30 -37.49 54.79
C VAL D 132 -4.13 -38.43 54.57
N SER D 133 -3.98 -39.44 55.45
CA SER D 133 -3.10 -40.61 55.23
C SER D 133 -3.32 -41.17 53.82
N PRO D 134 -2.35 -41.96 53.33
CA PRO D 134 -2.62 -42.90 52.26
C PRO D 134 -3.87 -43.69 52.64
N SER D 135 -4.74 -43.91 51.67
CA SER D 135 -5.95 -44.75 51.76
C SER D 135 -5.62 -46.15 51.22
N CYS D 136 -5.37 -47.11 52.10
CA CYS D 136 -5.12 -48.55 51.73
C CYS D 136 -6.44 -49.35 51.68
N ALA D 137 -6.43 -50.45 50.90
CA ALA D 137 -7.47 -51.51 50.88
C ALA D 137 -7.66 -52.13 52.28
N SER D 138 -8.82 -52.78 52.54
CA SER D 138 -9.19 -53.36 53.86
C SER D 138 -8.72 -54.82 54.01
N ASP D 139 -7.88 -55.31 53.09
CA ASP D 139 -7.31 -56.68 53.15
C ASP D 139 -6.13 -56.66 54.10
N PRO D 140 -5.58 -57.84 54.49
CA PRO D 140 -4.49 -57.89 55.48
C PRO D 140 -3.25 -57.06 55.08
N ALA D 141 -2.93 -57.03 53.78
CA ALA D 141 -1.87 -56.22 53.16
C ALA D 141 -2.10 -54.70 53.39
N GLY D 142 -3.30 -54.19 53.07
CA GLY D 142 -3.66 -52.77 53.29
C GLY D 142 -3.57 -52.42 54.76
N ILE D 143 -4.09 -53.29 55.61
CA ILE D 143 -4.12 -53.10 57.10
C ILE D 143 -2.71 -53.10 57.67
N ALA D 144 -1.85 -54.02 57.22
CA ALA D 144 -0.40 -54.04 57.59
C ALA D 144 0.26 -52.75 57.09
N TRP D 145 0.03 -52.35 55.84
CA TRP D 145 0.77 -51.22 55.21
C TRP D 145 0.55 -49.95 56.05
N ILE D 146 -0.72 -49.65 56.34
CA ILE D 146 -1.14 -48.41 57.06
C ILE D 146 -0.74 -48.51 58.55
N LYS D 147 -0.70 -49.70 59.14
CA LYS D 147 -0.26 -49.88 60.55
C LYS D 147 1.22 -49.46 60.67
N LYS D 148 2.06 -49.82 59.68
CA LYS D 148 3.51 -49.47 59.73
C LYS D 148 3.69 -47.98 59.47
N TRP D 149 3.14 -47.43 58.37
CA TRP D 149 3.27 -45.99 57.99
C TRP D 149 2.83 -45.10 59.16
N MET D 150 1.73 -45.43 59.84
CA MET D 150 1.21 -44.61 60.97
C MET D 150 2.21 -44.64 62.13
N ASN D 151 2.82 -45.79 62.42
CA ASN D 151 3.90 -45.88 63.44
C ASN D 151 5.08 -45.00 62.99
N LEU D 152 5.50 -45.06 61.72
CA LEU D 152 6.70 -44.35 61.19
C LEU D 152 6.54 -42.82 61.24
N VAL D 153 5.35 -42.30 60.90
CA VAL D 153 5.08 -40.84 60.84
C VAL D 153 4.41 -40.38 62.15
N ALA D 154 4.36 -41.20 63.19
CA ALA D 154 3.55 -40.96 64.41
C ALA D 154 3.89 -39.58 65.00
N LYS D 155 5.14 -39.11 64.85
CA LYS D 155 5.59 -37.83 65.40
C LYS D 155 5.05 -36.69 64.53
N ASN D 156 4.69 -36.97 63.26
CA ASN D 156 3.95 -35.99 62.40
C ASN D 156 2.76 -36.65 61.73
N PRO D 157 1.71 -37.01 62.50
CA PRO D 157 0.66 -37.88 62.01
C PRO D 157 -0.32 -37.09 61.15
N PRO D 158 -1.09 -37.81 60.30
CA PRO D 158 -2.00 -37.14 59.37
C PRO D 158 -3.16 -36.53 60.14
N ASP D 159 -3.88 -35.62 59.52
CA ASP D 159 -5.12 -35.07 60.11
C ASP D 159 -6.21 -36.13 60.10
N TYR D 160 -6.22 -36.99 59.08
CA TYR D 160 -7.31 -37.97 58.89
C TYR D 160 -6.71 -39.30 58.44
N LEU D 161 -7.29 -40.39 58.93
CA LEU D 161 -7.06 -41.80 58.46
C LEU D 161 -7.95 -42.08 57.25
N GLY D 162 -7.35 -42.20 56.06
CA GLY D 162 -8.04 -42.62 54.84
C GLY D 162 -8.23 -44.15 54.82
N LEU D 163 -9.47 -44.61 54.56
CA LEU D 163 -9.82 -46.05 54.42
C LEU D 163 -10.61 -46.29 53.13
N HIS D 164 -10.42 -47.46 52.55
CA HIS D 164 -11.27 -48.04 51.48
C HIS D 164 -12.00 -49.21 52.15
N TRP D 165 -13.23 -49.51 51.74
CA TRP D 165 -13.94 -50.74 52.15
C TRP D 165 -14.91 -51.10 51.04
N TYR D 166 -14.88 -52.37 50.60
CA TYR D 166 -15.77 -52.96 49.57
C TYR D 166 -16.22 -54.33 50.03
N GLY D 167 -17.50 -54.67 49.90
CA GLY D 167 -18.01 -55.93 50.45
C GLY D 167 -19.51 -56.03 50.33
N THR D 168 -20.08 -57.09 50.89
CA THR D 168 -21.51 -57.39 50.74
C THR D 168 -22.22 -57.18 52.09
N LYS D 169 -21.50 -57.21 53.20
CA LYS D 169 -22.13 -57.16 54.55
C LYS D 169 -21.91 -55.81 55.24
N GLY D 170 -22.98 -55.02 55.33
CA GLY D 170 -23.04 -53.82 56.17
C GLY D 170 -22.37 -54.05 57.53
N ASP D 171 -22.76 -55.08 58.26
CA ASP D 171 -22.18 -55.32 59.61
C ASP D 171 -20.64 -55.43 59.52
N GLU D 172 -20.10 -55.99 58.44
CA GLU D 172 -18.62 -56.17 58.29
C GLU D 172 -17.94 -54.79 58.10
N MET D 173 -18.49 -53.91 57.24
CA MET D 173 -17.92 -52.55 57.05
C MET D 173 -17.87 -51.84 58.41
N ILE D 174 -18.97 -51.93 59.17
CA ILE D 174 -19.10 -51.32 60.53
C ILE D 174 -17.98 -51.90 61.41
N ARG D 175 -17.85 -53.24 61.50
CA ARG D 175 -16.84 -53.84 62.40
C ARG D 175 -15.47 -53.31 61.95
N TYR D 176 -15.23 -53.21 60.66
CA TYR D 176 -13.93 -52.74 60.13
C TYR D 176 -13.68 -51.30 60.60
N LEU D 177 -14.66 -50.41 60.45
CA LEU D 177 -14.44 -49.00 60.82
C LEU D 177 -14.11 -48.93 62.32
N GLU D 178 -14.84 -49.68 63.14
CA GLU D 178 -14.68 -49.64 64.61
C GLU D 178 -13.30 -50.17 65.00
N SER D 179 -12.86 -51.26 64.36
CA SER D 179 -11.56 -51.95 64.58
C SER D 179 -10.40 -50.99 64.27
N MET D 180 -10.47 -50.32 63.12
CA MET D 180 -9.45 -49.35 62.64
C MET D 180 -9.43 -48.08 63.51
N HIS D 181 -10.57 -47.58 64.01
CA HIS D 181 -10.69 -46.42 64.95
C HIS D 181 -10.11 -46.76 66.35
N LYS D 182 -9.99 -48.06 66.66
CA LYS D 182 -9.32 -48.57 67.90
C LYS D 182 -7.80 -48.68 67.66
N GLU D 183 -7.36 -49.14 66.49
CA GLU D 183 -5.93 -49.28 66.08
C GLU D 183 -5.34 -47.86 65.92
N HIS D 184 -6.16 -46.89 65.54
CA HIS D 184 -5.77 -45.52 65.17
C HIS D 184 -6.81 -44.54 65.73
N PRO D 185 -6.90 -44.42 67.07
CA PRO D 185 -7.91 -43.58 67.74
C PRO D 185 -7.63 -42.07 67.77
N HIS D 186 -6.44 -41.66 67.31
CA HIS D 186 -5.90 -40.29 67.51
C HIS D 186 -6.29 -39.36 66.36
N GLN D 187 -7.11 -39.76 65.38
CA GLN D 187 -7.56 -38.85 64.30
C GLN D 187 -8.90 -39.32 63.74
N PRO D 188 -9.74 -38.42 63.20
CA PRO D 188 -10.99 -38.84 62.60
C PRO D 188 -10.76 -39.74 61.37
N ILE D 189 -11.79 -40.42 60.87
CA ILE D 189 -11.66 -41.31 59.68
C ILE D 189 -12.39 -40.68 58.49
N ILE D 190 -11.74 -40.74 57.32
CA ILE D 190 -12.35 -40.48 55.99
C ILE D 190 -12.39 -41.83 55.23
N VAL D 191 -13.60 -42.34 54.98
CA VAL D 191 -13.80 -43.46 54.02
C VAL D 191 -13.74 -42.90 52.60
N SER D 192 -12.52 -42.89 52.06
CA SER D 192 -12.16 -42.21 50.78
C SER D 192 -12.76 -42.97 49.61
N GLU D 193 -12.95 -44.30 49.71
CA GLU D 193 -13.80 -45.08 48.77
C GLU D 193 -14.56 -46.21 49.49
N TRP D 194 -15.83 -46.39 49.16
CA TRP D 194 -16.58 -47.57 49.61
C TRP D 194 -17.78 -47.86 48.69
N ALA D 195 -18.24 -49.12 48.69
CA ALA D 195 -19.48 -49.54 47.98
C ALA D 195 -19.85 -50.94 48.42
N SER D 196 -21.13 -51.30 48.26
CA SER D 196 -21.57 -52.72 48.17
C SER D 196 -20.97 -53.32 46.90
N THR D 197 -20.38 -54.51 47.02
CA THR D 197 -20.00 -55.36 45.86
C THR D 197 -21.07 -56.42 45.57
N SER D 198 -22.19 -56.40 46.29
CA SER D 198 -23.36 -57.30 46.09
C SER D 198 -23.86 -57.23 44.64
N ARG D 199 -24.25 -58.36 44.03
CA ARG D 199 -24.94 -58.33 42.72
C ARG D 199 -26.47 -58.28 42.92
N SER D 200 -26.93 -58.38 44.15
CA SER D 200 -28.35 -58.15 44.57
C SER D 200 -28.63 -56.65 44.85
N TYR D 201 -29.43 -55.97 44.01
CA TYR D 201 -29.74 -54.53 44.18
C TYR D 201 -30.36 -54.29 45.57
N PRO D 202 -31.36 -55.08 46.03
CA PRO D 202 -31.89 -54.90 47.37
C PRO D 202 -30.77 -54.90 48.42
N ASP D 203 -29.76 -55.76 48.28
CA ASP D 203 -28.64 -55.79 49.24
C ASP D 203 -27.69 -54.61 48.99
N VAL D 204 -27.49 -54.13 47.75
CA VAL D 204 -26.67 -52.92 47.47
C VAL D 204 -27.29 -51.72 48.22
N LEU D 205 -28.59 -51.47 47.99
CA LEU D 205 -29.38 -50.35 48.56
C LEU D 205 -29.40 -50.51 50.09
N GLY D 206 -29.65 -51.72 50.54
CA GLY D 206 -29.79 -52.02 51.98
C GLY D 206 -28.50 -51.68 52.69
N LEU D 207 -27.37 -52.15 52.14
CA LEU D 207 -26.06 -51.86 52.74
C LEU D 207 -25.80 -50.33 52.70
N THR D 208 -26.02 -49.68 51.54
CA THR D 208 -25.64 -48.27 51.30
C THR D 208 -26.43 -47.42 52.27
N VAL D 209 -27.73 -47.71 52.39
CA VAL D 209 -28.62 -47.07 53.38
C VAL D 209 -28.04 -47.27 54.80
N GLN D 210 -27.69 -48.49 55.17
CA GLN D 210 -27.35 -48.79 56.59
C GLN D 210 -26.08 -48.00 56.93
N LEU D 211 -25.11 -48.05 56.02
CA LEU D 211 -23.77 -47.47 56.33
C LEU D 211 -23.84 -45.95 56.25
N ALA D 212 -24.59 -45.37 55.30
CA ALA D 212 -24.75 -43.90 55.20
C ALA D 212 -25.33 -43.40 56.53
N ASN D 213 -26.38 -44.05 57.04
CA ASN D 213 -27.07 -43.55 58.26
C ASN D 213 -26.18 -43.77 59.47
N TRP D 214 -25.38 -44.85 59.43
CA TRP D 214 -24.50 -45.23 60.57
C TRP D 214 -23.29 -44.32 60.61
N MET D 215 -22.75 -43.94 59.46
CA MET D 215 -21.59 -43.04 59.45
C MET D 215 -22.07 -41.59 59.72
N ASP D 216 -23.22 -41.18 59.18
CA ASP D 216 -23.90 -39.90 59.53
C ASP D 216 -23.98 -39.77 61.05
N SER D 217 -24.22 -40.85 61.79
CA SER D 217 -24.47 -40.79 63.27
C SER D 217 -23.19 -40.97 64.06
N THR D 218 -22.04 -41.17 63.42
CA THR D 218 -20.78 -41.56 64.10
C THR D 218 -19.89 -40.32 64.05
N PRO D 219 -19.66 -39.58 65.16
CA PRO D 219 -18.93 -38.32 65.06
C PRO D 219 -17.47 -38.53 64.55
N TRP D 220 -16.81 -39.63 64.92
CA TRP D 220 -15.40 -39.82 64.50
C TRP D 220 -15.30 -40.17 63.01
N VAL D 221 -16.40 -40.27 62.26
CA VAL D 221 -16.29 -40.40 60.78
C VAL D 221 -16.52 -39.01 60.18
N ALA D 222 -15.49 -38.43 59.58
CA ALA D 222 -15.57 -37.04 59.08
C ALA D 222 -16.31 -37.01 57.74
N GLU D 223 -16.00 -37.91 56.82
CA GLU D 223 -16.74 -37.93 55.53
C GLU D 223 -16.54 -39.31 54.90
N TYR D 224 -17.37 -39.62 53.90
CA TYR D 224 -17.41 -40.96 53.26
C TYR D 224 -17.82 -40.75 51.83
N ALA D 225 -17.28 -41.60 50.97
CA ALA D 225 -17.26 -41.38 49.50
C ALA D 225 -17.73 -42.65 48.80
N LEU D 226 -18.98 -42.66 48.37
CA LEU D 226 -19.57 -43.83 47.72
C LEU D 226 -19.02 -43.93 46.30
N PHE D 227 -18.47 -45.11 45.95
CA PHE D 227 -17.91 -45.38 44.60
C PHE D 227 -19.00 -45.78 43.58
N GLY D 228 -18.82 -45.35 42.33
CA GLY D 228 -19.54 -45.93 41.18
C GLY D 228 -20.12 -44.90 40.22
N CYS D 229 -19.80 -43.60 40.36
CA CYS D 229 -20.44 -42.54 39.53
C CYS D 229 -19.64 -42.35 38.24
N MET D 230 -19.76 -43.29 37.31
CA MET D 230 -19.00 -43.30 36.05
C MET D 230 -19.76 -44.22 35.08
N ARG D 231 -19.59 -43.99 33.79
CA ARG D 231 -20.41 -44.60 32.72
C ARG D 231 -20.08 -46.09 32.54
N GLN D 232 -18.85 -46.51 32.87
CA GLN D 232 -18.33 -47.88 32.66
C GLN D 232 -17.89 -48.47 34.00
N MET D 233 -18.02 -49.77 34.14
CA MET D 233 -17.54 -50.53 35.32
C MET D 233 -16.03 -50.27 35.45
N ALA D 234 -15.55 -50.07 36.66
CA ALA D 234 -14.14 -49.64 36.91
C ALA D 234 -13.26 -50.88 36.88
N ASP D 235 -13.84 -52.02 37.21
CA ASP D 235 -13.14 -53.32 37.21
C ASP D 235 -14.25 -54.35 37.20
N ASP D 236 -13.87 -55.63 37.31
CA ASP D 236 -14.79 -56.76 37.52
C ASP D 236 -15.22 -56.83 38.99
N PHE D 237 -14.51 -56.19 39.92
CA PHE D 237 -14.72 -56.38 41.40
C PHE D 237 -15.97 -55.64 41.90
N VAL D 238 -16.12 -54.39 41.53
CA VAL D 238 -17.35 -53.59 41.91
C VAL D 238 -18.59 -54.19 41.23
N SER D 239 -19.79 -53.93 41.76
CA SER D 239 -21.08 -54.45 41.24
C SER D 239 -21.70 -53.50 40.21
N PRO D 240 -22.18 -54.04 39.06
CA PRO D 240 -23.04 -53.26 38.18
C PRO D 240 -24.31 -52.69 38.84
N GLU D 241 -24.78 -53.35 39.91
CA GLU D 241 -26.00 -52.91 40.65
C GLU D 241 -25.66 -51.72 41.57
N ALA D 242 -24.39 -51.49 41.91
CA ALA D 242 -23.89 -50.34 42.74
C ALA D 242 -23.59 -49.10 41.88
N GLN D 243 -23.77 -49.13 40.58
CA GLN D 243 -23.41 -47.97 39.74
C GLN D 243 -24.26 -46.76 40.13
N LEU D 244 -23.65 -45.57 40.05
CA LEU D 244 -24.28 -44.29 40.40
C LEU D 244 -24.59 -43.51 39.14
N MET D 245 -24.12 -43.98 37.99
CA MET D 245 -24.35 -43.36 36.66
C MET D 245 -24.69 -44.46 35.64
N ASN D 246 -25.60 -44.21 34.70
CA ASN D 246 -25.95 -45.15 33.60
C ASN D 246 -24.94 -44.92 32.48
N LYS D 247 -24.99 -45.72 31.41
CA LYS D 247 -24.07 -45.64 30.26
C LYS D 247 -24.29 -44.32 29.51
N ASP D 248 -25.42 -43.65 29.68
CA ASP D 248 -25.63 -42.35 28.98
C ASP D 248 -25.25 -41.18 29.90
N GLY D 249 -24.68 -41.44 31.07
CA GLY D 249 -24.25 -40.37 31.99
C GLY D 249 -25.39 -39.84 32.87
N SER D 250 -26.61 -40.41 32.78
CA SER D 250 -27.77 -40.12 33.66
C SER D 250 -27.44 -40.77 35.01
N PHE D 251 -27.96 -40.23 36.12
CA PHE D 251 -27.73 -40.76 37.49
C PHE D 251 -28.72 -41.88 37.78
N THR D 252 -28.29 -42.87 38.57
CA THR D 252 -29.17 -43.99 38.98
C THR D 252 -29.94 -43.60 40.24
N ASP D 253 -30.90 -44.42 40.59
CA ASP D 253 -31.71 -44.15 41.80
C ASP D 253 -30.83 -44.20 43.04
N LEU D 254 -29.86 -45.11 43.07
CA LEU D 254 -28.93 -45.19 44.24
C LEU D 254 -28.25 -43.83 44.44
N MET D 255 -27.87 -43.18 43.33
CA MET D 255 -27.16 -41.90 43.29
C MET D 255 -28.11 -40.80 43.82
N TRP D 256 -29.35 -40.79 43.33
CA TRP D 256 -30.37 -39.79 43.73
C TRP D 256 -30.50 -39.84 45.25
N LYS D 257 -30.68 -41.04 45.78
CA LYS D 257 -30.81 -41.23 47.25
C LYS D 257 -29.55 -40.78 47.98
N TYR D 258 -28.36 -41.13 47.49
CA TYR D 258 -27.06 -40.82 48.15
C TYR D 258 -26.86 -39.29 48.27
N MET D 259 -27.20 -38.54 47.22
CA MET D 259 -26.98 -37.10 47.12
C MET D 259 -28.20 -36.30 47.59
N SER D 260 -29.33 -36.95 47.86
CA SER D 260 -30.58 -36.23 48.21
C SER D 260 -31.12 -36.54 49.61
N ASP D 261 -30.94 -37.73 50.18
CA ASP D 261 -31.79 -38.24 51.30
C ASP D 261 -30.96 -38.37 52.57
N GLN D 262 -31.34 -37.64 53.63
CA GLN D 262 -30.68 -37.76 54.96
C GLN D 262 -31.75 -37.69 56.04
N PRO D 263 -32.13 -38.81 56.68
CA PRO D 263 -31.46 -40.10 56.45
C PRO D 263 -31.81 -40.75 55.11
N MET D 264 -30.93 -41.66 54.69
CA MET D 264 -31.16 -42.51 53.49
C MET D 264 -32.23 -43.54 53.85
N HIS D 265 -33.02 -43.97 52.87
CA HIS D 265 -34.03 -45.03 53.05
C HIS D 265 -34.16 -45.84 51.76
N ILE D 266 -34.86 -46.98 51.84
CA ILE D 266 -35.16 -47.99 50.77
C ILE D 266 -36.04 -47.39 49.68
N SER E 19 16.45 31.60 -73.73
CA SER E 19 16.84 32.78 -72.90
C SER E 19 17.15 32.41 -71.43
N HIS E 20 16.16 31.88 -70.68
CA HIS E 20 16.31 31.36 -69.29
C HIS E 20 16.82 29.89 -69.51
N MET E 21 17.90 29.39 -68.88
CA MET E 21 17.94 27.93 -68.60
C MET E 21 16.63 27.61 -67.87
N VAL E 22 15.88 26.58 -68.28
CA VAL E 22 14.58 26.21 -67.63
C VAL E 22 14.87 25.25 -66.47
N LYS E 23 14.38 25.56 -65.29
CA LYS E 23 14.75 24.89 -64.02
C LYS E 23 13.50 24.48 -63.26
N LYS E 24 12.97 23.31 -63.61
CA LYS E 24 11.72 22.73 -63.09
C LYS E 24 12.02 21.41 -62.36
N ARG E 25 13.27 21.01 -62.19
CA ARG E 25 13.54 19.59 -61.86
C ARG E 25 13.73 19.43 -60.36
N VAL E 26 13.08 18.43 -59.79
CA VAL E 26 13.17 18.13 -58.34
C VAL E 26 14.15 17.00 -58.15
N LEU E 27 14.93 17.10 -57.08
CA LEU E 27 15.79 16.00 -56.63
C LEU E 27 15.01 15.21 -55.59
N LEU E 28 14.52 14.01 -55.94
CA LEU E 28 13.94 13.08 -54.95
C LEU E 28 15.10 12.41 -54.24
N TRP E 29 15.14 12.53 -52.92
CA TRP E 29 16.29 12.13 -52.07
C TRP E 29 15.78 11.21 -50.99
N ASP E 30 15.60 9.95 -51.35
CA ASP E 30 15.13 8.90 -50.44
C ASP E 30 15.95 8.99 -49.16
N TYR E 31 15.36 8.67 -48.02
CA TYR E 31 16.06 8.72 -46.71
C TYR E 31 17.23 7.74 -46.67
N THR E 32 17.15 6.65 -47.43
CA THR E 32 18.24 5.63 -47.45
C THR E 32 19.53 6.28 -47.90
N ASN E 33 19.47 7.27 -48.77
CA ASN E 33 20.64 8.13 -49.08
C ASN E 33 21.21 8.80 -47.82
N THR E 34 20.37 9.48 -47.04
CA THR E 34 20.74 10.16 -45.77
C THR E 34 21.35 9.11 -44.81
N ARG E 35 20.77 7.91 -44.76
CA ARG E 35 21.18 6.86 -43.77
C ARG E 35 22.57 6.31 -44.13
N ASP E 36 22.84 6.14 -45.43
CA ASP E 36 23.97 5.31 -45.92
C ASP E 36 25.00 6.12 -46.70
N VAL E 37 24.61 7.01 -47.62
CA VAL E 37 25.56 7.68 -48.56
C VAL E 37 25.31 9.21 -48.60
N LYS E 38 25.23 9.86 -47.43
CA LYS E 38 25.11 11.36 -47.29
C LYS E 38 26.03 12.11 -48.29
N TRP E 39 27.30 11.70 -48.34
CA TRP E 39 28.36 12.23 -49.23
C TRP E 39 27.84 12.38 -50.67
N ALA E 40 26.81 11.64 -51.11
CA ALA E 40 26.45 11.68 -52.55
C ALA E 40 25.82 13.03 -52.89
N MET E 41 25.18 13.67 -51.90
CA MET E 41 24.57 15.03 -52.07
C MET E 41 25.62 16.01 -52.62
N ASP E 42 26.88 15.84 -52.19
CA ASP E 42 28.00 16.77 -52.54
C ASP E 42 28.36 16.57 -54.01
N LYS E 43 27.91 15.48 -54.63
CA LYS E 43 28.25 15.22 -56.04
C LYS E 43 27.13 15.72 -56.96
N ILE E 44 26.03 16.23 -56.41
CA ILE E 44 24.90 16.68 -57.26
C ILE E 44 25.38 17.87 -58.06
N ASN E 45 24.83 18.06 -59.23
CA ASN E 45 25.10 19.24 -60.04
C ASN E 45 24.02 20.24 -59.61
N PHE E 46 24.41 21.27 -58.85
CA PHE E 46 23.48 22.33 -58.37
C PHE E 46 23.38 23.48 -59.37
N LYS E 47 24.09 23.47 -60.50
CA LYS E 47 24.12 24.61 -61.47
C LYS E 47 23.29 24.32 -62.72
N GLY E 48 22.64 23.16 -62.80
CA GLY E 48 21.81 22.80 -63.94
C GLY E 48 20.35 23.05 -63.63
N PRO E 49 19.46 22.28 -64.28
CA PRO E 49 18.01 22.44 -64.09
C PRO E 49 17.34 21.89 -62.82
N LEU E 50 18.06 21.35 -61.85
CA LEU E 50 17.49 21.07 -60.52
C LEU E 50 17.07 22.41 -59.89
N HIS E 51 15.94 22.49 -59.21
CA HIS E 51 15.59 23.74 -58.52
C HIS E 51 14.96 23.48 -57.16
N SER E 52 14.71 22.23 -56.81
CA SER E 52 14.16 21.86 -55.47
C SER E 52 14.48 20.41 -55.12
N CYS E 53 14.14 20.02 -53.90
CA CYS E 53 14.47 18.70 -53.34
C CYS E 53 13.31 18.27 -52.42
N SER E 54 12.95 16.98 -52.42
CA SER E 54 11.98 16.41 -51.45
C SER E 54 12.48 15.02 -51.05
N ASN E 55 12.02 14.54 -49.89
CA ASN E 55 12.48 13.22 -49.38
C ASN E 55 11.32 12.45 -48.75
N TRP E 56 10.07 12.74 -49.13
CA TRP E 56 8.86 12.07 -48.55
C TRP E 56 8.79 12.26 -47.02
N ASN E 57 9.60 13.14 -46.42
CA ASN E 57 9.54 13.32 -44.95
C ASN E 57 9.31 14.79 -44.61
N THR E 58 9.14 15.04 -43.32
CA THR E 58 8.91 16.37 -42.73
C THR E 58 10.26 16.99 -42.41
N TRP E 59 11.25 16.14 -42.09
CA TRP E 59 12.61 16.55 -41.67
C TRP E 59 13.46 16.86 -42.89
N TYR E 60 14.37 17.79 -42.66
CA TYR E 60 15.35 18.39 -43.59
C TYR E 60 16.56 17.47 -43.72
N PRO E 61 16.97 17.15 -44.96
CA PRO E 61 18.18 16.36 -45.17
C PRO E 61 19.39 17.31 -45.06
N ASP E 62 20.10 17.20 -43.94
CA ASP E 62 21.16 18.17 -43.55
C ASP E 62 22.24 18.24 -44.63
N GLU E 63 22.49 17.11 -45.31
CA GLU E 63 23.50 17.08 -46.37
C GLU E 63 23.09 18.07 -47.46
N LEU E 64 21.81 18.40 -47.67
CA LEU E 64 21.45 19.37 -48.74
C LEU E 64 22.18 20.73 -48.53
N LYS E 65 22.49 21.08 -47.30
CA LYS E 65 23.06 22.41 -46.90
C LYS E 65 22.39 23.57 -47.68
N HIS E 66 21.08 23.57 -47.76
CA HIS E 66 20.28 24.68 -48.32
C HIS E 66 20.61 24.98 -49.78
N ARG E 67 21.22 24.05 -50.53
CA ARG E 67 21.63 24.33 -51.94
C ARG E 67 20.45 24.35 -52.90
N LEU E 68 19.32 23.78 -52.48
CA LEU E 68 18.05 23.81 -53.23
C LEU E 68 16.98 24.03 -52.18
N PRO E 69 15.87 24.65 -52.57
CA PRO E 69 14.68 24.63 -51.74
C PRO E 69 14.28 23.19 -51.40
N PHE E 70 13.88 22.93 -50.14
CA PHE E 70 13.36 21.61 -49.69
C PHE E 70 11.82 21.71 -49.53
N ARG E 71 11.03 20.77 -50.09
CA ARG E 71 9.57 20.64 -49.83
C ARG E 71 9.31 19.54 -48.82
N PRO E 72 9.06 19.91 -47.55
CA PRO E 72 8.67 18.96 -46.54
C PRO E 72 7.35 18.33 -46.99
N MET E 73 7.12 17.12 -46.47
CA MET E 73 5.93 16.36 -46.86
C MET E 73 5.28 15.83 -45.60
N ILE E 74 3.98 15.98 -45.54
CA ILE E 74 3.08 15.29 -44.56
C ILE E 74 2.65 13.97 -45.22
N HIS E 75 3.48 12.92 -45.07
CA HIS E 75 3.41 11.62 -45.82
C HIS E 75 2.06 10.90 -45.56
N GLY E 76 1.76 10.67 -44.28
CA GLY E 76 0.55 9.99 -43.80
C GLY E 76 0.20 10.37 -42.37
N LYS E 77 -0.51 9.50 -41.65
CA LYS E 77 -1.10 9.85 -40.34
C LYS E 77 -0.03 9.89 -39.24
N ASN E 78 1.14 9.28 -39.43
CA ASN E 78 2.28 9.34 -38.49
C ASN E 78 2.92 10.75 -38.45
N ASN E 79 2.49 11.67 -39.33
CA ASN E 79 3.16 12.96 -39.63
C ASN E 79 2.31 14.15 -39.19
N LEU E 80 1.30 13.93 -38.35
CA LEU E 80 0.32 14.95 -37.93
C LEU E 80 0.57 15.35 -36.49
N THR E 81 1.57 14.76 -35.83
CA THR E 81 1.79 14.98 -34.36
C THR E 81 3.26 14.92 -33.99
N GLY E 82 3.52 15.14 -32.70
CA GLY E 82 4.84 14.99 -32.04
C GLY E 82 5.88 15.82 -32.76
N GLY E 83 7.11 15.31 -32.81
CA GLY E 83 8.22 15.96 -33.52
C GLY E 83 7.88 16.20 -34.99
N GLU E 84 7.30 15.21 -35.66
CA GLU E 84 6.95 15.28 -37.10
C GLU E 84 6.20 16.59 -37.40
N TRP E 85 5.23 16.98 -36.56
CA TRP E 85 4.36 18.14 -36.88
C TRP E 85 5.10 19.45 -36.57
N GLN E 86 5.94 19.42 -35.54
CA GLN E 86 6.78 20.55 -35.10
C GLN E 86 7.75 20.81 -36.27
N ASN E 87 8.21 19.77 -36.99
CA ASN E 87 9.09 19.98 -38.17
C ASN E 87 8.31 20.82 -39.19
N ILE E 88 7.04 20.50 -39.39
CA ILE E 88 6.17 21.24 -40.35
C ILE E 88 5.90 22.66 -39.83
N LEU E 89 5.76 22.84 -38.52
CA LEU E 89 5.35 24.15 -37.96
C LEU E 89 6.53 25.13 -38.02
N LYS E 90 7.77 24.62 -37.98
CA LYS E 90 8.99 25.41 -37.71
C LYS E 90 9.75 25.68 -39.01
N THR E 91 9.35 25.08 -40.12
CA THR E 91 10.13 25.15 -41.38
C THR E 91 10.05 26.55 -42.01
N ASN E 92 11.16 27.03 -42.54
CA ASN E 92 11.21 28.26 -43.36
C ASN E 92 10.88 27.98 -44.81
N GLU E 93 10.82 26.71 -45.21
CA GLU E 93 10.57 26.42 -46.63
C GLU E 93 9.15 26.81 -46.95
N GLU E 94 8.89 27.07 -48.21
CA GLU E 94 7.68 27.77 -48.68
C GLU E 94 6.64 26.81 -49.24
N VAL E 95 6.98 25.56 -49.58
CA VAL E 95 6.01 24.63 -50.23
C VAL E 95 5.99 23.31 -49.47
N ILE E 96 4.79 22.86 -49.12
CA ILE E 96 4.59 21.65 -48.26
C ILE E 96 3.59 20.71 -48.97
N HIS E 97 4.00 19.43 -49.04
CA HIS E 97 3.23 18.32 -49.65
C HIS E 97 2.34 17.71 -48.57
N PHE E 98 1.10 17.39 -48.95
CA PHE E 98 0.20 16.50 -48.17
C PHE E 98 0.46 15.03 -48.56
N PHE E 99 -0.47 14.15 -48.20
CA PHE E 99 -0.37 12.69 -48.05
C PHE E 99 0.15 12.02 -49.33
N ASN E 100 1.08 11.08 -49.12
CA ASN E 100 1.62 10.24 -50.21
C ASN E 100 0.69 9.05 -50.48
N GLU E 101 0.07 9.00 -51.66
CA GLU E 101 -0.78 7.84 -52.08
C GLU E 101 -1.74 7.47 -50.96
N PRO E 102 -2.55 8.42 -50.43
CA PRO E 102 -3.42 8.18 -49.28
C PRO E 102 -4.42 7.06 -49.58
N GLU E 103 -4.86 6.95 -50.84
CA GLU E 103 -5.80 5.87 -51.28
C GLU E 103 -5.17 4.50 -51.04
N ARG E 104 -3.86 4.37 -50.85
CA ARG E 104 -3.23 3.03 -50.62
C ARG E 104 -2.90 2.87 -49.15
N ALA E 105 -3.24 3.83 -48.30
CA ALA E 105 -2.77 3.86 -46.91
C ALA E 105 -3.98 3.83 -45.97
N GLY E 106 -5.16 3.61 -46.56
CA GLY E 106 -6.42 3.43 -45.84
C GLY E 106 -6.95 4.75 -45.34
N ILE E 107 -6.64 5.82 -46.07
CA ILE E 107 -7.09 7.20 -45.76
C ILE E 107 -8.16 7.62 -46.78
N SER E 108 -9.38 7.84 -46.30
CA SER E 108 -10.52 8.22 -47.17
C SER E 108 -10.37 9.69 -47.56
N PRO E 109 -10.89 10.12 -48.74
CA PRO E 109 -10.96 11.53 -49.07
C PRO E 109 -11.54 12.31 -47.89
N GLU E 110 -12.59 11.77 -47.25
CA GLU E 110 -13.34 12.48 -46.16
C GLU E 110 -12.41 12.65 -44.96
N GLU E 111 -11.72 11.62 -44.51
CA GLU E 111 -10.75 11.78 -43.39
C GLU E 111 -9.67 12.82 -43.78
N ALA E 112 -9.14 12.82 -45.00
CA ALA E 112 -8.02 13.69 -45.45
C ALA E 112 -8.55 15.13 -45.58
N ALA E 113 -9.75 15.26 -46.14
CA ALA E 113 -10.46 16.55 -46.24
C ALA E 113 -10.59 17.21 -44.86
N LYS E 114 -10.89 16.42 -43.82
CA LYS E 114 -11.04 16.89 -42.41
C LYS E 114 -9.66 17.21 -41.82
N ILE E 115 -8.63 16.40 -42.07
CA ILE E 115 -7.26 16.71 -41.55
C ILE E 115 -6.78 18.04 -42.15
N TRP E 116 -7.06 18.29 -43.45
CA TRP E 116 -6.76 19.54 -44.20
C TRP E 116 -7.34 20.77 -43.49
N ASN E 117 -8.65 20.80 -43.37
CA ASN E 117 -9.40 21.90 -42.71
C ASN E 117 -8.87 22.11 -41.27
N ASP E 118 -8.73 21.04 -40.50
CA ASP E 118 -8.48 21.14 -39.03
C ASP E 118 -7.02 21.46 -38.72
N GLN E 119 -6.04 21.08 -39.56
CA GLN E 119 -4.65 21.42 -39.19
C GLN E 119 -3.79 21.86 -40.39
N VAL E 120 -3.97 21.34 -41.58
CA VAL E 120 -3.03 21.65 -42.69
C VAL E 120 -3.28 23.07 -43.19
N LEU E 121 -4.53 23.47 -43.33
CA LEU E 121 -4.89 24.71 -44.06
C LEU E 121 -4.26 25.92 -43.37
N ALA E 122 -4.11 25.87 -42.04
CA ALA E 122 -3.54 26.96 -41.21
C ALA E 122 -2.07 27.24 -41.64
N LEU E 123 -1.41 26.29 -42.29
CA LEU E 123 -0.06 26.52 -42.83
C LEU E 123 -0.10 27.58 -43.93
N ARG E 124 -1.24 27.74 -44.62
CA ARG E 124 -1.37 28.80 -45.64
C ARG E 124 -1.91 30.06 -44.95
N THR E 125 -3.00 29.95 -44.19
CA THR E 125 -3.83 31.12 -43.78
C THR E 125 -3.02 31.87 -42.69
N SER E 126 -2.34 31.14 -41.80
CA SER E 126 -1.48 31.68 -40.71
C SER E 126 0.02 31.69 -41.10
N HIS E 127 0.56 30.66 -41.78
CA HIS E 127 2.03 30.57 -42.05
C HIS E 127 2.39 30.98 -43.48
N HIS E 128 1.43 31.29 -44.35
CA HIS E 128 1.67 31.75 -45.73
C HIS E 128 2.56 30.77 -46.49
N LYS E 129 2.45 29.46 -46.22
CA LYS E 129 3.01 28.36 -47.06
C LYS E 129 2.07 28.10 -48.21
N ARG E 130 2.62 27.61 -49.31
CA ARG E 130 1.80 26.96 -50.38
C ARG E 130 1.76 25.46 -50.12
N LEU E 131 0.66 24.84 -50.54
CA LEU E 131 0.30 23.48 -50.16
C LEU E 131 0.02 22.71 -51.44
N VAL E 132 0.60 21.52 -51.49
CA VAL E 132 0.33 20.55 -52.58
C VAL E 132 -0.70 19.54 -52.09
N SER E 133 -1.64 19.21 -52.97
CA SER E 133 -2.64 18.12 -52.75
C SER E 133 -1.88 16.85 -52.41
N PRO E 134 -2.56 15.86 -51.79
CA PRO E 134 -2.01 14.52 -51.69
C PRO E 134 -1.72 14.10 -53.13
N SER E 135 -0.65 13.35 -53.31
CA SER E 135 -0.21 12.85 -54.65
C SER E 135 -0.69 11.39 -54.73
N CYS E 136 -1.69 11.08 -55.56
CA CYS E 136 -2.26 9.68 -55.68
C CYS E 136 -1.65 8.98 -56.89
N ALA E 137 -1.75 7.63 -56.93
CA ALA E 137 -1.32 6.82 -58.10
C ALA E 137 -2.16 7.18 -59.35
N SER E 138 -1.63 6.93 -60.57
CA SER E 138 -2.33 7.24 -61.84
C SER E 138 -3.29 6.10 -62.24
N ASP E 139 -3.68 5.22 -61.31
CA ASP E 139 -4.61 4.09 -61.56
C ASP E 139 -6.01 4.57 -61.19
N PRO E 140 -7.10 3.87 -61.53
CA PRO E 140 -8.42 4.49 -61.43
C PRO E 140 -8.79 4.78 -59.96
N ALA E 141 -8.28 3.97 -59.02
CA ALA E 141 -8.43 4.23 -57.58
C ALA E 141 -7.79 5.59 -57.22
N GLY E 142 -6.59 5.88 -57.72
CA GLY E 142 -5.93 7.16 -57.41
C GLY E 142 -6.71 8.31 -58.01
N ILE E 143 -7.05 8.23 -59.30
CA ILE E 143 -7.82 9.31 -59.98
C ILE E 143 -9.13 9.51 -59.21
N ALA E 144 -9.85 8.45 -58.78
CA ALA E 144 -11.16 8.62 -58.10
C ALA E 144 -10.93 9.33 -56.77
N TRP E 145 -9.88 8.96 -56.05
CA TRP E 145 -9.57 9.49 -54.70
C TRP E 145 -9.35 11.02 -54.78
N ILE E 146 -8.50 11.48 -55.72
CA ILE E 146 -8.11 12.92 -55.76
C ILE E 146 -9.31 13.67 -56.34
N LYS E 147 -10.14 13.07 -57.19
CA LYS E 147 -11.36 13.79 -57.66
C LYS E 147 -12.25 14.10 -56.46
N LYS E 148 -12.44 13.11 -55.60
CA LYS E 148 -13.37 13.23 -54.46
C LYS E 148 -12.76 14.24 -53.49
N TRP E 149 -11.50 14.08 -53.12
CA TRP E 149 -10.83 15.03 -52.19
C TRP E 149 -10.89 16.45 -52.76
N MET E 150 -10.64 16.64 -54.05
CA MET E 150 -10.57 18.02 -54.62
C MET E 150 -11.95 18.67 -54.54
N ASN E 151 -13.00 17.88 -54.84
CA ASN E 151 -14.40 18.36 -54.66
C ASN E 151 -14.60 18.70 -53.17
N LEU E 152 -14.25 17.83 -52.22
CA LEU E 152 -14.48 18.14 -50.77
C LEU E 152 -13.74 19.41 -50.28
N VAL E 153 -12.63 19.87 -50.88
CA VAL E 153 -11.91 21.08 -50.34
C VAL E 153 -11.91 22.22 -51.35
N ALA E 154 -12.85 22.23 -52.30
CA ALA E 154 -12.95 23.22 -53.40
C ALA E 154 -12.94 24.66 -52.84
N LYS E 155 -13.50 24.88 -51.65
CA LYS E 155 -13.62 26.20 -50.99
C LYS E 155 -12.22 26.66 -50.53
N ASN E 156 -11.32 25.72 -50.19
CA ASN E 156 -9.95 25.96 -49.67
C ASN E 156 -8.98 25.08 -50.44
N PRO E 157 -8.84 25.28 -51.78
CA PRO E 157 -8.18 24.30 -52.65
C PRO E 157 -6.69 24.34 -52.38
N PRO E 158 -5.93 23.29 -52.73
CA PRO E 158 -4.48 23.36 -52.65
C PRO E 158 -3.94 24.33 -53.72
N ASP E 159 -2.69 24.75 -53.55
CA ASP E 159 -1.99 25.67 -54.50
C ASP E 159 -1.51 24.85 -55.69
N TYR E 160 -1.27 23.55 -55.47
CA TYR E 160 -0.74 22.64 -56.51
C TYR E 160 -1.46 21.29 -56.46
N LEU E 161 -1.70 20.72 -57.64
CA LEU E 161 -2.17 19.32 -57.81
C LEU E 161 -0.94 18.42 -57.93
N GLY E 162 -0.69 17.58 -56.90
CA GLY E 162 0.39 16.60 -56.91
C GLY E 162 -0.06 15.35 -57.64
N LEU E 163 0.80 14.83 -58.52
CA LEU E 163 0.49 13.60 -59.33
C LEU E 163 1.72 12.67 -59.36
N HIS E 164 1.45 11.38 -59.35
CA HIS E 164 2.37 10.25 -59.61
C HIS E 164 2.07 9.65 -60.98
N TRP E 165 3.11 9.35 -61.75
CA TRP E 165 2.95 8.59 -63.03
C TRP E 165 4.13 7.64 -63.21
N TYR E 166 3.82 6.38 -63.43
CA TYR E 166 4.77 5.34 -63.88
C TYR E 166 4.18 4.56 -65.06
N GLY E 167 5.03 4.26 -66.04
CA GLY E 167 4.67 3.46 -67.24
C GLY E 167 5.77 3.50 -68.27
N THR E 168 5.49 2.98 -69.49
CA THR E 168 6.52 2.75 -70.53
C THR E 168 6.33 3.68 -71.73
N LYS E 169 5.20 4.38 -71.89
CA LYS E 169 4.93 5.20 -73.12
C LYS E 169 4.80 6.70 -72.76
N GLY E 170 5.77 7.51 -73.17
CA GLY E 170 5.73 8.96 -72.93
C GLY E 170 4.39 9.56 -73.35
N ASP E 171 3.88 9.18 -74.53
CA ASP E 171 2.62 9.77 -75.05
C ASP E 171 1.49 9.57 -74.03
N GLU E 172 1.48 8.46 -73.28
CA GLU E 172 0.49 8.14 -72.22
C GLU E 172 0.70 9.03 -70.98
N MET E 173 1.93 9.42 -70.64
CA MET E 173 2.14 10.26 -69.45
C MET E 173 1.61 11.67 -69.76
N ILE E 174 1.94 12.19 -70.94
CA ILE E 174 1.44 13.48 -71.50
C ILE E 174 -0.08 13.49 -71.45
N ARG E 175 -0.71 12.46 -72.00
CA ARG E 175 -2.20 12.37 -72.05
C ARG E 175 -2.76 12.31 -70.63
N TYR E 176 -2.08 11.68 -69.67
CA TYR E 176 -2.60 11.61 -68.28
C TYR E 176 -2.43 12.99 -67.62
N LEU E 177 -1.30 13.66 -67.86
CA LEU E 177 -1.05 15.01 -67.29
C LEU E 177 -2.07 16.01 -67.92
N GLU E 178 -2.26 15.98 -69.25
CA GLU E 178 -3.28 16.78 -69.97
C GLU E 178 -4.71 16.52 -69.46
N SER E 179 -5.01 15.26 -69.15
CA SER E 179 -6.34 14.79 -68.73
C SER E 179 -6.61 15.25 -67.29
N MET E 180 -5.64 15.06 -66.39
CA MET E 180 -5.71 15.60 -65.00
C MET E 180 -5.76 17.15 -64.97
N HIS E 181 -5.16 17.82 -65.93
CA HIS E 181 -5.13 19.31 -66.02
C HIS E 181 -6.52 19.84 -66.35
N LYS E 182 -7.25 19.18 -67.24
CA LYS E 182 -8.66 19.50 -67.57
C LYS E 182 -9.58 19.23 -66.37
N GLU E 183 -9.36 18.13 -65.66
CA GLU E 183 -10.22 17.69 -64.53
C GLU E 183 -10.03 18.63 -63.34
N HIS E 184 -8.85 19.17 -63.11
CA HIS E 184 -8.56 20.08 -61.98
C HIS E 184 -7.81 21.28 -62.52
N PRO E 185 -8.49 22.19 -63.25
CA PRO E 185 -7.82 23.18 -64.08
C PRO E 185 -7.40 24.42 -63.29
N HIS E 186 -7.70 24.47 -61.98
CA HIS E 186 -7.60 25.68 -61.13
C HIS E 186 -6.21 25.83 -60.49
N GLN E 187 -5.33 24.85 -60.61
CA GLN E 187 -3.99 24.86 -59.97
C GLN E 187 -2.95 24.41 -60.99
N PRO E 188 -1.69 24.86 -60.87
CA PRO E 188 -0.61 24.17 -61.56
C PRO E 188 -0.38 22.74 -60.99
N ILE E 189 0.20 21.89 -61.83
CA ILE E 189 0.61 20.50 -61.49
C ILE E 189 2.08 20.44 -61.06
N ILE E 190 2.29 19.67 -59.99
CA ILE E 190 3.62 19.17 -59.57
C ILE E 190 3.59 17.65 -59.72
N VAL E 191 4.43 17.09 -60.62
CA VAL E 191 4.58 15.62 -60.74
C VAL E 191 5.57 15.21 -59.66
N SER E 192 5.05 14.80 -58.53
CA SER E 192 5.87 14.61 -57.32
C SER E 192 6.66 13.31 -57.40
N GLU E 193 6.25 12.38 -58.27
CA GLU E 193 7.07 11.19 -58.63
C GLU E 193 6.73 10.74 -60.04
N TRP E 194 7.70 10.39 -60.86
CA TRP E 194 7.45 9.76 -62.17
C TRP E 194 8.71 8.99 -62.61
N ALA E 195 8.57 8.03 -63.52
CA ALA E 195 9.72 7.31 -64.15
C ALA E 195 9.20 6.40 -65.25
N SER E 196 10.04 6.15 -66.26
CA SER E 196 9.82 5.01 -67.18
C SER E 196 9.98 3.73 -66.35
N THR E 197 9.03 2.79 -66.50
CA THR E 197 9.17 1.41 -65.92
C THR E 197 9.55 0.38 -66.99
N SER E 198 9.90 0.83 -68.21
CA SER E 198 10.46 0.00 -69.31
C SER E 198 11.76 -0.67 -68.85
N ARG E 199 12.08 -1.88 -69.35
CA ARG E 199 13.34 -2.59 -68.99
C ARG E 199 14.36 -2.40 -70.12
N SER E 200 13.95 -1.71 -71.17
CA SER E 200 14.84 -1.28 -72.28
C SER E 200 15.40 0.12 -71.97
N TYR E 201 16.71 0.23 -71.68
CA TYR E 201 17.35 1.51 -71.36
C TYR E 201 17.10 2.52 -72.47
N PRO E 202 17.20 2.18 -73.78
CA PRO E 202 16.86 3.18 -74.82
C PRO E 202 15.46 3.82 -74.65
N ASP E 203 14.46 2.99 -74.30
CA ASP E 203 13.06 3.42 -74.11
C ASP E 203 12.98 4.32 -72.85
N VAL E 204 13.70 3.93 -71.79
CA VAL E 204 13.79 4.67 -70.50
C VAL E 204 14.31 6.08 -70.79
N LEU E 205 15.45 6.14 -71.45
CA LEU E 205 16.08 7.41 -71.87
C LEU E 205 15.12 8.15 -72.79
N GLY E 206 14.63 7.52 -73.84
CA GLY E 206 13.72 8.17 -74.78
C GLY E 206 12.56 8.82 -74.03
N LEU E 207 11.88 8.09 -73.11
CA LEU E 207 10.69 8.59 -72.35
C LEU E 207 11.12 9.80 -71.48
N THR E 208 12.11 9.61 -70.62
CA THR E 208 12.70 10.62 -69.70
C THR E 208 13.01 11.89 -70.48
N VAL E 209 13.68 11.77 -71.63
CA VAL E 209 14.06 12.94 -72.50
C VAL E 209 12.78 13.61 -73.04
N GLN E 210 11.85 12.85 -73.59
CA GLN E 210 10.57 13.38 -74.12
C GLN E 210 9.87 14.20 -73.02
N LEU E 211 9.67 13.58 -71.85
CA LEU E 211 8.78 14.10 -70.78
C LEU E 211 9.45 15.32 -70.11
N ALA E 212 10.77 15.35 -69.96
CA ALA E 212 11.49 16.52 -69.43
C ALA E 212 11.37 17.71 -70.41
N ASN E 213 11.67 17.53 -71.71
CA ASN E 213 11.52 18.61 -72.72
C ASN E 213 10.07 19.11 -72.80
N TRP E 214 9.11 18.23 -72.70
CA TRP E 214 7.67 18.58 -72.88
C TRP E 214 7.19 19.38 -71.66
N MET E 215 7.53 18.92 -70.46
CA MET E 215 7.16 19.53 -69.17
C MET E 215 7.91 20.86 -68.97
N ASP E 216 9.18 20.92 -69.37
CA ASP E 216 9.97 22.19 -69.43
C ASP E 216 9.17 23.23 -70.23
N SER E 217 8.45 22.88 -71.28
CA SER E 217 7.81 23.93 -72.10
C SER E 217 6.31 23.93 -71.89
N THR E 218 5.84 23.29 -70.82
CA THR E 218 4.41 23.37 -70.43
C THR E 218 4.35 24.22 -69.17
N PRO E 219 3.94 25.50 -69.31
CA PRO E 219 3.87 26.43 -68.19
C PRO E 219 3.11 25.88 -66.97
N TRP E 220 2.03 25.11 -67.17
CA TRP E 220 1.20 24.64 -66.03
C TRP E 220 1.81 23.45 -65.27
N VAL E 221 2.95 22.92 -65.71
CA VAL E 221 3.72 21.98 -64.86
C VAL E 221 4.74 22.84 -64.15
N ALA E 222 4.62 22.98 -62.84
CA ALA E 222 5.48 23.90 -62.05
C ALA E 222 6.83 23.20 -61.82
N GLU E 223 6.82 21.91 -61.47
CA GLU E 223 8.06 21.11 -61.27
C GLU E 223 7.72 19.61 -61.40
N TYR E 224 8.73 18.79 -61.62
CA TYR E 224 8.61 17.33 -61.85
C TYR E 224 9.81 16.65 -61.23
N ALA E 225 9.55 15.54 -60.56
CA ALA E 225 10.50 14.82 -59.68
C ALA E 225 10.75 13.39 -60.24
N LEU E 226 11.84 13.17 -60.97
CA LEU E 226 12.25 11.81 -61.49
C LEU E 226 12.62 10.83 -60.38
N PHE E 227 11.96 9.65 -60.36
CA PHE E 227 12.19 8.59 -59.34
C PHE E 227 13.37 7.72 -59.75
N GLY E 228 14.20 7.33 -58.78
CA GLY E 228 15.30 6.40 -59.06
C GLY E 228 16.58 6.58 -58.24
N CYS E 229 16.75 7.70 -57.54
CA CYS E 229 18.08 8.08 -56.99
C CYS E 229 18.22 7.48 -55.60
N MET E 230 18.51 6.17 -55.62
CA MET E 230 18.67 5.36 -54.39
C MET E 230 19.40 4.07 -54.82
N ARG E 231 20.08 3.46 -53.87
CA ARG E 231 21.07 2.38 -54.11
C ARG E 231 20.40 1.05 -54.54
N GLN E 232 19.27 0.73 -53.89
CA GLN E 232 18.50 -0.54 -53.99
C GLN E 232 17.20 -0.23 -54.74
N MET E 233 16.62 -1.18 -55.48
CA MET E 233 15.31 -1.00 -56.14
C MET E 233 14.29 -0.78 -55.01
N ALA E 234 13.38 0.17 -55.16
CA ALA E 234 12.35 0.48 -54.16
C ALA E 234 11.36 -0.70 -54.09
N ASP E 235 11.03 -1.28 -55.23
CA ASP E 235 10.06 -2.40 -55.29
C ASP E 235 10.28 -3.17 -56.61
N ASP E 236 9.38 -4.06 -56.96
CA ASP E 236 9.53 -4.86 -58.19
C ASP E 236 8.92 -4.11 -59.37
N PHE E 237 8.23 -2.96 -59.19
CA PHE E 237 7.51 -2.28 -60.32
C PHE E 237 8.49 -1.39 -61.08
N VAL E 238 9.32 -0.66 -60.35
CA VAL E 238 10.27 0.29 -60.99
C VAL E 238 11.31 -0.54 -61.77
N SER E 239 11.90 0.03 -62.80
CA SER E 239 12.85 -0.65 -63.71
C SER E 239 14.26 -0.46 -63.18
N PRO E 240 15.05 -1.53 -63.04
CA PRO E 240 16.49 -1.37 -62.83
C PRO E 240 17.14 -0.41 -63.84
N GLU E 241 16.61 -0.31 -65.06
CA GLU E 241 17.24 0.50 -66.15
C GLU E 241 17.04 2.00 -65.90
N ALA E 242 16.09 2.39 -65.04
CA ALA E 242 15.82 3.80 -64.72
C ALA E 242 16.39 4.18 -63.37
N GLN E 243 17.29 3.38 -62.78
CA GLN E 243 18.02 3.81 -61.58
C GLN E 243 18.84 5.07 -61.90
N LEU E 244 18.84 5.99 -60.95
CA LEU E 244 19.58 7.27 -61.00
C LEU E 244 20.84 7.19 -60.13
N MET E 245 20.91 6.18 -59.27
CA MET E 245 22.09 5.82 -58.45
C MET E 245 22.44 4.33 -58.65
N ASN E 246 23.73 3.95 -58.62
CA ASN E 246 24.26 2.56 -58.69
C ASN E 246 24.36 2.08 -57.26
N LYS E 247 24.63 0.78 -57.08
CA LYS E 247 24.68 0.14 -55.74
C LYS E 247 25.77 0.80 -54.90
N ASP E 248 26.77 1.47 -55.50
CA ASP E 248 27.92 2.03 -54.74
C ASP E 248 27.69 3.50 -54.33
N GLY E 249 26.56 4.14 -54.67
CA GLY E 249 26.36 5.59 -54.38
C GLY E 249 26.61 6.50 -55.56
N SER E 250 27.33 6.04 -56.59
CA SER E 250 27.65 6.82 -57.81
C SER E 250 26.34 7.07 -58.56
N PHE E 251 26.37 8.01 -59.48
CA PHE E 251 25.16 8.41 -60.25
C PHE E 251 25.19 7.72 -61.62
N THR E 252 24.03 7.39 -62.16
CA THR E 252 23.94 6.80 -63.51
C THR E 252 23.96 7.92 -64.53
N ASP E 253 24.18 7.60 -65.80
CA ASP E 253 24.21 8.57 -66.92
C ASP E 253 22.83 9.24 -67.03
N LEU E 254 21.78 8.51 -66.67
CA LEU E 254 20.40 9.04 -66.73
C LEU E 254 20.28 10.20 -65.74
N MET E 255 20.78 9.99 -64.53
CA MET E 255 20.85 11.01 -63.45
C MET E 255 21.71 12.19 -63.91
N TRP E 256 22.94 11.96 -64.38
CA TRP E 256 23.76 13.03 -64.98
C TRP E 256 22.86 13.86 -65.90
N LYS E 257 22.21 13.25 -66.88
CA LYS E 257 21.54 14.07 -67.92
C LYS E 257 20.39 14.86 -67.26
N TYR E 258 19.62 14.20 -66.42
CA TYR E 258 18.45 14.77 -65.71
C TYR E 258 18.92 16.03 -64.94
N MET E 259 20.09 15.96 -64.26
CA MET E 259 20.52 17.05 -63.35
C MET E 259 21.41 18.04 -64.08
N SER E 260 21.71 17.84 -65.37
CA SER E 260 22.72 18.65 -66.08
C SER E 260 22.19 19.20 -67.40
N ASP E 261 21.19 18.61 -68.04
CA ASP E 261 20.99 18.88 -69.51
C ASP E 261 19.63 19.49 -69.74
N GLN E 262 19.57 20.70 -70.30
CA GLN E 262 18.31 21.40 -70.69
C GLN E 262 18.53 22.11 -72.00
N PRO E 263 17.93 21.66 -73.12
CA PRO E 263 17.08 20.47 -73.13
C PRO E 263 17.82 19.16 -72.87
N MET E 264 17.06 18.14 -72.46
CA MET E 264 17.56 16.75 -72.37
C MET E 264 17.72 16.22 -73.80
N HIS E 265 18.66 15.33 -73.97
CA HIS E 265 18.87 14.65 -75.26
C HIS E 265 19.26 13.22 -74.97
N ILE E 266 19.06 12.36 -75.96
CA ILE E 266 19.55 10.95 -75.95
C ILE E 266 21.09 10.96 -75.90
N SER F 19 2.83 19.56 -28.50
CA SER F 19 3.34 19.05 -29.83
C SER F 19 4.90 19.00 -29.81
N HIS F 20 5.49 18.83 -28.61
CA HIS F 20 6.92 18.45 -28.35
C HIS F 20 7.26 17.24 -29.26
N MET F 21 8.38 17.20 -29.98
CA MET F 21 9.02 15.89 -30.23
C MET F 21 9.27 15.22 -28.88
N VAL F 22 8.74 14.02 -28.65
CA VAL F 22 9.01 13.24 -27.42
C VAL F 22 10.41 12.64 -27.59
N LYS F 23 11.24 12.78 -26.57
CA LYS F 23 12.68 12.41 -26.53
C LYS F 23 12.90 11.58 -25.27
N LYS F 24 12.67 10.27 -25.41
CA LYS F 24 12.86 9.31 -24.30
C LYS F 24 13.89 8.24 -24.69
N ARG F 25 14.52 8.35 -25.85
CA ARG F 25 15.25 7.18 -26.43
C ARG F 25 16.71 7.22 -25.98
N VAL F 26 17.18 6.19 -25.26
CA VAL F 26 18.61 6.08 -24.88
C VAL F 26 19.42 5.48 -26.02
N LEU F 27 20.61 6.04 -26.28
CA LEU F 27 21.69 5.34 -27.05
C LEU F 27 22.46 4.37 -26.14
N LEU F 28 22.28 3.04 -26.32
CA LEU F 28 23.18 2.03 -25.71
C LEU F 28 24.42 1.86 -26.60
N TRP F 29 25.59 2.21 -26.06
CA TRP F 29 26.88 2.32 -26.79
C TRP F 29 27.83 1.31 -26.19
N ASP F 30 27.75 0.08 -26.66
CA ASP F 30 28.70 -0.97 -26.22
C ASP F 30 30.16 -0.47 -26.36
N TYR F 31 31.02 -0.87 -25.44
CA TYR F 31 32.44 -0.45 -25.40
C TYR F 31 33.10 -0.94 -26.69
N THR F 32 32.62 -2.01 -27.34
CA THR F 32 33.23 -2.47 -28.59
C THR F 32 33.04 -1.41 -29.68
N ASN F 33 32.09 -0.50 -29.55
CA ASN F 33 32.01 0.68 -30.46
C ASN F 33 33.17 1.69 -30.16
N THR F 34 33.48 1.91 -28.89
CA THR F 34 34.58 2.80 -28.44
C THR F 34 35.92 2.14 -28.87
N ARG F 35 36.05 0.82 -28.73
CA ARG F 35 37.31 0.10 -29.04
C ARG F 35 37.56 0.10 -30.56
N ASP F 36 36.53 -0.03 -31.41
CA ASP F 36 36.72 -0.35 -32.84
C ASP F 36 36.20 0.72 -33.80
N VAL F 37 35.07 1.38 -33.52
CA VAL F 37 34.36 2.17 -34.58
C VAL F 37 33.91 3.52 -33.97
N LYS F 38 34.86 4.28 -33.41
CA LYS F 38 34.55 5.58 -32.74
C LYS F 38 33.77 6.43 -33.73
N TRP F 39 34.15 6.43 -34.97
CA TRP F 39 33.52 7.23 -36.03
C TRP F 39 32.01 7.03 -36.10
N ALA F 40 31.49 5.87 -35.72
CA ALA F 40 30.05 5.54 -35.83
C ALA F 40 29.23 6.55 -34.98
N MET F 41 29.81 7.04 -33.88
CA MET F 41 29.08 8.05 -33.08
C MET F 41 28.83 9.32 -33.90
N ASP F 42 29.70 9.68 -34.83
CA ASP F 42 29.46 10.89 -35.66
C ASP F 42 28.31 10.68 -36.64
N LYS F 43 27.91 9.43 -36.86
CA LYS F 43 26.85 9.14 -37.86
C LYS F 43 25.50 9.13 -37.13
N ILE F 44 25.49 9.24 -35.80
CA ILE F 44 24.22 9.30 -35.01
C ILE F 44 23.39 10.52 -35.40
N ASN F 45 22.07 10.34 -35.44
CA ASN F 45 21.10 11.46 -35.60
C ASN F 45 20.86 12.06 -34.22
N PHE F 46 21.46 13.21 -33.93
CA PHE F 46 21.33 13.88 -32.61
C PHE F 46 20.09 14.80 -32.58
N LYS F 47 19.41 15.01 -33.70
CA LYS F 47 18.30 15.99 -33.83
C LYS F 47 16.92 15.36 -33.65
N GLY F 48 16.79 14.04 -33.48
CA GLY F 48 15.51 13.35 -33.30
C GLY F 48 15.24 12.99 -31.84
N PRO F 49 14.63 11.83 -31.59
CA PRO F 49 14.20 11.46 -30.25
C PRO F 49 15.23 10.89 -29.27
N LEU F 50 16.50 10.74 -29.67
CA LEU F 50 17.53 10.29 -28.71
C LEU F 50 17.66 11.39 -27.64
N HIS F 51 17.83 10.99 -26.40
CA HIS F 51 17.68 11.80 -25.17
C HIS F 51 18.95 11.69 -24.34
N SER F 52 19.58 10.53 -24.40
CA SER F 52 20.64 10.12 -23.45
C SER F 52 21.48 8.99 -24.04
N CYS F 53 22.57 8.66 -23.33
CA CYS F 53 23.47 7.55 -23.71
C CYS F 53 24.07 6.93 -22.45
N SER F 54 24.19 5.61 -22.46
CA SER F 54 24.84 4.80 -21.42
C SER F 54 25.67 3.74 -22.15
N ASN F 55 26.64 3.16 -21.45
CA ASN F 55 27.62 2.19 -22.02
C ASN F 55 28.02 1.20 -20.92
N TRP F 56 27.15 0.96 -19.94
CA TRP F 56 27.33 -0.05 -18.87
C TRP F 56 28.61 0.17 -18.08
N ASN F 57 29.26 1.32 -18.21
CA ASN F 57 30.53 1.64 -17.52
C ASN F 57 30.47 3.01 -16.80
N THR F 58 31.44 3.18 -15.91
CA THR F 58 31.71 4.39 -15.13
C THR F 58 32.39 5.44 -16.02
N TRP F 59 33.18 5.05 -17.02
CA TRP F 59 34.01 5.95 -17.82
C TRP F 59 33.17 6.45 -19.00
N TYR F 60 33.63 7.56 -19.57
CA TYR F 60 32.90 8.41 -20.53
C TYR F 60 33.41 8.02 -21.92
N PRO F 61 32.47 7.77 -22.86
CA PRO F 61 32.85 7.56 -24.26
C PRO F 61 33.14 8.87 -24.98
N ASP F 62 34.43 9.24 -25.06
CA ASP F 62 34.85 10.59 -25.53
C ASP F 62 34.20 10.90 -26.89
N GLU F 63 33.94 9.89 -27.73
CA GLU F 63 33.36 10.13 -29.10
C GLU F 63 31.93 10.70 -29.00
N LEU F 64 31.24 10.57 -27.88
CA LEU F 64 29.89 11.20 -27.67
C LEU F 64 30.02 12.74 -27.73
N LYS F 65 31.20 13.26 -27.30
CA LYS F 65 31.54 14.71 -27.24
C LYS F 65 30.35 15.50 -26.65
N HIS F 66 29.75 15.01 -25.57
CA HIS F 66 28.68 15.72 -24.83
C HIS F 66 27.44 15.99 -25.71
N ARG F 67 27.17 15.25 -26.80
CA ARG F 67 26.04 15.55 -27.75
C ARG F 67 24.71 15.06 -27.15
N LEU F 68 24.78 14.23 -26.12
CA LEU F 68 23.68 13.64 -25.36
C LEU F 68 24.21 13.54 -23.96
N PRO F 69 23.39 13.77 -22.93
CA PRO F 69 23.79 13.42 -21.57
C PRO F 69 24.13 11.92 -21.50
N PHE F 70 25.07 11.60 -20.63
CA PHE F 70 25.60 10.24 -20.43
C PHE F 70 25.19 9.82 -19.03
N ARG F 71 24.71 8.58 -18.90
CA ARG F 71 24.44 7.93 -17.61
C ARG F 71 25.57 6.98 -17.24
N PRO F 72 26.51 7.35 -16.36
CA PRO F 72 27.52 6.43 -15.84
C PRO F 72 26.72 5.33 -15.15
N MET F 73 27.31 4.14 -15.04
CA MET F 73 26.71 2.99 -14.35
C MET F 73 27.69 2.39 -13.34
N ILE F 74 27.25 2.17 -12.11
CA ILE F 74 27.99 1.35 -11.13
C ILE F 74 27.64 -0.11 -11.48
N HIS F 75 28.37 -0.69 -12.45
CA HIS F 75 27.96 -1.98 -13.09
C HIS F 75 27.99 -3.12 -12.05
N GLY F 76 29.09 -3.29 -11.29
CA GLY F 76 29.24 -4.40 -10.33
C GLY F 76 30.11 -4.09 -9.13
N LYS F 77 30.54 -5.13 -8.44
CA LYS F 77 31.38 -5.01 -7.22
C LYS F 77 32.73 -4.33 -7.56
N ASN F 78 33.29 -4.57 -8.75
CA ASN F 78 34.54 -3.93 -9.25
C ASN F 78 34.38 -2.41 -9.31
N ASN F 79 33.17 -1.86 -9.42
CA ASN F 79 33.00 -0.43 -9.72
C ASN F 79 32.81 0.42 -8.45
N LEU F 80 33.26 -0.01 -7.28
CA LEU F 80 32.87 0.61 -5.98
C LEU F 80 34.02 1.35 -5.29
N THR F 81 35.25 1.13 -5.72
CA THR F 81 36.44 1.71 -5.06
C THR F 81 37.38 2.25 -6.13
N GLY F 82 38.43 2.91 -5.65
CA GLY F 82 39.55 3.45 -6.43
C GLY F 82 39.07 4.30 -7.59
N GLY F 83 39.56 3.99 -8.78
CA GLY F 83 39.37 4.79 -9.99
C GLY F 83 38.00 4.62 -10.57
N GLU F 84 37.44 3.42 -10.53
CA GLU F 84 36.03 3.20 -10.95
C GLU F 84 35.16 4.23 -10.18
N TRP F 85 35.25 4.21 -8.85
CA TRP F 85 34.48 5.07 -7.92
C TRP F 85 34.81 6.54 -8.21
N GLN F 86 36.09 6.87 -8.36
CA GLN F 86 36.50 8.27 -8.70
C GLN F 86 35.71 8.75 -9.91
N ASN F 87 35.50 7.88 -10.91
CA ASN F 87 34.79 8.30 -12.15
C ASN F 87 33.39 8.73 -11.74
N ILE F 88 32.82 8.05 -10.73
CA ILE F 88 31.41 8.31 -10.29
C ILE F 88 31.43 9.58 -9.42
N LEU F 89 32.42 9.71 -8.54
CA LEU F 89 32.58 10.88 -7.65
C LEU F 89 32.74 12.17 -8.45
N LYS F 90 33.30 12.15 -9.66
CA LYS F 90 33.73 13.41 -10.30
C LYS F 90 32.85 13.75 -11.48
N THR F 91 32.01 12.83 -11.95
CA THR F 91 31.17 13.13 -13.13
C THR F 91 30.31 14.38 -12.87
N ASN F 92 30.17 15.18 -13.91
CA ASN F 92 29.20 16.29 -13.97
C ASN F 92 27.85 15.77 -14.44
N GLU F 93 27.76 14.51 -14.94
CA GLU F 93 26.47 13.98 -15.43
C GLU F 93 25.54 13.80 -14.22
N GLU F 94 24.22 13.80 -14.45
CA GLU F 94 23.18 14.04 -13.40
C GLU F 94 22.37 12.80 -13.00
N VAL F 95 22.41 11.71 -13.81
CA VAL F 95 21.68 10.44 -13.54
C VAL F 95 22.66 9.28 -13.67
N ILE F 96 22.82 8.54 -12.57
CA ILE F 96 23.71 7.38 -12.40
C ILE F 96 22.89 6.08 -12.18
N HIS F 97 23.29 5.01 -12.88
CA HIS F 97 22.67 3.65 -12.77
C HIS F 97 23.41 2.86 -11.69
N PHE F 98 22.68 2.10 -10.85
CA PHE F 98 23.28 1.06 -9.97
C PHE F 98 23.42 -0.26 -10.78
N PHE F 99 23.51 -1.40 -10.09
CA PHE F 99 24.14 -2.64 -10.59
C PHE F 99 23.32 -3.13 -11.78
N ASN F 100 24.01 -3.74 -12.76
CA ASN F 100 23.35 -4.40 -13.91
C ASN F 100 23.15 -5.88 -13.56
N GLU F 101 21.90 -6.35 -13.55
CA GLU F 101 21.48 -7.77 -13.34
C GLU F 101 22.29 -8.38 -12.22
N PRO F 102 22.27 -7.75 -11.04
CA PRO F 102 23.08 -8.19 -9.92
C PRO F 102 22.71 -9.62 -9.49
N GLU F 103 21.44 -10.00 -9.66
CA GLU F 103 20.96 -11.37 -9.37
C GLU F 103 21.77 -12.38 -10.17
N ARG F 104 22.26 -12.03 -11.35
CA ARG F 104 23.08 -12.98 -12.16
C ARG F 104 24.56 -12.85 -11.83
N ALA F 105 24.97 -12.05 -10.85
CA ALA F 105 26.40 -11.84 -10.58
C ALA F 105 26.71 -12.12 -9.11
N GLY F 106 25.85 -12.87 -8.42
CA GLY F 106 26.08 -13.32 -7.03
C GLY F 106 25.94 -12.18 -6.03
N ILE F 107 25.35 -11.04 -6.42
CA ILE F 107 25.14 -9.92 -5.46
C ILE F 107 23.77 -10.09 -4.77
N SER F 108 23.77 -10.29 -3.47
CA SER F 108 22.52 -10.43 -2.69
C SER F 108 21.81 -9.07 -2.66
N PRO F 109 20.46 -9.02 -2.64
CA PRO F 109 19.75 -7.77 -2.36
C PRO F 109 20.20 -7.07 -1.06
N GLU F 110 20.52 -7.81 0.00
CA GLU F 110 21.03 -7.28 1.29
C GLU F 110 22.40 -6.60 1.10
N GLU F 111 23.33 -7.26 0.40
CA GLU F 111 24.65 -6.69 0.06
C GLU F 111 24.44 -5.36 -0.72
N ALA F 112 23.55 -5.33 -1.72
CA ALA F 112 23.31 -4.16 -2.61
C ALA F 112 22.59 -3.01 -1.89
N ALA F 113 21.80 -3.33 -0.87
CA ALA F 113 21.14 -2.37 0.02
C ALA F 113 22.18 -1.75 0.96
N LYS F 114 23.00 -2.56 1.64
CA LYS F 114 24.08 -2.06 2.54
C LYS F 114 24.98 -1.09 1.74
N ILE F 115 25.38 -1.50 0.54
CA ILE F 115 26.27 -0.67 -0.34
C ILE F 115 25.56 0.63 -0.69
N TRP F 116 24.29 0.57 -1.04
CA TRP F 116 23.49 1.76 -1.39
C TRP F 116 23.48 2.74 -0.21
N ASN F 117 23.15 2.28 0.99
CA ASN F 117 23.15 3.15 2.19
C ASN F 117 24.57 3.70 2.41
N ASP F 118 25.58 2.83 2.38
CA ASP F 118 26.94 3.19 2.85
C ASP F 118 27.66 4.06 1.83
N GLN F 119 27.30 4.05 0.55
CA GLN F 119 28.14 4.83 -0.39
C GLN F 119 27.29 5.45 -1.50
N VAL F 120 26.20 4.83 -1.96
CA VAL F 120 25.63 5.29 -3.26
C VAL F 120 24.71 6.47 -2.96
N LEU F 121 24.10 6.42 -1.80
CA LEU F 121 23.03 7.36 -1.39
C LEU F 121 23.64 8.78 -1.26
N ALA F 122 24.90 8.90 -0.79
CA ALA F 122 25.66 10.17 -0.72
C ALA F 122 25.75 10.81 -2.12
N LEU F 123 25.71 10.06 -3.21
CA LEU F 123 25.68 10.68 -4.56
C LEU F 123 24.42 11.55 -4.71
N ARG F 124 23.35 11.20 -4.00
CA ARG F 124 22.15 12.08 -4.01
C ARG F 124 22.23 13.13 -2.87
N THR F 125 22.48 12.74 -1.62
CA THR F 125 22.30 13.62 -0.44
C THR F 125 23.40 14.70 -0.49
N SER F 126 24.59 14.32 -0.89
CA SER F 126 25.75 15.22 -0.97
C SER F 126 26.04 15.71 -2.40
N HIS F 127 25.85 14.93 -3.47
CA HIS F 127 26.25 15.34 -4.84
C HIS F 127 25.01 15.71 -5.66
N HIS F 128 23.79 15.54 -5.16
CA HIS F 128 22.56 15.96 -5.86
C HIS F 128 22.46 15.28 -7.24
N LYS F 129 22.87 14.01 -7.31
CA LYS F 129 22.66 13.20 -8.52
C LYS F 129 21.34 12.46 -8.34
N ARG F 130 20.76 11.99 -9.44
CA ARG F 130 19.63 11.04 -9.40
C ARG F 130 20.20 9.64 -9.70
N LEU F 131 19.59 8.66 -9.05
CA LEU F 131 20.07 7.27 -8.96
C LEU F 131 18.98 6.37 -9.55
N VAL F 132 19.39 5.52 -10.50
CA VAL F 132 18.51 4.42 -10.96
C VAL F 132 18.73 3.20 -10.06
N SER F 133 17.65 2.43 -9.80
CA SER F 133 17.77 1.10 -9.16
C SER F 133 18.72 0.22 -9.97
N PRO F 134 19.18 -0.89 -9.37
CA PRO F 134 19.78 -1.95 -10.17
C PRO F 134 18.73 -2.34 -11.21
N SER F 135 19.18 -2.69 -12.43
CA SER F 135 18.30 -3.19 -13.50
C SER F 135 18.42 -4.74 -13.58
N CYS F 136 17.38 -5.47 -13.16
CA CYS F 136 17.38 -6.94 -13.11
C CYS F 136 16.72 -7.47 -14.40
N ALA F 137 16.94 -8.75 -14.72
CA ALA F 137 16.20 -9.44 -15.80
C ALA F 137 14.69 -9.52 -15.46
N SER F 138 13.91 -9.60 -16.52
CA SER F 138 12.43 -9.73 -16.51
C SER F 138 12.00 -11.18 -16.20
N ASP F 139 12.88 -12.03 -15.69
CA ASP F 139 12.59 -13.44 -15.34
C ASP F 139 12.29 -13.48 -13.84
N PRO F 140 11.69 -14.57 -13.30
CA PRO F 140 11.28 -14.60 -11.89
C PRO F 140 12.42 -14.27 -10.93
N ALA F 141 13.65 -14.72 -11.18
CA ALA F 141 14.80 -14.46 -10.27
C ALA F 141 15.04 -12.93 -10.18
N GLY F 142 14.98 -12.22 -11.33
CA GLY F 142 15.11 -10.74 -11.51
C GLY F 142 13.95 -9.97 -10.86
N ILE F 143 12.70 -10.36 -11.13
CA ILE F 143 11.51 -9.75 -10.46
C ILE F 143 11.65 -9.94 -8.92
N ALA F 144 12.04 -11.12 -8.44
CA ALA F 144 12.20 -11.37 -6.98
C ALA F 144 13.32 -10.49 -6.41
N TRP F 145 14.47 -10.40 -7.09
CA TRP F 145 15.63 -9.65 -6.55
C TRP F 145 15.22 -8.18 -6.28
N ILE F 146 14.59 -7.54 -7.27
CA ILE F 146 14.36 -6.06 -7.26
C ILE F 146 13.17 -5.80 -6.32
N LYS F 147 12.21 -6.73 -6.20
CA LYS F 147 11.20 -6.66 -5.13
C LYS F 147 11.90 -6.61 -3.78
N LYS F 148 12.85 -7.51 -3.50
CA LYS F 148 13.50 -7.51 -2.15
C LYS F 148 14.36 -6.25 -1.98
N TRP F 149 15.08 -5.83 -3.00
CA TRP F 149 15.99 -4.66 -2.85
C TRP F 149 15.14 -3.41 -2.56
N MET F 150 14.09 -3.17 -3.33
CA MET F 150 13.25 -1.97 -3.18
C MET F 150 12.63 -1.93 -1.78
N ASN F 151 12.24 -3.09 -1.24
CA ASN F 151 11.71 -3.21 0.15
C ASN F 151 12.77 -2.79 1.16
N LEU F 152 14.02 -3.25 1.02
CA LEU F 152 15.12 -2.92 1.97
C LEU F 152 15.50 -1.42 1.92
N VAL F 153 15.35 -0.72 0.79
CA VAL F 153 15.79 0.72 0.67
C VAL F 153 14.58 1.66 0.52
N ALA F 154 13.33 1.18 0.78
CA ALA F 154 12.07 1.96 0.59
C ALA F 154 12.10 3.34 1.28
N LYS F 155 12.74 3.41 2.44
CA LYS F 155 13.01 4.62 3.26
C LYS F 155 13.82 5.63 2.44
N ASN F 156 14.76 5.13 1.63
CA ASN F 156 15.72 5.93 0.85
C ASN F 156 15.67 5.45 -0.60
N PRO F 157 14.52 5.56 -1.30
CA PRO F 157 14.34 4.79 -2.54
C PRO F 157 15.18 5.42 -3.65
N PRO F 158 15.32 4.70 -4.77
CA PRO F 158 15.90 5.28 -5.97
C PRO F 158 14.97 6.29 -6.62
N ASP F 159 15.52 7.16 -7.46
CA ASP F 159 14.77 8.15 -8.28
C ASP F 159 14.02 7.41 -9.41
N TYR F 160 14.63 6.36 -9.90
CA TYR F 160 14.09 5.58 -11.03
C TYR F 160 14.22 4.06 -10.81
N LEU F 161 13.19 3.35 -11.26
CA LEU F 161 13.13 1.86 -11.30
C LEU F 161 13.63 1.45 -12.69
N GLY F 162 14.84 0.89 -12.72
CA GLY F 162 15.46 0.39 -13.96
C GLY F 162 15.02 -1.05 -14.23
N LEU F 163 14.54 -1.31 -15.45
CA LEU F 163 14.13 -2.67 -15.89
C LEU F 163 14.77 -3.00 -17.21
N HIS F 164 14.98 -4.31 -17.40
CA HIS F 164 15.36 -4.98 -18.65
C HIS F 164 14.16 -5.78 -19.13
N TRP F 165 13.86 -5.76 -20.42
CA TRP F 165 12.90 -6.73 -20.97
C TRP F 165 13.40 -7.28 -22.30
N TYR F 166 13.27 -8.61 -22.50
CA TYR F 166 13.52 -9.24 -23.82
C TYR F 166 12.47 -10.33 -24.11
N GLY F 167 11.99 -10.41 -25.37
CA GLY F 167 10.95 -11.39 -25.76
C GLY F 167 10.42 -11.06 -27.15
N THR F 168 9.34 -11.73 -27.63
CA THR F 168 8.83 -11.60 -29.02
C THR F 168 7.52 -10.84 -29.08
N LYS F 169 6.76 -10.76 -27.98
CA LYS F 169 5.41 -10.16 -28.04
C LYS F 169 5.37 -8.80 -27.32
N GLY F 170 4.97 -7.77 -28.07
CA GLY F 170 4.87 -6.39 -27.59
C GLY F 170 3.88 -6.36 -26.46
N ASP F 171 2.75 -7.08 -26.62
CA ASP F 171 1.67 -7.03 -25.61
C ASP F 171 2.26 -7.50 -24.28
N GLU F 172 3.18 -8.46 -24.27
CA GLU F 172 3.78 -8.91 -22.98
C GLU F 172 4.71 -7.84 -22.38
N MET F 173 5.43 -7.08 -23.20
CA MET F 173 6.38 -6.10 -22.59
C MET F 173 5.52 -5.01 -21.94
N ILE F 174 4.47 -4.58 -22.63
CA ILE F 174 3.49 -3.59 -22.11
C ILE F 174 2.99 -4.12 -20.76
N ARG F 175 2.68 -5.41 -20.65
CA ARG F 175 2.05 -5.95 -19.40
C ARG F 175 3.09 -6.01 -18.30
N TYR F 176 4.31 -6.36 -18.68
CA TYR F 176 5.42 -6.43 -17.71
C TYR F 176 5.68 -5.02 -17.16
N LEU F 177 5.78 -4.00 -18.02
CA LEU F 177 5.96 -2.59 -17.51
C LEU F 177 4.73 -2.19 -16.66
N GLU F 178 3.50 -2.43 -17.13
CA GLU F 178 2.26 -1.98 -16.41
C GLU F 178 2.29 -2.65 -15.04
N SER F 179 2.73 -3.90 -15.03
CA SER F 179 2.77 -4.74 -13.82
C SER F 179 3.81 -4.22 -12.84
N MET F 180 5.01 -3.95 -13.33
CA MET F 180 6.08 -3.46 -12.43
C MET F 180 5.72 -2.06 -11.92
N HIS F 181 4.99 -1.24 -12.70
CA HIS F 181 4.48 0.10 -12.27
C HIS F 181 3.57 -0.05 -11.06
N LYS F 182 2.76 -1.12 -10.98
CA LYS F 182 1.80 -1.38 -9.88
C LYS F 182 2.62 -1.87 -8.68
N GLU F 183 3.57 -2.77 -8.89
CA GLU F 183 4.40 -3.30 -7.80
C GLU F 183 5.28 -2.17 -7.20
N HIS F 184 5.73 -1.19 -8.01
CA HIS F 184 6.71 -0.15 -7.60
C HIS F 184 6.19 1.18 -8.12
N PRO F 185 5.15 1.71 -7.41
CA PRO F 185 4.37 2.83 -7.93
C PRO F 185 4.99 4.21 -7.63
N HIS F 186 6.00 4.30 -6.77
CA HIS F 186 6.50 5.61 -6.26
C HIS F 186 7.59 6.25 -7.13
N GLN F 187 7.98 5.72 -8.29
CA GLN F 187 9.01 6.32 -9.16
C GLN F 187 8.71 6.01 -10.62
N PRO F 188 9.17 6.87 -11.55
CA PRO F 188 9.08 6.49 -12.94
C PRO F 188 10.10 5.37 -13.23
N ILE F 189 9.88 4.73 -14.37
CA ILE F 189 10.64 3.55 -14.86
C ILE F 189 11.61 4.02 -15.95
N ILE F 190 12.80 3.45 -15.90
CA ILE F 190 13.79 3.52 -17.01
C ILE F 190 13.99 2.09 -17.48
N VAL F 191 13.66 1.89 -18.74
CA VAL F 191 13.90 0.59 -19.41
C VAL F 191 15.33 0.65 -19.95
N SER F 192 16.25 0.18 -19.12
CA SER F 192 17.70 0.37 -19.33
C SER F 192 18.25 -0.56 -20.41
N GLU F 193 17.54 -1.65 -20.70
CA GLU F 193 17.76 -2.50 -21.91
C GLU F 193 16.45 -3.15 -22.37
N TRP F 194 16.14 -3.13 -23.65
CA TRP F 194 15.04 -3.96 -24.20
C TRP F 194 15.26 -4.22 -25.69
N ALA F 195 14.81 -5.37 -26.16
CA ALA F 195 14.69 -5.67 -27.59
C ALA F 195 13.70 -6.82 -27.78
N SER F 196 13.17 -6.88 -29.00
CA SER F 196 12.57 -8.09 -29.61
C SER F 196 13.65 -9.15 -29.79
N THR F 197 13.40 -10.38 -29.35
CA THR F 197 14.21 -11.62 -29.63
C THR F 197 13.62 -12.39 -30.82
N SER F 198 12.59 -11.87 -31.47
CA SER F 198 12.00 -12.53 -32.66
C SER F 198 13.06 -12.73 -33.74
N ARG F 199 13.06 -13.87 -34.46
CA ARG F 199 13.94 -14.08 -35.63
C ARG F 199 13.22 -13.66 -36.90
N SER F 200 12.02 -13.17 -36.78
CA SER F 200 11.20 -12.60 -37.88
C SER F 200 11.44 -11.08 -37.89
N TYR F 201 11.97 -10.52 -38.96
CA TYR F 201 12.29 -9.08 -39.00
C TYR F 201 11.01 -8.25 -38.89
N PRO F 202 9.93 -8.57 -39.66
CA PRO F 202 8.67 -7.83 -39.57
C PRO F 202 8.09 -7.75 -38.13
N ASP F 203 8.29 -8.79 -37.32
CA ASP F 203 7.82 -8.85 -35.91
C ASP F 203 8.77 -8.09 -34.96
N VAL F 204 10.05 -8.03 -35.32
CA VAL F 204 11.04 -7.24 -34.54
C VAL F 204 10.68 -5.79 -34.73
N LEU F 205 10.56 -5.39 -35.99
CA LEU F 205 10.17 -4.01 -36.35
C LEU F 205 8.83 -3.72 -35.67
N GLY F 206 7.85 -4.60 -35.84
CA GLY F 206 6.48 -4.40 -35.29
C GLY F 206 6.49 -4.19 -33.78
N LEU F 207 7.24 -5.00 -33.04
CA LEU F 207 7.30 -4.87 -31.57
C LEU F 207 8.02 -3.56 -31.19
N THR F 208 9.16 -3.28 -31.82
CA THR F 208 9.95 -2.06 -31.61
C THR F 208 9.04 -0.85 -31.78
N VAL F 209 8.36 -0.72 -32.91
CA VAL F 209 7.45 0.43 -33.23
C VAL F 209 6.35 0.57 -32.16
N GLN F 210 5.63 -0.51 -31.87
CA GLN F 210 4.55 -0.50 -30.85
C GLN F 210 5.09 0.00 -29.52
N LEU F 211 6.21 -0.56 -29.04
CA LEU F 211 6.69 -0.28 -27.67
C LEU F 211 7.30 1.13 -27.58
N ALA F 212 8.03 1.58 -28.60
CA ALA F 212 8.52 2.98 -28.70
C ALA F 212 7.31 3.95 -28.61
N ASN F 213 6.31 3.80 -29.48
CA ASN F 213 5.10 4.66 -29.47
C ASN F 213 4.38 4.55 -28.11
N TRP F 214 4.23 3.34 -27.60
CA TRP F 214 3.54 3.17 -26.31
C TRP F 214 4.32 3.89 -25.20
N MET F 215 5.64 3.75 -25.17
CA MET F 215 6.43 4.28 -24.04
C MET F 215 6.49 5.82 -24.21
N ASP F 216 6.53 6.34 -25.45
CA ASP F 216 6.56 7.79 -25.73
C ASP F 216 5.28 8.46 -25.19
N SER F 217 4.14 7.79 -25.22
CA SER F 217 2.88 8.40 -24.70
C SER F 217 2.52 7.90 -23.30
N THR F 218 3.42 7.20 -22.61
CA THR F 218 3.21 6.79 -21.19
C THR F 218 4.12 7.63 -20.30
N PRO F 219 3.60 8.62 -19.56
CA PRO F 219 4.45 9.54 -18.80
C PRO F 219 5.26 8.89 -17.66
N TRP F 220 4.89 7.71 -17.14
CA TRP F 220 5.69 7.07 -16.04
C TRP F 220 6.88 6.26 -16.57
N VAL F 221 7.05 6.21 -17.89
CA VAL F 221 8.30 5.74 -18.49
C VAL F 221 9.16 6.98 -18.82
N ALA F 222 10.22 7.15 -18.07
CA ALA F 222 11.12 8.32 -18.17
C ALA F 222 11.96 8.17 -19.43
N GLU F 223 12.62 7.01 -19.58
CA GLU F 223 13.36 6.71 -20.83
C GLU F 223 13.48 5.19 -21.02
N TYR F 224 13.85 4.82 -22.22
CA TYR F 224 14.00 3.41 -22.66
C TYR F 224 15.17 3.28 -23.64
N ALA F 225 15.86 2.12 -23.65
CA ALA F 225 17.18 1.88 -24.29
C ALA F 225 17.16 0.59 -25.13
N LEU F 226 17.00 0.72 -26.44
CA LEU F 226 16.94 -0.41 -27.38
C LEU F 226 18.34 -1.02 -27.52
N PHE F 227 18.48 -2.31 -27.20
CA PHE F 227 19.74 -3.08 -27.33
C PHE F 227 19.97 -3.53 -28.79
N GLY F 228 21.21 -3.49 -29.23
CA GLY F 228 21.68 -4.18 -30.47
C GLY F 228 22.63 -3.34 -31.31
N CYS F 229 23.09 -2.17 -30.82
CA CYS F 229 23.96 -1.24 -31.62
C CYS F 229 25.43 -1.60 -31.36
N MET F 230 25.89 -2.65 -32.04
CA MET F 230 27.24 -3.25 -31.87
C MET F 230 27.45 -4.19 -33.05
N ARG F 231 28.72 -4.46 -33.37
CA ARG F 231 29.09 -5.12 -34.63
C ARG F 231 28.73 -6.63 -34.61
N GLN F 232 28.99 -7.29 -33.49
CA GLN F 232 28.79 -8.75 -33.27
C GLN F 232 27.56 -8.96 -32.37
N MET F 233 26.87 -10.07 -32.56
CA MET F 233 25.83 -10.54 -31.61
C MET F 233 26.48 -10.61 -30.24
N ALA F 234 25.84 -9.99 -29.26
CA ALA F 234 26.29 -10.03 -27.84
C ALA F 234 26.30 -11.49 -27.34
N ASP F 235 25.29 -12.28 -27.74
CA ASP F 235 25.14 -13.69 -27.29
C ASP F 235 24.19 -14.44 -28.22
N ASP F 236 23.77 -15.64 -27.84
CA ASP F 236 22.85 -16.44 -28.70
C ASP F 236 21.40 -16.07 -28.41
N PHE F 237 21.11 -15.37 -27.32
CA PHE F 237 19.70 -15.03 -26.96
C PHE F 237 19.20 -13.88 -27.82
N VAL F 238 19.91 -12.77 -27.93
CA VAL F 238 19.43 -11.62 -28.76
C VAL F 238 19.28 -12.05 -30.21
N SER F 239 18.49 -11.32 -30.99
CA SER F 239 18.19 -11.68 -32.39
C SER F 239 19.09 -10.95 -33.37
N PRO F 240 19.74 -11.66 -34.32
CA PRO F 240 20.39 -11.03 -35.46
C PRO F 240 19.50 -10.02 -36.21
N GLU F 241 18.18 -10.22 -36.25
CA GLU F 241 17.30 -9.31 -37.01
C GLU F 241 17.05 -8.05 -36.19
N ALA F 242 17.37 -8.03 -34.88
CA ALA F 242 17.23 -6.83 -34.00
C ALA F 242 18.53 -5.98 -33.91
N GLN F 243 19.61 -6.38 -34.57
CA GLN F 243 20.87 -5.60 -34.64
C GLN F 243 20.58 -4.19 -35.15
N LEU F 244 21.30 -3.25 -34.54
CA LEU F 244 21.16 -1.80 -34.86
C LEU F 244 22.41 -1.31 -35.60
N MET F 245 23.44 -2.14 -35.63
CA MET F 245 24.68 -1.87 -36.41
C MET F 245 24.97 -3.13 -37.26
N ASN F 246 25.38 -2.96 -38.52
CA ASN F 246 25.90 -4.05 -39.39
C ASN F 246 27.30 -4.45 -38.89
N LYS F 247 27.86 -5.48 -39.49
CA LYS F 247 29.23 -5.98 -39.19
C LYS F 247 30.23 -4.90 -39.53
N ASP F 248 29.97 -4.03 -40.51
CA ASP F 248 30.96 -2.97 -40.89
C ASP F 248 30.80 -1.72 -39.99
N GLY F 249 29.87 -1.69 -39.05
CA GLY F 249 29.64 -0.51 -38.18
C GLY F 249 28.63 0.50 -38.72
N SER F 250 28.16 0.37 -39.96
CA SER F 250 27.04 1.18 -40.50
C SER F 250 25.75 0.83 -39.70
N PHE F 251 24.79 1.74 -39.69
CA PHE F 251 23.54 1.57 -38.90
C PHE F 251 22.58 0.70 -39.71
N THR F 252 21.78 -0.11 -39.05
CA THR F 252 20.66 -0.81 -39.74
C THR F 252 19.47 0.16 -39.88
N ASP F 253 18.47 -0.23 -40.65
CA ASP F 253 17.25 0.59 -40.83
C ASP F 253 16.50 0.60 -39.51
N LEU F 254 16.48 -0.51 -38.77
CA LEU F 254 15.86 -0.52 -37.41
C LEU F 254 16.49 0.63 -36.59
N MET F 255 17.81 0.80 -36.65
CA MET F 255 18.50 1.88 -35.87
C MET F 255 18.13 3.26 -36.43
N TRP F 256 18.12 3.40 -37.75
CA TRP F 256 17.69 4.68 -38.36
C TRP F 256 16.31 5.09 -37.85
N LYS F 257 15.30 4.22 -37.90
CA LYS F 257 13.93 4.52 -37.40
C LYS F 257 13.98 4.84 -35.90
N TYR F 258 14.70 4.08 -35.07
CA TYR F 258 14.69 4.32 -33.60
C TYR F 258 15.25 5.73 -33.27
N MET F 259 16.23 6.18 -34.04
CA MET F 259 16.96 7.40 -33.70
C MET F 259 16.37 8.57 -34.49
N SER F 260 15.41 8.34 -35.40
CA SER F 260 14.96 9.40 -36.30
C SER F 260 13.44 9.64 -36.26
N ASP F 261 12.61 8.68 -35.86
CA ASP F 261 11.17 8.71 -36.21
C ASP F 261 10.35 8.74 -34.92
N GLN F 262 9.65 9.85 -34.67
CA GLN F 262 8.71 9.97 -33.54
C GLN F 262 7.49 10.74 -34.05
N PRO F 263 6.31 10.12 -34.26
CA PRO F 263 6.08 8.67 -34.10
C PRO F 263 6.94 7.70 -34.96
N MET F 264 7.37 6.58 -34.34
CA MET F 264 7.94 5.37 -35.01
C MET F 264 6.87 4.72 -35.87
N HIS F 265 7.28 4.20 -37.03
CA HIS F 265 6.39 3.49 -37.97
C HIS F 265 7.14 2.32 -38.63
N ILE F 266 6.35 1.37 -39.08
CA ILE F 266 6.69 0.18 -39.91
C ILE F 266 7.19 0.66 -41.26
N GLY G 18 -45.81 6.31 -8.33
CA GLY G 18 -45.86 4.86 -8.57
C GLY G 18 -46.10 4.07 -7.30
N SER G 19 -45.65 2.82 -7.30
CA SER G 19 -46.06 1.71 -6.40
C SER G 19 -44.94 1.33 -5.43
N HIS G 20 -43.80 2.05 -5.51
CA HIS G 20 -42.44 1.71 -4.97
C HIS G 20 -42.19 2.81 -3.89
N MET G 21 -41.79 2.52 -2.64
CA MET G 21 -41.06 3.51 -1.79
C MET G 21 -39.78 3.91 -2.53
N VAL G 22 -39.54 5.18 -2.84
CA VAL G 22 -38.31 5.56 -3.62
C VAL G 22 -37.11 5.61 -2.66
N LYS G 23 -36.09 4.80 -2.92
CA LYS G 23 -34.94 4.62 -1.98
C LYS G 23 -33.63 5.01 -2.69
N LYS G 24 -33.25 6.28 -2.59
CA LYS G 24 -32.03 6.87 -3.20
C LYS G 24 -31.15 7.57 -2.15
N ARG G 25 -31.36 7.36 -0.87
CA ARG G 25 -30.65 8.21 0.11
C ARG G 25 -29.42 7.46 0.61
N VAL G 26 -28.31 8.18 0.70
CA VAL G 26 -27.04 7.64 1.29
C VAL G 26 -26.89 8.08 2.74
N LEU G 27 -26.46 7.17 3.59
CA LEU G 27 -26.00 7.53 4.95
C LEU G 27 -24.50 7.81 4.88
N LEU G 28 -24.10 9.09 4.99
CA LEU G 28 -22.69 9.48 5.13
C LEU G 28 -22.35 9.21 6.57
N TRP G 29 -21.33 8.40 6.87
CA TRP G 29 -21.02 7.97 8.26
C TRP G 29 -19.55 8.29 8.50
N ASP G 30 -19.31 9.53 8.94
CA ASP G 30 -17.99 10.06 9.30
C ASP G 30 -17.36 9.10 10.30
N TYR G 31 -16.04 8.95 10.22
CA TYR G 31 -15.27 7.97 11.00
C TYR G 31 -15.36 8.27 12.47
N THR G 32 -15.58 9.52 12.88
CA THR G 32 -15.83 9.93 14.30
C THR G 32 -17.03 9.20 14.91
N ASN G 33 -18.04 8.88 14.12
CA ASN G 33 -19.11 7.93 14.53
C ASN G 33 -18.50 6.58 14.97
N THR G 34 -17.65 6.00 14.14
CA THR G 34 -17.04 4.66 14.37
C THR G 34 -16.09 4.78 15.56
N ARG G 35 -15.40 5.95 15.65
CA ARG G 35 -14.45 6.20 16.76
C ARG G 35 -15.21 6.28 18.07
N ASP G 36 -16.35 6.97 18.11
CA ASP G 36 -16.90 7.38 19.43
C ASP G 36 -18.27 6.81 19.75
N VAL G 37 -19.15 6.70 18.76
CA VAL G 37 -20.58 6.38 19.01
C VAL G 37 -21.02 5.33 17.96
N LYS G 38 -20.34 4.20 17.92
CA LYS G 38 -20.68 3.04 17.02
C LYS G 38 -22.15 2.63 17.16
N TRP G 39 -22.59 2.55 18.41
CA TRP G 39 -23.98 2.27 18.84
C TRP G 39 -25.00 3.11 18.07
N ALA G 40 -24.66 4.28 17.55
CA ALA G 40 -25.66 5.15 16.87
C ALA G 40 -26.17 4.40 15.62
N MET G 41 -25.33 3.56 15.06
CA MET G 41 -25.68 2.84 13.81
C MET G 41 -26.86 1.93 14.09
N ASP G 42 -27.02 1.42 15.31
CA ASP G 42 -28.13 0.47 15.63
C ASP G 42 -29.44 1.25 15.70
N LYS G 43 -29.39 2.57 15.77
CA LYS G 43 -30.60 3.40 15.92
C LYS G 43 -31.09 3.93 14.60
N ILE G 44 -30.34 3.67 13.54
CA ILE G 44 -30.70 4.13 12.18
C ILE G 44 -31.99 3.45 11.79
N ASN G 45 -32.75 4.10 10.95
CA ASN G 45 -33.94 3.47 10.35
C ASN G 45 -33.51 2.80 9.05
N PHE G 46 -33.54 1.46 9.00
CA PHE G 46 -33.03 0.70 7.82
C PHE G 46 -34.21 0.36 6.92
N LYS G 47 -35.43 0.74 7.29
CA LYS G 47 -36.65 0.37 6.54
C LYS G 47 -37.23 1.55 5.75
N GLY G 48 -36.59 2.71 5.76
CA GLY G 48 -37.11 3.91 5.11
C GLY G 48 -36.42 4.08 3.76
N PRO G 49 -36.21 5.33 3.30
CA PRO G 49 -35.56 5.58 2.01
C PRO G 49 -34.03 5.46 2.03
N LEU G 50 -33.38 5.10 3.15
CA LEU G 50 -31.89 4.92 3.06
C LEU G 50 -31.59 3.71 2.18
N HIS G 51 -30.65 3.79 1.24
CA HIS G 51 -30.32 2.60 0.42
C HIS G 51 -28.84 2.29 0.36
N SER G 52 -27.97 3.13 0.93
CA SER G 52 -26.51 2.87 0.89
C SER G 52 -25.82 3.73 1.96
N CYS G 53 -24.51 3.56 2.11
CA CYS G 53 -23.65 4.15 3.15
C CYS G 53 -22.27 4.37 2.54
N SER G 54 -21.64 5.55 2.76
CA SER G 54 -20.20 5.80 2.46
C SER G 54 -19.57 6.46 3.67
N ASN G 55 -18.25 6.40 3.77
CA ASN G 55 -17.57 6.93 4.97
C ASN G 55 -16.28 7.67 4.58
N TRP G 56 -16.09 7.99 3.29
CA TRP G 56 -14.89 8.68 2.76
C TRP G 56 -13.64 7.82 2.93
N ASN G 57 -13.77 6.51 3.10
CA ASN G 57 -12.62 5.64 3.44
C ASN G 57 -12.70 4.36 2.59
N THR G 58 -11.58 3.65 2.51
CA THR G 58 -11.56 2.31 1.87
C THR G 58 -12.11 1.26 2.83
N TRP G 59 -11.99 1.45 4.15
CA TRP G 59 -12.33 0.43 5.14
C TRP G 59 -13.81 0.48 5.44
N TYR G 60 -14.36 -0.68 5.78
CA TYR G 60 -15.78 -0.96 6.03
C TYR G 60 -16.10 -0.59 7.46
N PRO G 61 -17.23 0.14 7.72
CA PRO G 61 -17.67 0.36 9.07
C PRO G 61 -18.49 -0.84 9.58
N ASP G 62 -17.85 -1.65 10.45
CA ASP G 62 -18.32 -2.98 10.95
C ASP G 62 -19.71 -2.81 11.59
N GLU G 63 -19.97 -1.67 12.24
CA GLU G 63 -21.25 -1.49 12.97
C GLU G 63 -22.41 -1.44 11.97
N LEU G 64 -22.19 -1.18 10.68
CA LEU G 64 -23.23 -1.25 9.61
C LEU G 64 -23.82 -2.68 9.54
N LYS G 65 -23.05 -3.67 9.95
CA LYS G 65 -23.44 -5.11 9.83
C LYS G 65 -24.22 -5.39 8.54
N HIS G 66 -23.75 -4.88 7.41
CA HIS G 66 -24.32 -5.21 6.07
C HIS G 66 -25.77 -4.75 5.92
N ARG G 67 -26.24 -3.77 6.72
CA ARG G 67 -27.69 -3.42 6.69
C ARG G 67 -27.98 -2.53 5.50
N LEU G 68 -26.96 -1.94 4.88
CA LEU G 68 -27.15 -1.21 3.61
C LEU G 68 -25.94 -1.54 2.79
N PRO G 69 -25.99 -1.44 1.48
CA PRO G 69 -24.77 -1.43 0.70
C PRO G 69 -23.79 -0.29 1.08
N PHE G 70 -22.49 -0.58 1.02
CA PHE G 70 -21.37 0.37 1.39
C PHE G 70 -20.55 0.72 0.13
N ARG G 71 -20.36 2.00 -0.15
CA ARG G 71 -19.57 2.49 -1.31
C ARG G 71 -18.18 2.83 -0.79
N PRO G 72 -17.17 1.94 -0.94
CA PRO G 72 -15.79 2.31 -0.58
C PRO G 72 -15.37 3.51 -1.44
N MET G 73 -14.47 4.28 -0.87
CA MET G 73 -13.93 5.48 -1.53
C MET G 73 -12.41 5.40 -1.65
N ILE G 74 -11.91 5.63 -2.85
CA ILE G 74 -10.47 5.94 -3.06
C ILE G 74 -10.28 7.46 -2.85
N HIS G 75 -10.10 7.91 -1.62
CA HIS G 75 -10.31 9.36 -1.28
C HIS G 75 -9.22 10.24 -1.92
N GLY G 76 -7.95 9.79 -1.86
CA GLY G 76 -6.75 10.54 -2.28
C GLY G 76 -5.61 9.60 -2.72
N LYS G 77 -4.41 10.12 -2.95
CA LYS G 77 -3.30 9.26 -3.48
C LYS G 77 -2.95 8.17 -2.47
N ASN G 78 -2.99 8.45 -1.18
CA ASN G 78 -2.66 7.45 -0.11
C ASN G 78 -3.53 6.18 -0.22
N ASN G 79 -4.61 6.23 -1.00
CA ASN G 79 -5.63 5.16 -0.99
C ASN G 79 -5.36 4.25 -2.19
N LEU G 80 -4.28 4.48 -2.97
CA LEU G 80 -4.02 3.73 -4.23
C LEU G 80 -3.07 2.54 -4.05
N THR G 81 -2.51 2.33 -2.85
CA THR G 81 -1.50 1.29 -2.61
C THR G 81 -1.66 0.64 -1.24
N GLY G 82 -0.97 -0.49 -1.05
CA GLY G 82 -0.85 -1.18 0.26
C GLY G 82 -2.20 -1.65 0.78
N GLY G 83 -2.39 -1.51 2.09
CA GLY G 83 -3.58 -1.99 2.82
C GLY G 83 -4.82 -1.28 2.33
N GLU G 84 -4.68 0.01 2.01
CA GLU G 84 -5.82 0.85 1.60
C GLU G 84 -6.32 0.26 0.28
N TRP G 85 -5.42 -0.15 -0.60
CA TRP G 85 -5.82 -0.68 -1.92
C TRP G 85 -6.42 -2.07 -1.73
N GLN G 86 -5.85 -2.91 -0.85
CA GLN G 86 -6.37 -4.29 -0.54
C GLN G 86 -7.83 -4.21 -0.05
N ASN G 87 -8.16 -3.21 0.81
CA ASN G 87 -9.55 -2.93 1.25
C ASN G 87 -10.40 -2.77 -0.01
N ILE G 88 -9.90 -2.08 -1.04
CA ILE G 88 -10.67 -1.85 -2.30
C ILE G 88 -10.71 -3.17 -3.07
N LEU G 89 -9.61 -3.91 -3.15
CA LEU G 89 -9.58 -5.17 -3.94
C LEU G 89 -10.49 -6.25 -3.32
N LYS G 90 -10.51 -6.41 -2.01
CA LYS G 90 -11.21 -7.53 -1.33
C LYS G 90 -12.72 -7.25 -1.15
N THR G 91 -13.22 -6.04 -1.46
CA THR G 91 -14.63 -5.70 -1.16
C THR G 91 -15.58 -6.53 -2.03
N ASN G 92 -16.64 -7.03 -1.41
CA ASN G 92 -17.82 -7.58 -2.11
C ASN G 92 -18.75 -6.47 -2.60
N GLU G 93 -18.59 -5.22 -2.17
CA GLU G 93 -19.60 -4.17 -2.50
C GLU G 93 -19.34 -3.80 -3.95
N GLU G 94 -20.31 -3.17 -4.58
CA GLU G 94 -20.39 -3.10 -6.05
C GLU G 94 -20.09 -1.71 -6.60
N VAL G 95 -20.19 -0.65 -5.81
CA VAL G 95 -19.98 0.74 -6.33
C VAL G 95 -18.87 1.43 -5.53
N ILE G 96 -17.86 1.93 -6.26
CA ILE G 96 -16.59 2.50 -5.71
C ILE G 96 -16.50 3.95 -6.16
N HIS G 97 -16.28 4.83 -5.17
CA HIS G 97 -15.93 6.26 -5.41
C HIS G 97 -14.43 6.46 -5.66
N PHE G 98 -14.15 7.29 -6.63
CA PHE G 98 -12.81 7.88 -6.85
C PHE G 98 -12.66 9.12 -5.96
N PHE G 99 -11.72 10.01 -6.29
CA PHE G 99 -11.14 11.02 -5.38
C PHE G 99 -12.22 12.02 -4.91
N ASN G 100 -12.08 12.37 -3.63
CA ASN G 100 -12.81 13.46 -2.94
C ASN G 100 -12.13 14.82 -3.24
N GLU G 101 -12.82 15.68 -3.99
CA GLU G 101 -12.39 17.11 -4.19
C GLU G 101 -10.87 17.14 -4.50
N PRO G 102 -10.42 16.38 -5.56
CA PRO G 102 -9.00 16.33 -5.95
C PRO G 102 -8.41 17.71 -6.31
N GLU G 103 -9.23 18.60 -6.90
CA GLU G 103 -8.88 20.00 -7.23
C GLU G 103 -8.43 20.72 -5.97
N ARG G 104 -8.79 20.22 -4.80
CA ARG G 104 -8.37 20.93 -3.57
C ARG G 104 -7.24 20.16 -2.95
N ALA G 105 -6.87 19.03 -3.50
CA ALA G 105 -5.78 18.18 -2.94
C ALA G 105 -4.51 18.30 -3.79
N GLY G 106 -4.44 19.21 -4.77
CA GLY G 106 -3.30 19.34 -5.69
C GLY G 106 -3.22 18.19 -6.71
N ILE G 107 -4.33 17.53 -7.02
CA ILE G 107 -4.35 16.42 -8.01
C ILE G 107 -4.92 16.96 -9.30
N SER G 108 -4.13 16.93 -10.36
CA SER G 108 -4.50 17.50 -11.66
C SER G 108 -5.47 16.53 -12.34
N PRO G 109 -6.37 17.04 -13.22
CA PRO G 109 -7.21 16.18 -14.03
C PRO G 109 -6.30 15.17 -14.74
N GLU G 110 -5.17 15.63 -15.25
CA GLU G 110 -4.27 14.78 -16.08
C GLU G 110 -3.72 13.64 -15.25
N GLU G 111 -3.37 13.85 -14.00
CA GLU G 111 -2.86 12.75 -13.15
C GLU G 111 -4.00 11.78 -12.80
N ALA G 112 -5.15 12.29 -12.31
CA ALA G 112 -6.40 11.51 -12.03
C ALA G 112 -6.77 10.68 -13.28
N ALA G 113 -6.67 11.27 -14.48
CA ALA G 113 -7.00 10.54 -15.74
C ALA G 113 -6.05 9.34 -15.96
N LYS G 114 -4.77 9.53 -15.71
CA LYS G 114 -3.75 8.47 -15.82
C LYS G 114 -4.03 7.37 -14.78
N ILE G 115 -4.26 7.74 -13.52
CA ILE G 115 -4.50 6.77 -12.39
C ILE G 115 -5.75 5.92 -12.70
N TRP G 116 -6.74 6.56 -13.30
CA TRP G 116 -8.01 5.94 -13.70
C TRP G 116 -7.73 4.88 -14.74
N ASN G 117 -7.10 5.30 -15.85
CA ASN G 117 -6.70 4.44 -16.99
C ASN G 117 -5.87 3.24 -16.52
N ASP G 118 -4.86 3.41 -15.67
CA ASP G 118 -3.83 2.36 -15.43
C ASP G 118 -4.14 1.56 -14.19
N GLN G 119 -4.94 2.10 -13.30
CA GLN G 119 -5.20 1.40 -12.03
C GLN G 119 -6.69 1.31 -11.72
N VAL G 120 -7.49 2.35 -11.91
CA VAL G 120 -8.83 2.25 -11.28
C VAL G 120 -9.78 1.47 -12.19
N LEU G 121 -9.53 1.48 -13.49
CA LEU G 121 -10.37 0.80 -14.50
C LEU G 121 -10.35 -0.70 -14.31
N ALA G 122 -9.25 -1.26 -13.78
CA ALA G 122 -9.11 -2.71 -13.51
C ALA G 122 -10.31 -3.15 -12.66
N LEU G 123 -10.77 -2.26 -11.78
CA LEU G 123 -11.87 -2.54 -10.83
C LEU G 123 -13.14 -2.78 -11.66
N ARG G 124 -13.26 -2.16 -12.83
CA ARG G 124 -14.36 -2.47 -13.77
C ARG G 124 -14.02 -3.73 -14.60
N THR G 125 -12.88 -3.76 -15.31
CA THR G 125 -12.61 -4.76 -16.41
C THR G 125 -12.23 -6.10 -15.77
N SER G 126 -11.60 -6.08 -14.60
CA SER G 126 -11.26 -7.35 -13.92
C SER G 126 -12.22 -7.65 -12.74
N HIS G 127 -12.73 -6.65 -12.02
CA HIS G 127 -13.54 -6.84 -10.78
C HIS G 127 -15.05 -6.54 -10.99
N HIS G 128 -15.44 -6.04 -12.16
CA HIS G 128 -16.83 -5.69 -12.58
C HIS G 128 -17.54 -4.92 -11.47
N LYS G 129 -16.84 -3.97 -10.85
CA LYS G 129 -17.42 -2.97 -9.94
C LYS G 129 -17.84 -1.79 -10.80
N ARG G 130 -18.81 -1.01 -10.30
CA ARG G 130 -19.21 0.24 -10.98
C ARG G 130 -18.42 1.38 -10.36
N LEU G 131 -18.16 2.45 -11.10
CA LEU G 131 -17.18 3.48 -10.67
C LEU G 131 -17.79 4.87 -10.73
N VAL G 132 -17.61 5.60 -9.64
CA VAL G 132 -18.01 7.02 -9.59
C VAL G 132 -16.80 7.92 -9.90
N SER G 133 -16.99 8.95 -10.75
CA SER G 133 -16.04 10.06 -10.99
C SER G 133 -15.57 10.62 -9.64
N PRO G 134 -14.38 11.28 -9.61
CA PRO G 134 -14.05 12.17 -8.50
C PRO G 134 -15.28 13.03 -8.23
N SER G 135 -15.54 13.33 -6.97
CA SER G 135 -16.56 14.30 -6.54
C SER G 135 -15.87 15.64 -6.19
N CYS G 136 -16.01 16.61 -7.09
CA CYS G 136 -15.44 17.96 -6.98
C CYS G 136 -16.42 18.96 -6.34
N ALA G 137 -15.93 20.06 -5.75
CA ALA G 137 -16.78 21.18 -5.24
C ALA G 137 -17.53 21.83 -6.40
N SER G 138 -18.68 22.44 -6.13
CA SER G 138 -19.50 23.16 -7.14
C SER G 138 -18.98 24.60 -7.41
N ASP G 139 -17.75 24.95 -7.02
CA ASP G 139 -17.16 26.28 -7.38
C ASP G 139 -16.57 26.19 -8.78
N PRO G 140 -16.17 27.31 -9.41
CA PRO G 140 -15.69 27.25 -10.79
C PRO G 140 -14.50 26.29 -10.93
N ALA G 141 -13.69 26.19 -9.88
CA ALA G 141 -12.45 25.37 -9.84
C ALA G 141 -12.85 23.88 -9.94
N GLY G 142 -13.89 23.50 -9.19
CA GLY G 142 -14.46 22.15 -9.21
C GLY G 142 -15.13 21.83 -10.54
N ILE G 143 -15.99 22.72 -11.05
CA ILE G 143 -16.64 22.52 -12.39
C ILE G 143 -15.57 22.37 -13.48
N ALA G 144 -14.49 23.18 -13.49
CA ALA G 144 -13.43 23.17 -14.53
C ALA G 144 -12.65 21.85 -14.42
N TRP G 145 -12.39 21.37 -13.19
CA TRP G 145 -11.65 20.11 -12.93
C TRP G 145 -12.48 18.95 -13.51
N ILE G 146 -13.73 18.77 -13.06
CA ILE G 146 -14.58 17.66 -13.55
C ILE G 146 -14.84 17.80 -15.06
N LYS G 147 -14.97 19.01 -15.62
CA LYS G 147 -15.17 19.14 -17.11
C LYS G 147 -13.94 18.59 -17.85
N LYS G 148 -12.73 18.91 -17.39
CA LYS G 148 -11.49 18.44 -18.05
C LYS G 148 -11.34 16.91 -17.91
N TRP G 149 -11.50 16.38 -16.69
CA TRP G 149 -11.26 14.94 -16.37
C TRP G 149 -12.24 14.08 -17.18
N MET G 150 -13.49 14.53 -17.22
CA MET G 150 -14.56 13.86 -17.97
C MET G 150 -14.15 13.83 -19.44
N ASN G 151 -13.62 14.94 -19.95
CA ASN G 151 -13.23 14.96 -21.37
C ASN G 151 -12.07 13.98 -21.56
N LEU G 152 -11.10 13.98 -20.65
CA LEU G 152 -9.87 13.14 -20.79
C LEU G 152 -10.24 11.65 -20.80
N VAL G 153 -11.25 11.23 -20.06
CA VAL G 153 -11.52 9.78 -19.84
C VAL G 153 -12.76 9.36 -20.63
N ALA G 154 -13.20 10.12 -21.64
CA ALA G 154 -14.49 9.90 -22.37
C ALA G 154 -14.56 8.52 -23.04
N LYS G 155 -13.42 7.88 -23.36
CA LYS G 155 -13.42 6.52 -23.96
C LYS G 155 -13.60 5.45 -22.87
N ASN G 156 -13.37 5.78 -21.59
CA ASN G 156 -13.59 4.88 -20.43
C ASN G 156 -14.33 5.63 -19.32
N PRO G 157 -15.58 6.06 -19.60
CA PRO G 157 -16.23 7.02 -18.73
C PRO G 157 -16.61 6.32 -17.43
N PRO G 158 -16.82 7.13 -16.39
CA PRO G 158 -17.32 6.61 -15.12
C PRO G 158 -18.75 6.10 -15.27
N ASP G 159 -19.18 5.20 -14.39
CA ASP G 159 -20.60 4.79 -14.34
C ASP G 159 -21.46 5.96 -13.85
N TYR G 160 -20.95 6.76 -12.93
CA TYR G 160 -21.75 7.84 -12.30
C TYR G 160 -20.91 9.10 -12.21
N LEU G 161 -21.57 10.27 -12.31
CA LEU G 161 -20.91 11.58 -12.15
C LEU G 161 -21.16 12.00 -10.71
N GLY G 162 -20.09 12.04 -9.90
CA GLY G 162 -20.09 12.45 -8.49
C GLY G 162 -20.07 13.99 -8.41
N LEU G 163 -20.97 14.58 -7.60
CA LEU G 163 -21.10 16.05 -7.40
C LEU G 163 -21.24 16.33 -5.91
N HIS G 164 -20.78 17.49 -5.49
CA HIS G 164 -20.96 18.07 -4.15
C HIS G 164 -21.72 19.39 -4.32
N TRP G 165 -22.65 19.69 -3.43
CA TRP G 165 -23.29 21.03 -3.49
C TRP G 165 -23.62 21.46 -2.09
N TYR G 166 -23.30 22.70 -1.81
CA TYR G 166 -23.57 23.37 -0.53
C TYR G 166 -24.02 24.78 -0.84
N GLY G 167 -25.12 25.18 -0.19
CA GLY G 167 -25.79 26.43 -0.48
C GLY G 167 -26.97 26.65 0.44
N THR G 168 -27.64 27.78 0.22
CA THR G 168 -28.83 28.20 1.01
C THR G 168 -30.10 28.19 0.14
N LYS G 169 -29.98 28.17 -1.19
CA LYS G 169 -31.14 28.21 -2.12
C LYS G 169 -31.38 26.90 -2.89
N GLY G 170 -32.50 26.21 -2.60
CA GLY G 170 -32.89 24.91 -3.24
C GLY G 170 -32.89 25.07 -4.75
N ASP G 171 -33.51 26.15 -5.24
CA ASP G 171 -33.60 26.38 -6.70
C ASP G 171 -32.20 26.46 -7.31
N GLU G 172 -31.17 26.86 -6.56
CA GLU G 172 -29.77 26.92 -7.08
C GLU G 172 -29.18 25.49 -7.23
N MET G 173 -29.44 24.61 -6.25
CA MET G 173 -28.91 23.22 -6.28
C MET G 173 -29.52 22.49 -7.49
N ILE G 174 -30.84 22.64 -7.69
CA ILE G 174 -31.60 22.14 -8.86
C ILE G 174 -30.98 22.67 -10.15
N ARG G 175 -30.80 23.99 -10.27
CA ARG G 175 -30.19 24.60 -11.47
C ARG G 175 -28.81 23.98 -11.67
N TYR G 176 -28.02 23.83 -10.61
CA TYR G 176 -26.69 23.18 -10.72
C TYR G 176 -26.80 21.74 -11.27
N LEU G 177 -27.63 20.90 -10.67
CA LEU G 177 -27.79 19.47 -11.09
C LEU G 177 -28.26 19.42 -12.56
N GLU G 178 -29.25 20.22 -12.94
CA GLU G 178 -29.72 20.26 -14.34
C GLU G 178 -28.58 20.69 -15.27
N SER G 179 -27.74 21.62 -14.84
CA SER G 179 -26.65 22.14 -15.70
C SER G 179 -25.58 21.04 -15.91
N MET G 180 -25.18 20.35 -14.84
CA MET G 180 -24.19 19.25 -14.93
C MET G 180 -24.79 18.10 -15.75
N HIS G 181 -26.09 17.80 -15.57
CA HIS G 181 -26.78 16.78 -16.40
C HIS G 181 -26.62 17.12 -17.89
N LYS G 182 -26.90 18.35 -18.31
CA LYS G 182 -26.88 18.75 -19.75
C LYS G 182 -25.45 18.61 -20.29
N GLU G 183 -24.49 19.09 -19.52
CA GLU G 183 -23.01 19.06 -19.78
C GLU G 183 -22.53 17.58 -19.85
N HIS G 184 -22.78 16.75 -18.85
CA HIS G 184 -22.33 15.33 -18.81
C HIS G 184 -23.56 14.43 -18.87
N PRO G 185 -24.19 14.30 -20.07
CA PRO G 185 -25.52 13.72 -20.22
C PRO G 185 -25.47 12.20 -20.22
N HIS G 186 -24.27 11.62 -20.38
CA HIS G 186 -24.09 10.20 -20.78
C HIS G 186 -24.20 9.30 -19.53
N GLN G 187 -24.27 9.81 -18.30
CA GLN G 187 -24.35 8.90 -17.13
C GLN G 187 -25.17 9.52 -16.01
N PRO G 188 -25.70 8.69 -15.10
CA PRO G 188 -26.43 9.23 -13.97
C PRO G 188 -25.49 9.98 -13.00
N ILE G 189 -26.11 10.87 -12.22
CA ILE G 189 -25.40 11.70 -11.20
C ILE G 189 -25.59 11.04 -9.84
N ILE G 190 -24.53 11.03 -9.05
CA ILE G 190 -24.58 10.77 -7.60
C ILE G 190 -24.15 12.04 -6.86
N VAL G 191 -25.02 12.57 -5.99
CA VAL G 191 -24.70 13.74 -5.14
C VAL G 191 -24.08 13.15 -3.88
N SER G 192 -22.76 12.97 -3.89
CA SER G 192 -21.98 12.27 -2.85
C SER G 192 -21.92 13.05 -1.53
N GLU G 193 -22.14 14.37 -1.56
CA GLU G 193 -22.26 15.29 -0.39
C GLU G 193 -23.14 16.51 -0.77
N TRP G 194 -24.16 16.79 0.01
CA TRP G 194 -24.89 18.06 -0.12
C TRP G 194 -25.46 18.42 1.24
N ALA G 195 -25.74 19.75 1.43
CA ALA G 195 -26.56 20.21 2.56
C ALA G 195 -26.93 21.68 2.40
N SER G 196 -27.95 22.12 3.13
CA SER G 196 -28.20 23.57 3.37
C SER G 196 -27.09 24.09 4.25
N THR G 197 -26.60 25.26 3.95
CA THR G 197 -25.66 25.98 4.86
C THR G 197 -26.36 27.15 5.55
N SER G 198 -27.67 27.33 5.36
CA SER G 198 -28.47 28.40 6.01
C SER G 198 -28.42 28.22 7.54
N ARG G 199 -28.37 29.32 8.32
CA ARG G 199 -28.39 29.20 9.81
C ARG G 199 -29.83 29.31 10.30
N SER G 200 -30.78 29.49 9.37
CA SER G 200 -32.23 29.37 9.64
C SER G 200 -32.70 27.92 9.46
N TYR G 201 -33.05 27.25 10.56
CA TYR G 201 -33.53 25.86 10.56
C TYR G 201 -34.74 25.71 9.63
N PRO G 202 -35.76 26.59 9.67
CA PRO G 202 -36.84 26.49 8.68
C PRO G 202 -36.36 26.44 7.21
N ASP G 203 -35.35 27.22 6.86
CA ASP G 203 -34.76 27.25 5.49
C ASP G 203 -33.88 26.01 5.26
N VAL G 204 -33.23 25.46 6.29
CA VAL G 204 -32.48 24.19 6.16
C VAL G 204 -33.48 23.09 5.75
N LEU G 205 -34.52 22.94 6.56
CA LEU G 205 -35.60 21.96 6.43
C LEU G 205 -36.26 22.15 5.05
N GLY G 206 -36.62 23.36 4.69
CA GLY G 206 -37.38 23.59 3.45
C GLY G 206 -36.55 23.24 2.23
N LEU G 207 -35.24 23.51 2.28
CA LEU G 207 -34.34 23.13 1.17
C LEU G 207 -34.19 21.60 1.11
N THR G 208 -33.94 20.99 2.26
CA THR G 208 -33.67 19.54 2.30
C THR G 208 -34.88 18.81 1.74
N VAL G 209 -36.10 19.23 2.15
CA VAL G 209 -37.41 18.63 1.73
C VAL G 209 -37.55 18.86 0.22
N GLN G 210 -37.40 20.10 -0.25
CA GLN G 210 -37.49 20.41 -1.72
C GLN G 210 -36.57 19.47 -2.53
N LEU G 211 -35.33 19.35 -2.09
CA LEU G 211 -34.26 18.72 -2.91
C LEU G 211 -34.36 17.18 -2.84
N ALA G 212 -34.66 16.59 -1.69
CA ALA G 212 -34.91 15.13 -1.60
C ALA G 212 -36.07 14.78 -2.54
N ASN G 213 -37.19 15.55 -2.47
CA ASN G 213 -38.41 15.19 -3.25
C ASN G 213 -38.11 15.40 -4.73
N TRP G 214 -37.43 16.46 -5.10
CA TRP G 214 -37.02 16.74 -6.50
C TRP G 214 -36.15 15.61 -7.05
N MET G 215 -35.14 15.21 -6.26
CA MET G 215 -34.13 14.21 -6.67
C MET G 215 -34.81 12.83 -6.69
N ASP G 216 -35.68 12.55 -5.72
CA ASP G 216 -36.45 11.28 -5.66
C ASP G 216 -37.23 11.07 -6.95
N SER G 217 -37.68 12.15 -7.60
CA SER G 217 -38.54 12.18 -8.81
C SER G 217 -37.69 12.31 -10.07
N THR G 218 -36.40 12.55 -9.96
CA THR G 218 -35.58 12.80 -11.17
C THR G 218 -34.85 11.49 -11.50
N PRO G 219 -35.16 10.84 -12.64
CA PRO G 219 -34.64 9.51 -12.90
C PRO G 219 -33.09 9.48 -12.99
N TRP G 220 -32.47 10.57 -13.45
CA TRP G 220 -31.00 10.58 -13.73
C TRP G 220 -30.21 10.97 -12.46
N VAL G 221 -30.88 11.14 -11.33
CA VAL G 221 -30.17 11.19 -10.03
C VAL G 221 -30.29 9.79 -9.45
N ALA G 222 -29.16 9.09 -9.32
CA ALA G 222 -29.15 7.70 -8.84
C ALA G 222 -29.24 7.67 -7.33
N GLU G 223 -28.42 8.47 -6.66
CA GLU G 223 -28.48 8.57 -5.18
C GLU G 223 -27.93 9.95 -4.76
N TYR G 224 -28.21 10.34 -3.52
CA TYR G 224 -27.78 11.64 -2.94
C TYR G 224 -27.56 11.43 -1.45
N ALA G 225 -26.64 12.18 -0.88
CA ALA G 225 -25.99 11.90 0.43
C ALA G 225 -25.96 13.19 1.23
N LEU G 226 -26.86 13.32 2.18
CA LEU G 226 -26.98 14.53 3.01
C LEU G 226 -25.87 14.52 4.07
N PHE G 227 -25.15 15.62 4.15
CA PHE G 227 -24.01 15.84 5.04
C PHE G 227 -24.47 16.29 6.43
N GLY G 228 -23.88 15.78 7.50
CA GLY G 228 -24.09 16.37 8.82
C GLY G 228 -24.24 15.37 9.94
N CYS G 229 -24.13 14.07 9.67
CA CYS G 229 -24.40 13.02 10.70
C CYS G 229 -23.10 12.77 11.47
N MET G 230 -22.74 13.69 12.35
CA MET G 230 -21.53 13.58 13.22
C MET G 230 -21.74 14.52 14.43
N ARG G 231 -21.03 14.31 15.53
CA ARG G 231 -21.29 14.97 16.82
C ARG G 231 -20.80 16.43 16.80
N GLN G 232 -19.74 16.75 16.04
CA GLN G 232 -19.05 18.08 16.01
C GLN G 232 -19.19 18.64 14.60
N MET G 233 -19.18 19.97 14.49
CA MET G 233 -19.20 20.67 13.18
C MET G 233 -17.89 20.32 12.48
N ALA G 234 -17.99 19.93 11.21
CA ALA G 234 -16.88 19.46 10.37
C ALA G 234 -15.96 20.65 10.18
N ASP G 235 -16.56 21.81 9.99
CA ASP G 235 -15.83 23.08 9.78
C ASP G 235 -16.79 24.22 10.11
N ASP G 236 -16.41 25.45 9.79
CA ASP G 236 -17.22 26.68 10.02
C ASP G 236 -18.10 26.95 8.82
N PHE G 237 -17.92 26.24 7.72
CA PHE G 237 -18.73 26.48 6.50
C PHE G 237 -20.10 25.80 6.69
N VAL G 238 -20.17 24.56 7.21
CA VAL G 238 -21.46 23.84 7.40
C VAL G 238 -22.26 24.51 8.52
N SER G 239 -23.59 24.39 8.42
CA SER G 239 -24.55 25.00 9.37
C SER G 239 -24.80 24.12 10.58
N PRO G 240 -24.61 24.66 11.81
CA PRO G 240 -25.09 23.96 13.01
C PRO G 240 -26.56 23.52 12.87
N GLU G 241 -27.35 24.28 12.11
CA GLU G 241 -28.81 23.99 12.00
C GLU G 241 -29.03 22.74 11.11
N ALA G 242 -28.06 22.40 10.25
CA ALA G 242 -28.08 21.23 9.32
C ALA G 242 -27.57 19.94 9.96
N GLN G 243 -27.13 19.98 11.21
CA GLN G 243 -26.55 18.77 11.85
C GLN G 243 -27.63 17.68 11.90
N LEU G 244 -27.21 16.43 11.66
CA LEU G 244 -28.08 15.22 11.65
C LEU G 244 -27.84 14.45 12.92
N MET G 245 -26.88 14.87 13.72
CA MET G 245 -26.60 14.17 15.00
C MET G 245 -26.37 15.27 16.05
N ASN G 246 -26.77 15.03 17.28
CA ASN G 246 -26.56 15.97 18.42
C ASN G 246 -25.19 15.64 18.99
N LYS G 247 -24.74 16.44 19.97
CA LYS G 247 -23.42 16.27 20.64
C LYS G 247 -23.38 14.98 21.43
N ASP G 248 -24.51 14.38 21.82
CA ASP G 248 -24.44 13.14 22.62
C ASP G 248 -24.60 11.89 21.74
N GLY G 249 -24.66 12.06 20.42
CA GLY G 249 -24.82 10.95 19.49
C GLY G 249 -26.28 10.64 19.16
N SER G 250 -27.28 11.33 19.77
CA SER G 250 -28.72 11.24 19.36
C SER G 250 -28.88 11.85 17.96
N PHE G 251 -29.91 11.47 17.20
CA PHE G 251 -30.25 12.03 15.87
C PHE G 251 -31.16 13.25 16.03
N THR G 252 -31.01 14.22 15.16
CA THR G 252 -31.86 15.41 15.06
C THR G 252 -33.12 15.04 14.29
N ASP G 253 -34.14 15.87 14.41
CA ASP G 253 -35.38 15.74 13.62
C ASP G 253 -35.05 15.70 12.14
N LEU G 254 -34.09 16.48 11.66
CA LEU G 254 -33.84 16.58 10.21
C LEU G 254 -33.35 15.20 9.71
N MET G 255 -32.54 14.51 10.52
CA MET G 255 -32.06 13.13 10.31
C MET G 255 -33.26 12.15 10.30
N TRP G 256 -34.13 12.20 11.30
CA TRP G 256 -35.31 11.31 11.33
C TRP G 256 -36.03 11.43 10.00
N LYS G 257 -36.35 12.65 9.57
CA LYS G 257 -37.18 12.86 8.36
C LYS G 257 -36.42 12.29 7.14
N TYR G 258 -35.10 12.52 7.05
CA TYR G 258 -34.24 12.18 5.88
C TYR G 258 -34.27 10.63 5.73
N MET G 259 -34.14 9.94 6.86
CA MET G 259 -33.99 8.49 6.92
C MET G 259 -35.36 7.80 6.99
N SER G 260 -36.46 8.54 7.15
CA SER G 260 -37.80 7.92 7.39
C SER G 260 -38.86 8.28 6.34
N ASP G 261 -38.86 9.49 5.79
CA ASP G 261 -40.07 10.04 5.12
C ASP G 261 -39.82 10.18 3.63
N GLN G 262 -40.65 9.52 2.86
CA GLN G 262 -40.63 9.60 1.38
C GLN G 262 -42.11 9.60 0.96
N PRO G 263 -42.67 10.72 0.46
CA PRO G 263 -41.96 11.99 0.33
C PRO G 263 -41.49 12.62 1.66
N MET G 264 -40.49 13.51 1.57
CA MET G 264 -40.12 14.33 2.73
C MET G 264 -41.12 15.48 2.92
N HIS G 265 -41.28 15.92 4.16
CA HIS G 265 -42.16 17.08 4.45
C HIS G 265 -41.61 17.83 5.66
N ILE G 266 -42.05 19.09 5.81
CA ILE G 266 -41.60 19.96 6.93
C ILE G 266 -42.34 19.51 8.19
N SER H 19 9.88 -27.36 38.03
CA SER H 19 9.24 -26.12 38.59
C SER H 19 7.99 -25.71 37.79
N HIS H 20 7.81 -26.21 36.55
CA HIS H 20 6.80 -25.75 35.55
C HIS H 20 6.09 -27.00 35.02
N MET H 21 4.79 -27.01 34.79
CA MET H 21 4.25 -27.98 33.78
C MET H 21 4.96 -27.67 32.46
N VAL H 22 5.51 -28.69 31.81
CA VAL H 22 6.16 -28.62 30.47
C VAL H 22 5.06 -28.66 29.41
N LYS H 23 4.99 -27.63 28.60
CA LYS H 23 3.99 -27.42 27.54
C LYS H 23 4.66 -27.36 26.18
N LYS H 24 4.80 -28.51 25.49
CA LYS H 24 5.41 -28.56 24.14
C LYS H 24 4.46 -29.16 23.12
N ARG H 25 3.18 -29.39 23.43
CA ARG H 25 2.34 -30.30 22.59
C ARG H 25 1.53 -29.42 21.68
N VAL H 26 1.57 -29.68 20.40
CA VAL H 26 0.77 -29.04 19.34
C VAL H 26 -0.58 -29.78 19.17
N LEU H 27 -1.65 -29.03 19.01
CA LEU H 27 -2.96 -29.57 18.57
C LEU H 27 -2.98 -29.58 17.05
N LEU H 28 -2.83 -30.76 16.41
CA LEU H 28 -3.07 -30.85 14.94
C LEU H 28 -4.58 -30.91 14.76
N TRP H 29 -5.12 -30.00 13.94
CA TRP H 29 -6.56 -29.78 13.75
C TRP H 29 -6.85 -29.83 12.27
N ASP H 30 -7.15 -31.02 11.79
CA ASP H 30 -7.43 -31.26 10.36
C ASP H 30 -8.64 -30.40 9.98
N TYR H 31 -8.65 -29.87 8.77
CA TYR H 31 -9.72 -29.01 8.27
C TYR H 31 -11.06 -29.76 8.38
N THR H 32 -11.09 -31.11 8.33
CA THR H 32 -12.40 -31.85 8.44
C THR H 32 -13.02 -31.54 9.80
N ASN H 33 -12.23 -31.31 10.84
CA ASN H 33 -12.77 -30.75 12.12
C ASN H 33 -13.51 -29.44 11.86
N THR H 34 -12.90 -28.52 11.12
CA THR H 34 -13.45 -27.17 10.85
C THR H 34 -14.71 -27.42 10.00
N ARG H 35 -14.66 -28.41 9.09
CA ARG H 35 -15.74 -28.58 8.09
C ARG H 35 -16.98 -29.11 8.79
N ASP H 36 -16.79 -29.99 9.78
CA ASP H 36 -17.86 -30.91 10.23
C ASP H 36 -18.15 -30.72 11.71
N VAL H 37 -17.15 -30.57 12.57
CA VAL H 37 -17.33 -30.64 14.05
C VAL H 37 -16.55 -29.53 14.78
N LYS H 38 -16.79 -28.26 14.46
CA LYS H 38 -15.91 -27.17 14.98
C LYS H 38 -16.17 -27.02 16.46
N TRP H 39 -17.36 -27.39 16.92
CA TRP H 39 -17.73 -27.47 18.35
C TRP H 39 -16.71 -28.27 19.17
N ALA H 40 -15.96 -29.19 18.55
CA ALA H 40 -15.02 -30.08 19.27
C ALA H 40 -13.88 -29.23 19.81
N MET H 41 -13.54 -28.15 19.09
CA MET H 41 -12.51 -27.19 19.61
C MET H 41 -12.91 -26.68 21.00
N ASP H 42 -14.18 -26.45 21.29
CA ASP H 42 -14.59 -26.02 22.65
C ASP H 42 -14.40 -27.13 23.69
N LYS H 43 -14.18 -28.39 23.32
CA LYS H 43 -14.05 -29.51 24.32
C LYS H 43 -12.60 -29.70 24.69
N ILE H 44 -11.70 -29.07 23.95
CA ILE H 44 -10.23 -29.16 24.14
C ILE H 44 -9.88 -28.67 25.54
N ASN H 45 -8.93 -29.30 26.20
CA ASN H 45 -8.42 -28.87 27.53
C ASN H 45 -7.30 -27.84 27.27
N PHE H 46 -7.55 -26.55 27.50
CA PHE H 46 -6.54 -25.50 27.20
C PHE H 46 -5.64 -25.16 28.41
N LYS H 47 -5.76 -25.85 29.56
CA LYS H 47 -4.94 -25.63 30.78
C LYS H 47 -4.02 -26.81 31.06
N GLY H 48 -3.75 -27.63 30.07
CA GLY H 48 -2.74 -28.69 30.19
C GLY H 48 -1.52 -28.39 29.34
N PRO H 49 -0.79 -29.42 28.93
CA PRO H 49 0.41 -29.23 28.14
C PRO H 49 0.24 -28.78 26.69
N LEU H 50 -0.98 -28.58 26.16
CA LEU H 50 -1.06 -28.04 24.77
C LEU H 50 -0.48 -26.60 24.76
N HIS H 51 0.32 -26.21 23.79
CA HIS H 51 0.80 -24.79 23.77
C HIS H 51 0.64 -24.15 22.40
N SER H 52 0.25 -24.91 21.37
CA SER H 52 0.09 -24.42 19.99
C SER H 52 -0.85 -25.34 19.19
N CYS H 53 -1.09 -24.98 17.94
CA CYS H 53 -2.05 -25.65 17.03
C CYS H 53 -1.62 -25.33 15.59
N SER H 54 -1.82 -26.31 14.71
CA SER H 54 -1.59 -26.22 13.25
C SER H 54 -2.65 -27.05 12.55
N ASN H 55 -2.89 -26.72 11.28
CA ASN H 55 -3.98 -27.29 10.47
C ASN H 55 -3.52 -27.55 9.03
N TRP H 56 -2.22 -27.52 8.75
CA TRP H 56 -1.68 -27.85 7.40
C TRP H 56 -2.10 -26.81 6.36
N ASN H 57 -2.66 -25.65 6.76
CA ASN H 57 -3.14 -24.62 5.81
C ASN H 57 -2.65 -23.21 6.23
N THR H 58 -2.79 -22.27 5.29
CA THR H 58 -2.48 -20.82 5.45
C THR H 58 -3.56 -20.14 6.28
N TRP H 59 -4.81 -20.63 6.26
CA TRP H 59 -5.96 -19.97 6.92
C TRP H 59 -6.13 -20.45 8.35
N TYR H 60 -6.74 -19.59 9.13
CA TYR H 60 -6.82 -19.64 10.61
C TYR H 60 -8.08 -20.46 10.91
N PRO H 61 -8.03 -21.46 11.81
CA PRO H 61 -9.27 -22.05 12.32
C PRO H 61 -9.98 -21.20 13.40
N ASP H 62 -11.03 -20.49 12.96
CA ASP H 62 -11.76 -19.46 13.74
C ASP H 62 -12.23 -20.06 15.06
N GLU H 63 -12.60 -21.34 15.08
CA GLU H 63 -13.10 -21.97 16.32
C GLU H 63 -11.97 -22.04 17.35
N LEU H 64 -10.72 -21.89 16.95
CA LEU H 64 -9.60 -21.84 17.94
C LEU H 64 -9.80 -20.60 18.87
N LYS H 65 -10.37 -19.51 18.37
CA LYS H 65 -10.62 -18.24 19.15
C LYS H 65 -9.34 -17.81 19.89
N HIS H 66 -8.15 -17.97 19.28
CA HIS H 66 -6.82 -17.49 19.75
C HIS H 66 -6.44 -18.15 21.07
N ARG H 67 -6.96 -19.34 21.37
CA ARG H 67 -6.80 -19.94 22.72
C ARG H 67 -5.42 -20.58 22.80
N LEU H 68 -4.77 -20.74 21.66
CA LEU H 68 -3.40 -21.24 21.55
C LEU H 68 -2.85 -20.54 20.33
N PRO H 69 -1.53 -20.30 20.29
CA PRO H 69 -0.87 -19.83 19.08
C PRO H 69 -1.10 -20.85 17.95
N PHE H 70 -1.23 -20.33 16.74
CA PHE H 70 -1.47 -21.09 15.50
C PHE H 70 -0.28 -20.90 14.60
N ARG H 71 0.35 -21.99 14.14
CA ARG H 71 1.42 -21.94 13.12
C ARG H 71 0.79 -22.16 11.76
N PRO H 72 0.63 -21.14 10.93
CA PRO H 72 0.17 -21.38 9.57
C PRO H 72 1.21 -22.22 8.84
N MET H 73 0.82 -22.73 7.69
CA MET H 73 1.68 -23.56 6.85
C MET H 73 1.59 -23.11 5.40
N ILE H 74 2.76 -22.97 4.74
CA ILE H 74 2.88 -22.94 3.26
C ILE H 74 2.97 -24.42 2.78
N HIS H 75 1.84 -25.06 2.43
CA HIS H 75 1.73 -26.53 2.28
C HIS H 75 2.54 -26.97 1.04
N GLY H 76 2.22 -26.41 -0.11
CA GLY H 76 2.82 -26.73 -1.40
C GLY H 76 2.76 -25.57 -2.36
N LYS H 77 2.93 -25.86 -3.64
CA LYS H 77 3.03 -24.88 -4.76
C LYS H 77 1.82 -23.92 -4.77
N ASN H 78 0.62 -24.41 -4.40
CA ASN H 78 -0.70 -23.70 -4.40
C ASN H 78 -0.69 -22.51 -3.40
N ASN H 79 0.18 -22.54 -2.39
CA ASN H 79 0.09 -21.68 -1.17
C ASN H 79 1.04 -20.48 -1.30
N LEU H 80 1.37 -20.10 -2.53
CA LEU H 80 2.51 -19.22 -2.84
C LEU H 80 2.03 -17.92 -3.49
N THR H 81 0.87 -17.89 -4.13
CA THR H 81 0.31 -16.67 -4.78
C THR H 81 -1.13 -16.44 -4.32
N GLY H 82 -1.73 -15.33 -4.77
CA GLY H 82 -3.14 -14.97 -4.53
C GLY H 82 -3.51 -14.90 -3.05
N GLY H 83 -4.74 -15.29 -2.75
CA GLY H 83 -5.33 -15.26 -1.40
C GLY H 83 -4.57 -16.13 -0.42
N GLU H 84 -4.02 -17.22 -0.91
CA GLU H 84 -3.29 -18.20 -0.09
C GLU H 84 -2.09 -17.48 0.57
N TRP H 85 -1.33 -16.76 -0.22
CA TRP H 85 -0.12 -16.03 0.21
C TRP H 85 -0.56 -14.81 1.07
N GLN H 86 -1.60 -14.12 0.67
CA GLN H 86 -2.16 -13.01 1.47
C GLN H 86 -2.42 -13.49 2.91
N ASN H 87 -2.83 -14.75 3.10
CA ASN H 87 -3.14 -15.25 4.47
C ASN H 87 -1.83 -15.28 5.27
N ILE H 88 -0.71 -15.61 4.61
CA ILE H 88 0.64 -15.69 5.22
C ILE H 88 1.19 -14.25 5.52
N LEU H 89 0.96 -13.31 4.60
CA LEU H 89 1.55 -11.96 4.72
C LEU H 89 0.83 -11.21 5.85
N LYS H 90 -0.41 -11.59 6.16
CA LYS H 90 -1.28 -10.84 7.09
C LYS H 90 -1.21 -11.43 8.50
N THR H 91 -0.68 -12.61 8.72
CA THR H 91 -0.93 -13.28 10.02
C THR H 91 -0.27 -12.50 11.14
N ASN H 92 -0.94 -12.42 12.27
CA ASN H 92 -0.43 -11.93 13.57
C ASN H 92 0.39 -13.02 14.26
N GLU H 93 0.31 -14.29 13.79
CA GLU H 93 0.97 -15.41 14.49
C GLU H 93 2.47 -15.34 14.20
N GLU H 94 3.31 -15.99 15.01
CA GLU H 94 4.76 -15.73 15.09
C GLU H 94 5.65 -16.83 14.48
N VAL H 95 5.10 -18.06 14.32
CA VAL H 95 5.89 -19.19 13.73
C VAL H 95 5.16 -19.75 12.50
N ILE H 96 5.84 -19.81 11.36
CA ILE H 96 5.29 -20.32 10.07
C ILE H 96 6.04 -21.60 9.57
N HIS H 97 5.26 -22.60 9.12
CA HIS H 97 5.75 -23.87 8.48
C HIS H 97 5.92 -23.70 6.96
N PHE H 98 7.02 -24.21 6.41
CA PHE H 98 7.20 -24.37 4.94
C PHE H 98 6.61 -25.74 4.54
N PHE H 99 7.00 -26.26 3.37
CA PHE H 99 6.27 -27.29 2.59
C PHE H 99 6.11 -28.59 3.41
N ASN H 100 4.94 -29.22 3.31
CA ASN H 100 4.67 -30.54 3.92
C ASN H 100 5.09 -31.67 2.95
N GLU H 101 6.06 -32.50 3.32
CA GLU H 101 6.55 -33.64 2.48
C GLU H 101 6.66 -33.27 0.99
N PRO H 102 7.54 -32.30 0.63
CA PRO H 102 7.69 -31.84 -0.75
C PRO H 102 8.27 -32.91 -1.70
N GLU H 103 9.13 -33.79 -1.17
CA GLU H 103 9.71 -34.97 -1.89
C GLU H 103 8.57 -35.80 -2.52
N ARG H 104 7.37 -35.81 -1.95
CA ARG H 104 6.25 -36.66 -2.42
C ARG H 104 5.30 -35.85 -3.30
N ALA H 105 5.61 -34.58 -3.55
CA ALA H 105 4.75 -33.62 -4.26
C ALA H 105 5.50 -33.12 -5.50
N GLY H 106 6.60 -33.77 -5.88
CA GLY H 106 7.32 -33.42 -7.12
C GLY H 106 8.04 -32.08 -7.06
N ILE H 107 8.27 -31.56 -5.85
CA ILE H 107 9.07 -30.32 -5.61
C ILE H 107 10.48 -30.73 -5.24
N SER H 108 11.49 -30.23 -5.98
CA SER H 108 12.91 -30.55 -5.75
C SER H 108 13.44 -29.69 -4.63
N PRO H 109 14.55 -30.08 -3.99
CA PRO H 109 15.20 -29.22 -3.02
C PRO H 109 15.64 -27.91 -3.70
N GLU H 110 16.15 -27.93 -4.92
CA GLU H 110 16.65 -26.67 -5.53
C GLU H 110 15.43 -25.81 -5.90
N GLU H 111 14.27 -26.40 -6.19
CA GLU H 111 13.06 -25.56 -6.44
C GLU H 111 12.58 -24.95 -5.12
N ALA H 112 12.61 -25.73 -4.04
CA ALA H 112 12.23 -25.28 -2.67
C ALA H 112 13.26 -24.29 -2.13
N ALA H 113 14.52 -24.37 -2.56
CA ALA H 113 15.60 -23.41 -2.19
C ALA H 113 15.34 -22.01 -2.80
N LYS H 114 14.95 -21.97 -4.10
CA LYS H 114 14.62 -20.77 -4.91
C LYS H 114 13.39 -20.09 -4.30
N ILE H 115 12.37 -20.87 -3.97
CA ILE H 115 11.09 -20.36 -3.44
C ILE H 115 11.36 -19.78 -2.04
N TRP H 116 12.20 -20.45 -1.23
CA TRP H 116 12.64 -19.91 0.09
C TRP H 116 13.32 -18.53 -0.07
N ASN H 117 14.52 -18.45 -0.66
CA ASN H 117 15.24 -17.17 -0.94
C ASN H 117 14.29 -16.08 -1.48
N ASP H 118 13.52 -16.39 -2.53
CA ASP H 118 12.80 -15.42 -3.39
C ASP H 118 11.49 -14.93 -2.79
N GLN H 119 10.96 -15.57 -1.74
CA GLN H 119 9.56 -15.28 -1.34
C GLN H 119 9.37 -15.55 0.15
N VAL H 120 9.86 -16.66 0.68
CA VAL H 120 9.56 -17.11 2.06
C VAL H 120 10.44 -16.37 3.07
N LEU H 121 11.74 -16.23 2.80
CA LEU H 121 12.73 -15.54 3.68
C LEU H 121 12.33 -14.11 4.14
N ALA H 122 11.55 -13.38 3.34
CA ALA H 122 11.08 -12.02 3.69
C ALA H 122 10.19 -12.10 4.94
N LEU H 123 9.56 -13.25 5.16
CA LEU H 123 8.62 -13.40 6.30
C LEU H 123 9.43 -13.25 7.59
N ARG H 124 10.73 -13.52 7.54
CA ARG H 124 11.65 -13.31 8.69
C ARG H 124 12.30 -11.92 8.64
N THR H 125 12.85 -11.50 7.52
CA THR H 125 13.73 -10.31 7.49
C THR H 125 12.85 -9.06 7.52
N SER H 126 11.70 -9.11 6.82
CA SER H 126 10.68 -8.04 6.71
C SER H 126 9.56 -8.29 7.74
N HIS H 127 8.86 -9.45 7.80
CA HIS H 127 7.63 -9.57 8.64
C HIS H 127 8.09 -10.18 10.02
N HIS H 128 9.37 -10.40 10.27
CA HIS H 128 9.99 -10.84 11.57
C HIS H 128 9.39 -12.13 12.16
N LYS H 129 8.93 -13.05 11.32
CA LYS H 129 8.34 -14.35 11.79
C LYS H 129 9.47 -15.35 11.99
N ARG H 130 9.26 -16.41 12.75
CA ARG H 130 10.13 -17.60 12.71
C ARG H 130 9.58 -18.62 11.70
N LEU H 131 10.51 -19.27 11.03
CA LEU H 131 10.30 -20.18 9.88
C LEU H 131 10.76 -21.60 10.23
N VAL H 132 9.85 -22.55 10.03
CA VAL H 132 10.15 -24.02 10.09
C VAL H 132 10.48 -24.49 8.67
N SER H 133 11.57 -25.25 8.56
CA SER H 133 11.90 -26.08 7.37
C SER H 133 10.68 -26.82 6.87
N PRO H 134 10.74 -27.26 5.59
CA PRO H 134 9.83 -28.28 5.10
C PRO H 134 9.98 -29.41 6.10
N SER H 135 8.86 -30.08 6.35
CA SER H 135 8.75 -31.35 7.12
C SER H 135 8.67 -32.55 6.16
N CYS H 136 9.76 -33.32 6.11
CA CYS H 136 9.93 -34.50 5.21
C CYS H 136 9.58 -35.79 5.97
N ALA H 137 9.18 -36.83 5.23
CA ALA H 137 9.00 -38.20 5.75
C ALA H 137 10.35 -38.69 6.29
N SER H 138 10.29 -39.66 7.21
CA SER H 138 11.47 -40.22 7.92
C SER H 138 12.06 -41.43 7.16
N ASP H 139 11.66 -41.64 5.91
CA ASP H 139 12.21 -42.68 5.00
C ASP H 139 13.48 -42.10 4.35
N PRO H 140 14.27 -42.89 3.56
CA PRO H 140 15.45 -42.36 2.88
C PRO H 140 15.23 -41.19 1.92
N ALA H 141 14.19 -41.24 1.08
CA ALA H 141 13.81 -40.14 0.15
C ALA H 141 13.59 -38.83 0.94
N GLY H 142 12.88 -38.90 2.08
CA GLY H 142 12.63 -37.75 2.98
C GLY H 142 13.95 -37.22 3.55
N ILE H 143 14.78 -38.08 4.14
CA ILE H 143 16.07 -37.69 4.80
C ILE H 143 17.03 -37.05 3.78
N ALA H 144 17.21 -37.65 2.60
CA ALA H 144 18.11 -37.07 1.56
C ALA H 144 17.54 -35.72 1.08
N TRP H 145 16.22 -35.54 1.04
CA TRP H 145 15.61 -34.29 0.51
C TRP H 145 16.00 -33.15 1.46
N ILE H 146 15.85 -33.37 2.78
CA ILE H 146 16.03 -32.29 3.80
C ILE H 146 17.53 -32.04 3.94
N LYS H 147 18.34 -33.09 3.85
CA LYS H 147 19.83 -33.00 3.83
C LYS H 147 20.29 -31.98 2.77
N LYS H 148 19.78 -32.14 1.54
CA LYS H 148 20.13 -31.30 0.37
C LYS H 148 19.56 -29.88 0.49
N TRP H 149 18.26 -29.75 0.79
CA TRP H 149 17.60 -28.42 0.92
C TRP H 149 18.31 -27.60 2.02
N MET H 150 18.62 -28.21 3.19
CA MET H 150 19.31 -27.54 4.31
C MET H 150 20.69 -27.08 3.84
N ASN H 151 21.38 -27.92 3.09
CA ASN H 151 22.64 -27.53 2.43
C ASN H 151 22.39 -26.33 1.49
N LEU H 152 21.38 -26.33 0.60
CA LEU H 152 21.23 -25.26 -0.44
C LEU H 152 20.93 -23.88 0.18
N VAL H 153 20.29 -23.87 1.37
CA VAL H 153 19.88 -22.62 2.10
C VAL H 153 20.67 -22.53 3.41
N ALA H 154 21.80 -23.24 3.54
CA ALA H 154 22.67 -23.17 4.74
C ALA H 154 22.95 -21.71 5.14
N LYS H 155 23.05 -20.77 4.17
CA LYS H 155 23.37 -19.34 4.41
C LYS H 155 22.21 -18.66 5.12
N ASN H 156 20.98 -19.09 4.85
CA ASN H 156 19.76 -18.47 5.41
C ASN H 156 18.92 -19.58 6.07
N PRO H 157 19.42 -20.18 7.17
CA PRO H 157 18.81 -21.40 7.68
C PRO H 157 17.41 -21.12 8.22
N PRO H 158 16.60 -22.17 8.36
CA PRO H 158 15.33 -22.07 9.11
C PRO H 158 15.58 -21.96 10.62
N ASP H 159 14.66 -21.37 11.39
CA ASP H 159 14.75 -21.35 12.88
C ASP H 159 14.52 -22.76 13.46
N TYR H 160 13.72 -23.54 12.73
CA TYR H 160 13.28 -24.88 13.19
C TYR H 160 13.47 -25.93 12.08
N LEU H 161 14.00 -27.09 12.47
CA LEU H 161 13.98 -28.32 11.63
C LEU H 161 12.70 -29.06 11.94
N GLY H 162 11.83 -29.10 10.92
CA GLY H 162 10.54 -29.80 10.87
C GLY H 162 10.73 -31.28 10.53
N LEU H 163 10.16 -32.17 11.35
CA LEU H 163 10.28 -33.63 11.11
C LEU H 163 8.94 -34.33 11.27
N HIS H 164 8.76 -35.44 10.53
CA HIS H 164 7.64 -36.40 10.65
C HIS H 164 8.20 -37.77 11.06
N TRP H 165 7.46 -38.53 11.85
CA TRP H 165 7.88 -39.91 12.19
C TRP H 165 6.62 -40.72 12.50
N TYR H 166 6.55 -41.94 11.97
CA TYR H 166 5.42 -42.88 12.11
C TYR H 166 6.04 -44.27 12.23
N GLY H 167 5.54 -45.14 13.13
CA GLY H 167 6.20 -46.43 13.42
C GLY H 167 5.78 -46.99 14.75
N THR H 168 6.24 -48.20 15.05
CA THR H 168 5.80 -49.00 16.22
C THR H 168 6.78 -48.88 17.39
N LYS H 169 8.05 -48.54 17.15
CA LYS H 169 9.10 -48.66 18.19
C LYS H 169 9.57 -47.27 18.63
N GLY H 170 9.24 -46.94 19.88
CA GLY H 170 9.62 -45.67 20.51
C GLY H 170 11.11 -45.44 20.35
N ASP H 171 11.90 -46.46 20.67
CA ASP H 171 13.39 -46.39 20.58
C ASP H 171 13.86 -45.96 19.18
N GLU H 172 13.15 -46.37 18.12
CA GLU H 172 13.40 -45.97 16.70
C GLU H 172 13.11 -44.48 16.51
N MET H 173 12.00 -43.94 17.06
CA MET H 173 11.72 -42.49 16.87
C MET H 173 12.81 -41.67 17.58
N ILE H 174 13.13 -42.02 18.83
CA ILE H 174 14.20 -41.42 19.65
C ILE H 174 15.51 -41.43 18.84
N ARG H 175 15.92 -42.58 18.32
CA ARG H 175 17.19 -42.68 17.55
C ARG H 175 17.07 -41.83 16.28
N TYR H 176 15.87 -41.76 15.70
CA TYR H 176 15.67 -40.98 14.44
C TYR H 176 15.85 -39.50 14.75
N LEU H 177 15.27 -39.08 15.89
CA LEU H 177 15.43 -37.68 16.39
C LEU H 177 16.90 -37.39 16.77
N GLU H 178 17.61 -38.29 17.48
CA GLU H 178 19.00 -37.98 17.92
C GLU H 178 19.89 -37.87 16.69
N SER H 179 19.77 -38.84 15.78
CA SER H 179 20.49 -38.87 14.49
C SER H 179 20.27 -37.51 13.81
N MET H 180 19.03 -37.05 13.78
CA MET H 180 18.67 -35.89 12.96
C MET H 180 19.17 -34.59 13.61
N HIS H 181 19.27 -34.56 14.96
CA HIS H 181 19.84 -33.43 15.76
C HIS H 181 21.38 -33.38 15.63
N LYS H 182 22.02 -34.52 15.35
CA LYS H 182 23.47 -34.65 15.05
C LYS H 182 23.74 -34.19 13.61
N GLU H 183 22.91 -34.60 12.62
CA GLU H 183 23.03 -34.18 11.20
C GLU H 183 22.79 -32.67 11.08
N HIS H 184 21.82 -32.14 11.82
CA HIS H 184 21.37 -30.72 11.70
C HIS H 184 21.36 -30.11 13.10
N PRO H 185 22.57 -29.81 13.65
CA PRO H 185 22.73 -29.43 15.06
C PRO H 185 22.48 -27.92 15.30
N HIS H 186 22.21 -27.15 14.23
CA HIS H 186 22.13 -25.67 14.31
C HIS H 186 20.73 -25.15 14.62
N GLN H 187 19.71 -26.01 14.64
CA GLN H 187 18.32 -25.56 14.92
C GLN H 187 17.72 -26.48 15.96
N PRO H 188 16.76 -26.01 16.76
CA PRO H 188 15.85 -26.92 17.42
C PRO H 188 14.91 -27.61 16.40
N ILE H 189 14.41 -28.77 16.86
CA ILE H 189 13.46 -29.63 16.10
C ILE H 189 12.04 -29.38 16.59
N ILE H 190 11.15 -29.26 15.60
CA ILE H 190 9.68 -29.35 15.71
C ILE H 190 9.27 -30.65 15.04
N VAL H 191 8.70 -31.57 15.81
CA VAL H 191 8.08 -32.80 15.25
C VAL H 191 6.66 -32.42 14.89
N SER H 192 6.47 -32.01 13.64
CA SER H 192 5.19 -31.41 13.16
C SER H 192 4.07 -32.44 12.96
N GLU H 193 4.41 -33.73 12.92
CA GLU H 193 3.49 -34.89 12.74
C GLU H 193 4.17 -36.16 13.29
N TRP H 194 3.60 -36.80 14.30
CA TRP H 194 4.08 -38.17 14.65
C TRP H 194 2.94 -39.00 15.23
N ALA H 195 3.11 -40.33 15.22
CA ALA H 195 2.21 -41.25 15.95
C ALA H 195 2.73 -42.69 15.87
N SER H 196 2.32 -43.53 16.83
CA SER H 196 2.29 -45.01 16.72
C SER H 196 1.38 -45.45 15.57
N THR H 197 1.94 -46.30 14.71
CA THR H 197 1.15 -47.05 13.67
C THR H 197 0.79 -48.48 14.15
N SER H 198 1.12 -48.83 15.40
CA SER H 198 0.86 -50.17 15.98
C SER H 198 -0.66 -50.37 15.97
N ARG H 199 -1.12 -51.60 15.74
CA ARG H 199 -2.56 -51.97 15.79
C ARG H 199 -2.90 -52.46 17.20
N SER H 200 -1.91 -52.50 18.11
CA SER H 200 -2.07 -52.81 19.55
C SER H 200 -2.22 -51.52 20.37
N TYR H 201 -3.34 -51.31 21.02
CA TYR H 201 -3.57 -50.11 21.86
C TYR H 201 -2.52 -50.05 22.96
N PRO H 202 -2.21 -51.13 23.72
CA PRO H 202 -1.24 -51.00 24.82
C PRO H 202 0.11 -50.50 24.31
N ASP H 203 0.42 -50.76 23.04
CA ASP H 203 1.71 -50.37 22.41
C ASP H 203 1.64 -48.93 21.84
N VAL H 204 0.46 -48.50 21.42
CA VAL H 204 0.22 -47.11 20.93
C VAL H 204 0.37 -46.23 22.15
N LEU H 205 -0.36 -46.56 23.21
CA LEU H 205 -0.26 -45.88 24.52
C LEU H 205 1.21 -45.84 25.01
N GLY H 206 1.90 -46.98 25.08
CA GLY H 206 3.26 -47.08 25.65
C GLY H 206 4.30 -46.25 24.89
N LEU H 207 4.20 -46.22 23.56
CA LEU H 207 5.06 -45.40 22.68
C LEU H 207 4.68 -43.92 22.90
N THR H 208 3.40 -43.56 22.81
CA THR H 208 2.95 -42.15 22.94
C THR H 208 3.50 -41.62 24.28
N VAL H 209 3.20 -42.33 25.38
CA VAL H 209 3.74 -42.04 26.74
C VAL H 209 5.27 -41.95 26.71
N GLN H 210 6.03 -42.94 26.22
CA GLN H 210 7.52 -42.86 26.19
C GLN H 210 8.02 -41.61 25.41
N LEU H 211 7.48 -41.33 24.23
CA LEU H 211 8.01 -40.25 23.33
C LEU H 211 7.59 -38.86 23.86
N ALA H 212 6.39 -38.71 24.43
CA ALA H 212 5.96 -37.44 25.06
C ALA H 212 6.88 -37.12 26.25
N ASN H 213 7.10 -38.06 27.17
CA ASN H 213 7.94 -37.74 28.35
C ASN H 213 9.40 -37.52 27.92
N TRP H 214 9.91 -38.31 26.97
CA TRP H 214 11.29 -38.14 26.47
C TRP H 214 11.46 -36.76 25.84
N MET H 215 10.54 -36.37 24.96
CA MET H 215 10.60 -35.13 24.18
C MET H 215 10.34 -33.94 25.13
N ASP H 216 9.46 -34.08 26.15
CA ASP H 216 9.30 -33.13 27.28
C ASP H 216 10.65 -32.82 27.93
N SER H 217 11.52 -33.82 28.07
CA SER H 217 12.82 -33.76 28.80
C SER H 217 13.95 -33.33 27.87
N THR H 218 13.70 -33.16 26.58
CA THR H 218 14.76 -32.86 25.60
C THR H 218 14.70 -31.37 25.26
N PRO H 219 15.67 -30.57 25.76
CA PRO H 219 15.77 -29.15 25.42
C PRO H 219 15.57 -28.87 23.93
N TRP H 220 16.21 -29.63 23.03
CA TRP H 220 16.30 -29.26 21.59
C TRP H 220 15.09 -29.72 20.77
N VAL H 221 14.11 -30.36 21.39
CA VAL H 221 12.73 -30.46 20.80
C VAL H 221 11.87 -29.32 21.37
N ALA H 222 11.49 -28.37 20.54
CA ALA H 222 10.75 -27.13 20.92
C ALA H 222 9.27 -27.49 21.10
N GLU H 223 8.71 -28.16 20.11
CA GLU H 223 7.33 -28.73 20.18
C GLU H 223 7.16 -30.01 19.36
N TYR H 224 6.04 -30.71 19.62
CA TYR H 224 5.71 -32.02 18.99
C TYR H 224 4.21 -32.16 18.85
N ALA H 225 3.79 -32.76 17.74
CA ALA H 225 2.42 -32.68 17.19
C ALA H 225 1.92 -34.12 16.91
N LEU H 226 1.06 -34.66 17.81
CA LEU H 226 0.52 -36.04 17.75
C LEU H 226 -0.61 -36.09 16.73
N PHE H 227 -0.50 -37.01 15.77
CA PHE H 227 -1.50 -37.17 14.68
C PHE H 227 -2.69 -38.06 15.18
N GLY H 228 -3.90 -37.72 14.76
CA GLY H 228 -5.07 -38.63 14.80
C GLY H 228 -6.34 -37.98 15.30
N CYS H 229 -6.31 -36.65 15.56
CA CYS H 229 -7.49 -35.89 16.04
C CYS H 229 -8.37 -35.51 14.85
N MET H 230 -9.08 -36.51 14.31
CA MET H 230 -10.05 -36.36 13.20
C MET H 230 -11.03 -37.56 13.24
N ARG H 231 -12.15 -37.48 12.52
CA ARG H 231 -13.29 -38.41 12.66
C ARG H 231 -13.00 -39.72 11.87
N GLN H 232 -12.52 -39.60 10.64
CA GLN H 232 -12.15 -40.64 9.67
C GLN H 232 -10.62 -40.89 9.67
N MET H 233 -10.18 -42.13 9.47
CA MET H 233 -8.76 -42.49 9.23
C MET H 233 -8.22 -41.63 8.08
N ALA H 234 -7.05 -41.04 8.24
CA ALA H 234 -6.46 -40.19 7.17
C ALA H 234 -6.16 -41.11 5.99
N ASP H 235 -5.67 -42.32 6.26
CA ASP H 235 -5.32 -43.29 5.20
C ASP H 235 -5.17 -44.70 5.80
N ASP H 236 -4.53 -45.63 5.10
CA ASP H 236 -4.43 -47.01 5.63
C ASP H 236 -3.20 -47.13 6.53
N PHE H 237 -2.23 -46.21 6.44
CA PHE H 237 -0.96 -46.29 7.21
C PHE H 237 -1.23 -46.06 8.69
N VAL H 238 -1.97 -45.01 9.05
CA VAL H 238 -2.16 -44.69 10.50
C VAL H 238 -3.07 -45.76 11.11
N SER H 239 -2.92 -46.00 12.41
CA SER H 239 -3.64 -47.01 13.21
C SER H 239 -4.97 -46.47 13.71
N PRO H 240 -6.09 -47.20 13.53
CA PRO H 240 -7.33 -46.86 14.23
C PRO H 240 -7.13 -46.74 15.75
N GLU H 241 -6.21 -47.49 16.34
CA GLU H 241 -5.93 -47.48 17.79
C GLU H 241 -5.21 -46.19 18.23
N ALA H 242 -4.62 -45.45 17.28
CA ALA H 242 -3.92 -44.16 17.55
C ALA H 242 -4.88 -43.00 17.52
N GLN H 243 -6.16 -43.23 17.23
CA GLN H 243 -7.07 -42.13 16.90
C GLN H 243 -7.29 -41.30 18.16
N LEU H 244 -7.38 -39.98 17.97
CA LEU H 244 -7.55 -39.01 19.08
C LEU H 244 -9.02 -38.54 19.14
N MET H 245 -9.77 -38.70 18.06
CA MET H 245 -11.22 -38.34 18.02
C MET H 245 -12.01 -39.60 17.58
N ASN H 246 -13.13 -39.89 18.21
CA ASN H 246 -14.16 -40.93 17.85
C ASN H 246 -14.91 -40.45 16.59
N LYS H 247 -15.66 -41.32 15.91
CA LYS H 247 -16.40 -40.94 14.67
C LYS H 247 -17.52 -39.94 14.99
N ASP H 248 -17.95 -39.78 16.26
CA ASP H 248 -18.93 -38.73 16.65
C ASP H 248 -18.25 -37.36 16.97
N GLY H 249 -16.92 -37.22 16.96
CA GLY H 249 -16.25 -35.94 17.27
C GLY H 249 -15.80 -35.83 18.72
N SER H 250 -16.19 -36.75 19.59
CA SER H 250 -15.66 -36.81 20.97
C SER H 250 -14.21 -37.30 20.93
N PHE H 251 -13.50 -37.06 22.02
CA PHE H 251 -12.05 -37.34 22.12
C PHE H 251 -11.88 -38.70 22.80
N THR H 252 -10.86 -39.43 22.41
CA THR H 252 -10.45 -40.73 22.97
C THR H 252 -9.65 -40.50 24.25
N ASP H 253 -9.42 -41.56 25.02
CA ASP H 253 -8.60 -41.48 26.25
C ASP H 253 -7.17 -41.14 25.87
N LEU H 254 -6.70 -41.63 24.72
CA LEU H 254 -5.34 -41.26 24.32
C LEU H 254 -5.23 -39.71 24.18
N MET H 255 -6.24 -39.09 23.57
CA MET H 255 -6.36 -37.61 23.44
C MET H 255 -6.44 -36.97 24.83
N TRP H 256 -7.29 -37.50 25.70
CA TRP H 256 -7.36 -36.99 27.08
C TRP H 256 -5.95 -36.88 27.67
N LYS H 257 -5.22 -37.98 27.71
CA LYS H 257 -3.89 -38.03 28.36
C LYS H 257 -2.94 -37.05 27.67
N TYR H 258 -2.95 -37.00 26.34
CA TYR H 258 -2.04 -36.11 25.58
C TYR H 258 -2.31 -34.63 25.95
N MET H 259 -3.58 -34.24 26.09
CA MET H 259 -3.97 -32.84 26.32
C MET H 259 -4.06 -32.54 27.81
N SER H 260 -3.80 -33.50 28.68
CA SER H 260 -4.06 -33.31 30.14
C SER H 260 -2.86 -33.70 30.99
N ASP H 261 -2.11 -34.76 30.67
CA ASP H 261 -1.10 -35.36 31.59
C ASP H 261 0.36 -35.02 31.23
N GLN H 262 1.07 -34.42 32.20
CA GLN H 262 2.55 -34.14 32.16
C GLN H 262 3.13 -34.45 33.54
N PRO H 263 3.88 -35.54 33.75
CA PRO H 263 4.14 -36.52 32.71
C PRO H 263 2.87 -37.34 32.36
N MET H 264 2.85 -37.77 31.09
CA MET H 264 2.00 -38.84 30.52
C MET H 264 2.36 -40.15 31.21
N HIS H 265 1.35 -40.98 31.49
CA HIS H 265 1.49 -42.36 32.01
C HIS H 265 0.43 -43.23 31.32
N ILE H 266 0.65 -44.54 31.31
CA ILE H 266 -0.28 -45.53 30.69
C ILE H 266 -1.52 -45.63 31.58
N GLY I 18 4.76 -5.19 -0.18
CA GLY I 18 3.96 -3.88 -0.56
C GLY I 18 2.47 -4.09 -0.89
N SER I 19 1.96 -5.33 -0.76
CA SER I 19 0.56 -5.70 -1.16
C SER I 19 -0.33 -5.97 0.08
N HIS I 20 0.05 -5.45 1.28
CA HIS I 20 -0.57 -5.81 2.57
C HIS I 20 -0.50 -4.58 3.48
N MET I 21 -1.42 -4.48 4.42
CA MET I 21 -1.36 -3.47 5.49
C MET I 21 -0.12 -3.79 6.32
N VAL I 22 0.74 -2.80 6.57
CA VAL I 22 1.91 -3.00 7.46
C VAL I 22 1.42 -3.02 8.90
N LYS I 23 1.72 -4.07 9.62
CA LYS I 23 1.17 -4.23 10.98
C LYS I 23 2.30 -4.47 11.96
N LYS I 24 2.90 -3.40 12.51
CA LYS I 24 3.95 -3.58 13.52
C LYS I 24 3.75 -2.62 14.69
N ARG I 25 2.51 -2.31 15.06
CA ARG I 25 2.20 -1.37 16.18
C ARG I 25 1.86 -2.16 17.44
N VAL I 26 2.44 -1.74 18.55
CA VAL I 26 2.19 -2.37 19.87
C VAL I 26 1.14 -1.53 20.58
N LEU I 27 0.20 -2.21 21.24
CA LEU I 27 -0.70 -1.60 22.24
C LEU I 27 -0.03 -1.68 23.62
N LEU I 28 0.46 -0.52 24.11
CA LEU I 28 0.95 -0.42 25.50
C LEU I 28 -0.28 -0.33 26.40
N TRP I 29 -0.48 -1.28 27.31
CA TRP I 29 -1.68 -1.38 28.16
C TRP I 29 -1.28 -1.30 29.61
N ASP I 30 -1.27 -0.08 30.18
CA ASP I 30 -0.78 0.22 31.55
C ASP I 30 -1.75 -0.47 32.49
N TYR I 31 -1.28 -0.98 33.62
CA TYR I 31 -2.09 -1.82 34.53
C TYR I 31 -3.28 -1.00 35.05
N THR I 32 -3.21 0.33 35.03
CA THR I 32 -4.34 1.16 35.53
C THR I 32 -5.53 0.98 34.61
N ASN I 33 -5.33 0.72 33.31
CA ASN I 33 -6.43 0.28 32.41
C ASN I 33 -7.05 -1.01 32.97
N THR I 34 -6.23 -2.01 33.33
CA THR I 34 -6.70 -3.29 33.91
C THR I 34 -7.43 -2.96 35.23
N ARG I 35 -6.85 -2.09 36.06
CA ARG I 35 -7.44 -1.79 37.39
C ARG I 35 -8.82 -1.15 37.23
N ASP I 36 -9.03 -0.27 36.27
CA ASP I 36 -10.12 0.75 36.36
C ASP I 36 -11.09 0.67 35.18
N VAL I 37 -10.60 0.35 33.98
CA VAL I 37 -11.41 0.46 32.74
C VAL I 37 -11.07 -0.68 31.78
N LYS I 38 -11.08 -1.93 32.26
CA LYS I 38 -10.78 -3.13 31.42
C LYS I 38 -11.67 -3.14 30.18
N TRP I 39 -12.91 -2.70 30.30
CA TRP I 39 -13.88 -2.60 29.19
C TRP I 39 -13.27 -1.88 28.00
N ALA I 40 -12.28 -1.02 28.20
CA ALA I 40 -11.80 -0.15 27.11
C ALA I 40 -11.14 -1.05 26.08
N MET I 41 -10.59 -2.17 26.54
CA MET I 41 -9.92 -3.14 25.65
C MET I 41 -10.86 -3.57 24.53
N ASP I 42 -12.16 -3.77 24.80
CA ASP I 42 -13.16 -4.23 23.80
C ASP I 42 -13.41 -3.14 22.76
N LYS I 43 -13.00 -1.89 23.04
CA LYS I 43 -13.13 -0.75 22.09
C LYS I 43 -11.91 -0.68 21.16
N ILE I 44 -10.84 -1.41 21.45
CA ILE I 44 -9.64 -1.40 20.56
C ILE I 44 -10.01 -1.88 19.15
N ASN I 45 -9.58 -1.14 18.14
CA ASN I 45 -9.66 -1.60 16.73
C ASN I 45 -8.68 -2.76 16.56
N PHE I 46 -9.14 -4.00 16.48
CA PHE I 46 -8.23 -5.16 16.33
C PHE I 46 -7.97 -5.42 14.84
N LYS I 47 -8.62 -4.68 13.95
CA LYS I 47 -8.48 -4.99 12.51
C LYS I 47 -7.47 -4.08 11.78
N GLY I 48 -6.88 -3.08 12.45
CA GLY I 48 -5.86 -2.26 11.78
C GLY I 48 -4.43 -2.71 12.04
N PRO I 49 -3.47 -1.75 12.01
CA PRO I 49 -2.05 -2.08 12.18
C PRO I 49 -1.60 -2.56 13.56
N LEU I 50 -2.44 -2.61 14.60
CA LEU I 50 -1.98 -3.16 15.89
C LEU I 50 -1.65 -4.63 15.68
N HIS I 51 -0.51 -5.12 16.14
CA HIS I 51 -0.17 -6.57 16.00
C HIS I 51 0.30 -7.19 17.30
N SER I 52 0.38 -6.45 18.40
CA SER I 52 0.93 -6.96 19.66
C SER I 52 0.63 -6.03 20.83
N CYS I 53 0.93 -6.45 22.04
CA CYS I 53 0.47 -5.77 23.28
C CYS I 53 1.50 -6.03 24.37
N SER I 54 1.79 -5.04 25.23
CA SER I 54 2.68 -5.22 26.40
C SER I 54 2.14 -4.39 27.56
N ASN I 55 2.52 -4.71 28.80
CA ASN I 55 1.93 -3.99 29.97
C ASN I 55 2.98 -3.79 31.07
N TRP I 56 4.26 -3.80 30.71
CA TRP I 56 5.36 -3.66 31.70
C TRP I 56 5.19 -4.66 32.85
N ASN I 57 4.46 -5.78 32.67
CA ASN I 57 4.27 -6.78 33.75
C ASN I 57 4.52 -8.22 33.23
N THR I 58 4.74 -9.15 34.17
CA THR I 58 4.93 -10.58 33.86
C THR I 58 3.58 -11.21 33.52
N TRP I 59 2.51 -10.66 34.10
CA TRP I 59 1.15 -11.25 34.15
C TRP I 59 0.32 -10.78 32.95
N TYR I 60 -0.59 -11.64 32.51
CA TYR I 60 -1.41 -11.45 31.30
C TYR I 60 -2.57 -10.53 31.62
N PRO I 61 -2.86 -9.52 30.79
CA PRO I 61 -4.11 -8.78 30.89
C PRO I 61 -5.30 -9.54 30.28
N ASP I 62 -6.07 -10.19 31.15
CA ASP I 62 -7.18 -11.12 30.77
C ASP I 62 -8.05 -10.45 29.73
N GLU I 63 -8.35 -9.16 29.89
CA GLU I 63 -9.32 -8.47 29.01
C GLU I 63 -8.80 -8.49 27.56
N LEU I 64 -7.51 -8.77 27.31
CA LEU I 64 -7.01 -8.75 25.91
C LEU I 64 -7.63 -9.95 25.16
N LYS I 65 -7.94 -10.98 25.93
CA LYS I 65 -8.63 -12.22 25.45
C LYS I 65 -7.88 -12.74 24.22
N HIS I 66 -6.57 -12.74 24.29
CA HIS I 66 -5.70 -13.28 23.23
C HIS I 66 -6.06 -12.67 21.87
N ARG I 67 -6.64 -11.48 21.81
CA ARG I 67 -6.86 -10.85 20.47
C ARG I 67 -5.55 -10.35 19.82
N LEU I 68 -4.47 -10.26 20.56
CA LEU I 68 -3.16 -9.85 19.99
C LEU I 68 -2.17 -10.62 20.81
N PRO I 69 -1.03 -10.96 20.21
CA PRO I 69 0.10 -11.47 20.97
C PRO I 69 0.45 -10.48 22.07
N PHE I 70 0.82 -11.04 23.23
CA PHE I 70 1.27 -10.28 24.40
C PHE I 70 2.74 -10.57 24.63
N ARG I 71 3.52 -9.53 24.91
CA ARG I 71 4.93 -9.66 25.35
C ARG I 71 4.99 -9.41 26.87
N PRO I 72 5.10 -10.49 27.65
CA PRO I 72 5.38 -10.35 29.07
C PRO I 72 6.70 -9.59 29.19
N MET I 73 6.99 -9.10 30.37
CA MET I 73 8.23 -8.32 30.58
C MET I 73 8.80 -8.61 31.96
N ILE I 74 10.11 -8.81 32.04
CA ILE I 74 10.87 -8.93 33.31
C ILE I 74 11.37 -7.51 33.62
N HIS I 75 10.57 -6.71 34.34
CA HIS I 75 10.68 -5.23 34.43
C HIS I 75 11.96 -4.82 35.17
N GLY I 76 12.07 -5.32 36.40
CA GLY I 76 13.17 -5.14 37.36
C GLY I 76 13.63 -6.50 37.83
N LYS I 77 14.32 -6.55 38.97
CA LYS I 77 15.15 -7.69 39.45
C LYS I 77 14.25 -8.72 40.15
N ASN I 78 13.17 -8.25 40.81
CA ASN I 78 12.30 -9.16 41.62
C ASN I 78 11.26 -9.89 40.73
N ASN I 79 11.28 -9.69 39.41
CA ASN I 79 10.47 -10.47 38.41
C ASN I 79 11.27 -11.71 37.97
N LEU I 80 12.40 -11.97 38.66
CA LEU I 80 13.36 -13.04 38.30
C LEU I 80 13.08 -14.28 39.17
N THR I 81 12.21 -14.14 40.19
CA THR I 81 11.87 -15.19 41.18
C THR I 81 10.34 -15.36 41.39
N GLY I 82 9.99 -16.37 42.21
CA GLY I 82 8.66 -16.57 42.83
C GLY I 82 7.55 -16.67 41.82
N GLY I 83 6.35 -16.17 42.17
CA GLY I 83 5.15 -16.10 41.32
C GLY I 83 5.41 -15.29 40.08
N GLU I 84 6.22 -14.23 40.20
CA GLU I 84 6.52 -13.33 39.07
C GLU I 84 7.25 -14.14 38.01
N TRP I 85 8.23 -14.97 38.41
CA TRP I 85 9.02 -15.76 37.44
C TRP I 85 8.13 -16.86 36.85
N GLN I 86 7.17 -17.40 37.63
CA GLN I 86 6.26 -18.50 37.20
C GLN I 86 5.39 -17.99 36.03
N ASN I 87 5.01 -16.72 36.08
CA ASN I 87 4.19 -16.08 35.02
C ASN I 87 4.95 -16.19 33.71
N ILE I 88 6.27 -15.99 33.78
CA ILE I 88 7.20 -15.97 32.62
C ILE I 88 7.32 -17.43 32.11
N LEU I 89 7.66 -18.35 33.00
CA LEU I 89 7.78 -19.79 32.66
C LEU I 89 6.50 -20.28 31.99
N LYS I 90 5.32 -19.79 32.43
CA LYS I 90 4.02 -20.39 32.07
C LYS I 90 3.61 -19.90 30.69
N THR I 91 3.99 -18.69 30.29
CA THR I 91 3.35 -18.00 29.14
C THR I 91 3.46 -18.92 27.93
N ASN I 92 2.41 -19.03 27.15
CA ASN I 92 2.45 -19.53 25.77
C ASN I 92 2.88 -18.48 24.78
N GLU I 93 3.15 -17.24 25.21
CA GLU I 93 3.48 -16.17 24.24
C GLU I 93 4.95 -16.31 23.81
N GLU I 94 5.29 -15.66 22.69
CA GLU I 94 6.46 -15.99 21.85
C GLU I 94 7.68 -15.08 22.20
N VAL I 95 7.45 -13.85 22.65
CA VAL I 95 8.50 -12.79 22.84
C VAL I 95 8.41 -12.19 24.24
N ILE I 96 9.52 -12.18 24.97
CA ILE I 96 9.62 -11.67 26.35
C ILE I 96 10.63 -10.52 26.40
N HIS I 97 10.25 -9.43 27.08
CA HIS I 97 11.08 -8.22 27.32
C HIS I 97 11.94 -8.48 28.55
N PHE I 98 13.18 -8.04 28.48
CA PHE I 98 14.04 -7.87 29.66
C PHE I 98 13.77 -6.46 30.24
N PHE I 99 14.67 -5.99 31.12
CA PHE I 99 14.44 -4.92 32.13
C PHE I 99 14.10 -3.56 31.49
N ASN I 100 13.33 -2.78 32.24
CA ASN I 100 12.83 -1.46 31.80
C ASN I 100 13.80 -0.42 32.36
N GLU I 101 14.51 0.34 31.50
CA GLU I 101 15.43 1.41 31.94
C GLU I 101 16.19 0.96 33.19
N PRO I 102 17.02 -0.10 33.06
CA PRO I 102 17.82 -0.62 34.17
C PRO I 102 18.91 0.36 34.63
N GLU I 103 19.40 1.24 33.73
CA GLU I 103 20.42 2.29 34.02
C GLU I 103 19.90 3.21 35.14
N ARG I 104 18.58 3.38 35.21
CA ARG I 104 17.85 4.12 36.28
C ARG I 104 17.45 3.14 37.39
N ALA I 105 17.96 1.91 37.38
CA ALA I 105 17.56 0.84 38.32
C ALA I 105 18.77 0.36 39.13
N GLY I 106 19.89 1.06 39.06
CA GLY I 106 21.14 0.60 39.70
C GLY I 106 21.53 -0.79 39.22
N ILE I 107 20.98 -1.27 38.10
CA ILE I 107 21.45 -2.54 37.49
C ILE I 107 22.50 -2.16 36.44
N SER I 108 23.77 -2.53 36.70
CA SER I 108 24.92 -2.39 35.78
C SER I 108 24.74 -3.34 34.60
N PRO I 109 25.35 -2.97 33.44
CA PRO I 109 25.47 -3.85 32.27
C PRO I 109 26.05 -5.24 32.59
N GLU I 110 27.01 -5.31 33.53
CA GLU I 110 27.70 -6.57 33.97
C GLU I 110 26.68 -7.44 34.73
N GLU I 111 25.91 -6.85 35.66
CA GLU I 111 24.85 -7.58 36.40
C GLU I 111 23.83 -8.14 35.38
N ALA I 112 23.20 -7.26 34.59
CA ALA I 112 22.23 -7.64 33.54
C ALA I 112 22.82 -8.75 32.64
N ALA I 113 24.10 -8.66 32.28
CA ALA I 113 24.73 -9.58 31.30
C ALA I 113 24.91 -11.00 31.91
N LYS I 114 25.33 -11.06 33.18
CA LYS I 114 25.40 -12.24 34.08
C LYS I 114 24.02 -12.90 34.18
N ILE I 115 22.99 -12.13 34.51
CA ILE I 115 21.60 -12.66 34.71
C ILE I 115 21.02 -13.23 33.40
N TRP I 116 21.21 -12.51 32.29
CA TRP I 116 20.90 -12.96 30.90
C TRP I 116 21.57 -14.31 30.61
N ASN I 117 22.93 -14.35 30.61
CA ASN I 117 23.75 -15.56 30.28
C ASN I 117 23.24 -16.74 31.11
N ASP I 118 23.05 -16.54 32.43
CA ASP I 118 22.83 -17.64 33.40
C ASP I 118 21.33 -18.00 33.51
N GLN I 119 20.43 -17.03 33.60
CA GLN I 119 18.98 -17.30 33.90
C GLN I 119 18.12 -17.12 32.64
N VAL I 120 18.06 -15.89 32.14
CA VAL I 120 17.09 -15.47 31.11
C VAL I 120 17.31 -16.29 29.85
N LEU I 121 18.54 -16.67 29.53
CA LEU I 121 18.85 -17.38 28.25
C LEU I 121 18.13 -18.77 28.20
N ALA I 122 17.76 -19.34 29.35
CA ALA I 122 17.02 -20.62 29.42
C ALA I 122 15.68 -20.47 28.69
N LEU I 123 15.09 -19.26 28.72
CA LEU I 123 13.79 -19.00 28.06
C LEU I 123 13.95 -19.25 26.56
N ARG I 124 15.17 -19.07 26.02
CA ARG I 124 15.45 -19.38 24.58
C ARG I 124 15.86 -20.87 24.39
N THR I 125 16.87 -21.33 25.12
CA THR I 125 17.50 -22.66 24.92
C THR I 125 16.58 -23.78 25.42
N SER I 126 15.84 -23.56 26.52
CA SER I 126 14.86 -24.52 27.10
C SER I 126 13.41 -24.18 26.65
N HIS I 127 12.98 -22.91 26.57
CA HIS I 127 11.54 -22.58 26.31
C HIS I 127 11.36 -22.02 24.91
N HIS I 128 12.45 -21.86 24.15
CA HIS I 128 12.43 -21.42 22.74
C HIS I 128 11.64 -20.10 22.57
N LYS I 129 11.68 -19.22 23.55
CA LYS I 129 11.11 -17.85 23.44
C LYS I 129 12.14 -16.94 22.75
N ARG I 130 11.69 -15.95 21.98
CA ARG I 130 12.53 -14.82 21.49
C ARG I 130 12.67 -13.79 22.64
N LEU I 131 13.76 -13.04 22.67
CA LEU I 131 14.19 -12.28 23.88
C LEU I 131 14.60 -10.87 23.44
N VAL I 132 13.99 -9.85 24.09
CA VAL I 132 14.32 -8.43 23.82
C VAL I 132 15.33 -8.01 24.87
N SER I 133 16.39 -7.29 24.43
CA SER I 133 17.35 -6.58 25.31
C SER I 133 16.58 -5.70 26.28
N PRO I 134 17.20 -5.25 27.38
CA PRO I 134 16.59 -4.22 28.20
C PRO I 134 16.36 -3.02 27.30
N SER I 135 15.40 -2.18 27.67
CA SER I 135 15.02 -0.97 26.91
C SER I 135 15.48 0.22 27.74
N CYS I 136 16.62 0.82 27.34
CA CYS I 136 17.19 1.98 28.05
C CYS I 136 16.61 3.29 27.52
N ALA I 137 16.58 4.32 28.36
CA ALA I 137 16.33 5.73 27.98
C ALA I 137 17.32 6.13 26.88
N SER I 138 16.92 7.12 26.08
CA SER I 138 17.69 7.62 24.93
C SER I 138 18.65 8.76 25.34
N ASP I 139 19.07 8.83 26.59
CA ASP I 139 20.10 9.83 27.03
C ASP I 139 21.47 9.16 26.98
N PRO I 140 22.56 9.94 27.14
CA PRO I 140 23.88 9.34 27.33
C PRO I 140 23.94 8.17 28.33
N ALA I 141 23.35 8.27 29.52
CA ALA I 141 23.44 7.19 30.52
C ALA I 141 22.88 5.89 29.88
N GLY I 142 21.68 6.01 29.31
CA GLY I 142 21.01 4.94 28.53
C GLY I 142 21.82 4.40 27.35
N ILE I 143 22.31 5.27 26.46
CA ILE I 143 23.05 4.83 25.23
C ILE I 143 24.24 3.98 25.66
N ALA I 144 24.97 4.46 26.69
CA ALA I 144 26.21 3.83 27.21
C ALA I 144 25.89 2.50 27.87
N TRP I 145 24.83 2.46 28.68
CA TRP I 145 24.37 1.21 29.37
C TRP I 145 24.17 0.11 28.34
N ILE I 146 23.38 0.40 27.30
CA ILE I 146 23.07 -0.61 26.25
C ILE I 146 24.33 -0.91 25.43
N LYS I 147 25.29 0.02 25.25
CA LYS I 147 26.52 -0.33 24.46
C LYS I 147 27.28 -1.46 25.18
N LYS I 148 27.42 -1.32 26.50
CA LYS I 148 28.21 -2.21 27.38
C LYS I 148 27.60 -3.62 27.39
N TRP I 149 26.31 -3.66 27.70
CA TRP I 149 25.46 -4.88 27.76
C TRP I 149 25.64 -5.63 26.44
N MET I 150 25.35 -4.99 25.31
CA MET I 150 25.33 -5.64 23.96
C MET I 150 26.69 -6.30 23.69
N ASN I 151 27.76 -5.51 23.89
CA ASN I 151 29.17 -5.98 23.96
C ASN I 151 29.32 -7.22 24.88
N LEU I 152 28.88 -7.21 26.16
CA LEU I 152 29.05 -8.34 27.12
C LEU I 152 28.38 -9.66 26.64
N VAL I 153 27.27 -9.59 25.95
CA VAL I 153 26.44 -10.81 25.71
C VAL I 153 26.45 -11.14 24.20
N ALA I 154 27.47 -10.65 23.47
CA ALA I 154 27.49 -10.59 21.98
C ALA I 154 27.54 -12.01 21.39
N LYS I 155 28.05 -13.00 22.14
CA LYS I 155 28.09 -14.44 21.74
C LYS I 155 26.72 -15.10 21.97
N ASN I 156 25.86 -14.49 22.82
CA ASN I 156 24.41 -14.79 23.04
C ASN I 156 23.56 -13.53 22.84
N PRO I 157 23.51 -12.94 21.61
CA PRO I 157 22.87 -11.65 21.42
C PRO I 157 21.37 -11.80 21.62
N PRO I 158 20.65 -10.73 22.06
CA PRO I 158 19.19 -10.72 22.10
C PRO I 158 18.62 -10.87 20.68
N ASP I 159 17.36 -11.29 20.59
CA ASP I 159 16.70 -11.34 19.27
C ASP I 159 16.40 -9.90 18.86
N TYR I 160 16.11 -9.06 19.83
CA TYR I 160 15.66 -7.68 19.50
C TYR I 160 16.37 -6.70 20.41
N LEU I 161 16.70 -5.54 19.84
CA LEU I 161 17.21 -4.40 20.62
C LEU I 161 16.03 -3.47 20.98
N GLY I 162 15.77 -3.37 22.28
CA GLY I 162 14.68 -2.59 22.87
C GLY I 162 15.16 -1.19 23.16
N LEU I 163 14.44 -0.18 22.66
CA LEU I 163 14.77 1.27 22.79
C LEU I 163 13.55 2.05 23.23
N HIS I 164 13.75 3.09 24.07
CA HIS I 164 12.79 4.17 24.38
C HIS I 164 13.22 5.45 23.66
N TRP I 165 12.30 6.23 23.12
CA TRP I 165 12.63 7.59 22.65
C TRP I 165 11.49 8.52 23.05
N TYR I 166 11.82 9.69 23.62
CA TYR I 166 10.83 10.77 23.87
C TYR I 166 11.46 12.10 23.45
N GLY I 167 10.69 13.03 22.90
CA GLY I 167 11.24 14.32 22.45
C GLY I 167 10.24 15.00 21.56
N THR I 168 10.66 16.11 20.96
CA THR I 168 9.73 17.00 20.23
C THR I 168 10.03 16.96 18.74
N LYS I 169 11.16 16.41 18.30
CA LYS I 169 11.58 16.56 16.90
C LYS I 169 11.59 15.18 16.23
N GLY I 170 10.75 14.98 15.21
CA GLY I 170 10.74 13.73 14.41
C GLY I 170 12.12 13.37 13.85
N ASP I 171 12.85 14.36 13.30
CA ASP I 171 14.18 14.11 12.69
C ASP I 171 15.13 13.57 13.74
N GLU I 172 15.02 14.00 15.00
CA GLU I 172 15.94 13.51 16.05
C GLU I 172 15.65 12.03 16.34
N MET I 173 14.38 11.59 16.42
CA MET I 173 14.07 10.14 16.69
C MET I 173 14.64 9.25 15.57
N ILE I 174 14.40 9.61 14.31
CA ILE I 174 14.97 8.96 13.11
C ILE I 174 16.49 8.83 13.29
N ARG I 175 17.17 9.95 13.52
CA ARG I 175 18.65 10.02 13.65
C ARG I 175 19.06 9.09 14.80
N TYR I 176 18.34 9.09 15.92
CA TYR I 176 18.63 8.20 17.07
C TYR I 176 18.50 6.70 16.67
N LEU I 177 17.42 6.37 15.95
CA LEU I 177 17.18 4.95 15.53
C LEU I 177 18.30 4.56 14.53
N GLU I 178 18.59 5.40 13.52
CA GLU I 178 19.63 5.06 12.49
C GLU I 178 21.01 4.93 13.14
N SER I 179 21.24 5.70 14.19
CA SER I 179 22.45 5.66 15.03
C SER I 179 22.53 4.37 15.81
N MET I 180 21.45 3.95 16.46
CA MET I 180 21.46 2.69 17.27
C MET I 180 21.56 1.48 16.32
N HIS I 181 20.99 1.58 15.11
CA HIS I 181 21.03 0.50 14.09
C HIS I 181 22.49 0.25 13.60
N LYS I 182 23.16 1.29 13.12
CA LYS I 182 24.58 1.27 12.66
C LYS I 182 25.45 0.69 13.79
N GLU I 183 25.21 1.11 15.03
CA GLU I 183 26.00 0.75 16.24
C GLU I 183 25.69 -0.68 16.66
N HIS I 184 24.43 -1.12 16.55
CA HIS I 184 23.99 -2.47 16.98
C HIS I 184 23.35 -3.19 15.80
N PRO I 185 24.16 -3.51 14.76
CA PRO I 185 23.61 -3.77 13.43
C PRO I 185 23.06 -5.19 13.30
N HIS I 186 23.22 -6.04 14.34
CA HIS I 186 23.13 -7.52 14.24
C HIS I 186 21.69 -8.01 14.48
N GLN I 187 20.75 -7.16 14.90
CA GLN I 187 19.40 -7.65 15.25
C GLN I 187 18.43 -6.51 15.05
N PRO I 188 17.12 -6.80 14.87
CA PRO I 188 16.15 -5.75 14.59
C PRO I 188 15.91 -4.94 15.88
N ILE I 189 15.32 -3.75 15.73
CA ILE I 189 14.93 -2.88 16.87
C ILE I 189 13.43 -3.05 17.16
N ILE I 190 13.11 -3.16 18.46
CA ILE I 190 11.76 -2.87 19.01
C ILE I 190 11.83 -1.54 19.80
N VAL I 191 11.08 -0.54 19.32
CA VAL I 191 10.87 0.73 20.08
C VAL I 191 9.75 0.46 21.09
N SER I 192 10.13 0.04 22.28
CA SER I 192 9.19 -0.44 23.29
C SER I 192 8.41 0.68 23.96
N GLU I 193 8.89 1.92 23.84
CA GLU I 193 8.12 3.14 24.26
C GLU I 193 8.61 4.32 23.43
N TRP I 194 7.67 5.05 22.84
CA TRP I 194 8.01 6.35 22.23
C TRP I 194 6.78 7.26 22.26
N ALA I 195 7.00 8.58 22.20
CA ALA I 195 5.95 9.61 22.05
C ALA I 195 6.59 10.99 21.83
N SER I 196 5.82 11.89 21.20
CA SER I 196 6.07 13.34 21.25
C SER I 196 5.78 13.85 22.67
N THR I 197 6.70 14.66 23.18
CA THR I 197 6.55 15.40 24.48
C THR I 197 6.14 16.82 24.16
N SER I 198 5.89 17.16 22.89
CA SER I 198 5.35 18.48 22.47
C SER I 198 4.00 18.77 23.14
N ARG I 199 3.83 20.03 23.59
CA ARG I 199 2.57 20.53 24.19
C ARG I 199 1.74 21.13 23.06
N SER I 200 2.29 21.18 21.86
CA SER I 200 1.55 21.60 20.65
C SER I 200 0.94 20.33 19.98
N TYR I 201 -0.40 20.19 19.98
CA TYR I 201 -1.07 19.01 19.37
C TYR I 201 -0.57 18.85 17.94
N PRO I 202 -0.64 19.85 17.06
CA PRO I 202 -0.21 19.61 15.69
C PRO I 202 1.22 19.06 15.62
N ASP I 203 2.11 19.46 16.54
CA ASP I 203 3.49 18.93 16.56
C ASP I 203 3.47 17.46 17.03
N VAL I 204 2.63 17.13 18.03
CA VAL I 204 2.52 15.73 18.51
C VAL I 204 2.08 14.83 17.34
N LEU I 205 0.99 15.21 16.65
CA LEU I 205 0.40 14.47 15.52
C LEU I 205 1.44 14.39 14.40
N GLY I 206 2.12 15.52 14.08
CA GLY I 206 3.11 15.56 12.99
C GLY I 206 4.20 14.54 13.21
N LEU I 207 4.72 14.44 14.43
CA LEU I 207 5.85 13.53 14.74
C LEU I 207 5.32 12.10 14.68
N THR I 208 4.12 11.89 15.23
CA THR I 208 3.53 10.53 15.40
C THR I 208 3.40 9.99 13.98
N VAL I 209 2.77 10.76 13.10
CA VAL I 209 2.56 10.40 11.67
C VAL I 209 3.91 10.17 10.97
N GLN I 210 4.83 11.14 10.98
CA GLN I 210 6.17 10.93 10.36
C GLN I 210 6.81 9.61 10.81
N LEU I 211 6.81 9.30 12.10
CA LEU I 211 7.70 8.25 12.62
C LEU I 211 7.03 6.88 12.47
N ALA I 212 5.71 6.81 12.66
CA ALA I 212 4.97 5.60 12.28
C ALA I 212 5.29 5.25 10.82
N ASN I 213 5.08 6.17 9.88
CA ASN I 213 5.29 5.95 8.41
C ASN I 213 6.74 5.56 8.16
N TRP I 214 7.67 6.31 8.72
CA TRP I 214 9.10 5.96 8.72
C TRP I 214 9.34 4.50 9.19
N MET I 215 8.87 4.11 10.36
CA MET I 215 9.29 2.84 10.99
C MET I 215 8.58 1.68 10.26
N ASP I 216 7.40 1.94 9.69
CA ASP I 216 6.59 0.99 8.89
C ASP I 216 7.34 0.62 7.60
N SER I 217 8.16 1.53 7.10
CA SER I 217 8.91 1.44 5.81
C SER I 217 10.35 0.99 6.06
N THR I 218 10.74 0.85 7.32
CA THR I 218 12.08 0.37 7.74
C THR I 218 12.01 -1.07 8.24
N PRO I 219 12.60 -2.06 7.50
CA PRO I 219 12.53 -3.48 7.86
C PRO I 219 13.18 -3.87 9.18
N TRP I 220 14.23 -3.15 9.58
CA TRP I 220 15.00 -3.49 10.83
C TRP I 220 14.25 -2.92 12.04
N VAL I 221 13.12 -2.27 11.82
CA VAL I 221 12.22 -1.97 12.97
C VAL I 221 11.11 -3.01 12.97
N ALA I 222 11.15 -3.89 13.93
CA ALA I 222 10.28 -5.10 14.05
C ALA I 222 8.89 -4.60 14.50
N GLU I 223 8.86 -3.80 15.59
CA GLU I 223 7.60 -3.20 16.10
C GLU I 223 7.93 -1.95 16.93
N TYR I 224 6.93 -1.14 17.21
CA TYR I 224 7.08 0.17 17.94
C TYR I 224 5.78 0.42 18.70
N ALA I 225 5.92 1.06 19.85
CA ALA I 225 4.84 1.11 20.86
C ALA I 225 4.66 2.56 21.32
N LEU I 226 3.58 3.21 20.87
CA LEU I 226 3.23 4.60 21.23
C LEU I 226 2.71 4.64 22.66
N PHE I 227 3.34 5.47 23.49
CA PHE I 227 2.92 5.70 24.88
C PHE I 227 1.78 6.72 24.98
N GLY I 228 0.87 6.48 25.93
CA GLY I 228 -0.13 7.43 26.45
C GLY I 228 -1.54 6.88 26.56
N CYS I 229 -1.75 5.57 26.28
CA CYS I 229 -3.09 4.94 26.40
C CYS I 229 -3.42 4.60 27.87
N MET I 230 -3.76 5.64 28.66
CA MET I 230 -4.03 5.59 30.11
C MET I 230 -4.79 6.88 30.47
N ARG I 231 -5.58 6.85 31.55
CA ARG I 231 -6.56 7.91 31.89
C ARG I 231 -5.85 9.16 32.40
N GLN I 232 -4.81 8.96 33.23
CA GLN I 232 -4.02 10.01 33.97
C GLN I 232 -2.64 10.16 33.33
N MET I 233 -2.05 11.35 33.43
CA MET I 233 -0.68 11.58 32.95
C MET I 233 0.26 10.72 33.79
N ALA I 234 1.13 9.95 33.15
CA ALA I 234 2.02 9.02 33.88
C ALA I 234 2.96 9.85 34.74
N ASP I 235 3.30 11.07 34.32
CA ASP I 235 4.33 11.94 34.96
C ASP I 235 4.30 13.33 34.31
N ASP I 236 5.24 14.22 34.69
CA ASP I 236 5.27 15.63 34.20
C ASP I 236 5.97 15.73 32.85
N PHE I 237 6.70 14.68 32.39
CA PHE I 237 7.56 14.73 31.19
C PHE I 237 6.65 14.52 29.97
N VAL I 238 5.73 13.56 30.06
CA VAL I 238 4.88 13.21 28.89
C VAL I 238 3.87 14.34 28.69
N SER I 239 3.37 14.47 27.48
CA SER I 239 2.52 15.60 27.03
C SER I 239 1.05 15.24 27.20
N PRO I 240 0.27 16.12 27.89
CA PRO I 240 -1.18 15.96 27.91
C PRO I 240 -1.73 15.87 26.49
N GLU I 241 -1.06 16.49 25.51
CA GLU I 241 -1.55 16.50 24.12
C GLU I 241 -1.27 15.16 23.39
N ALA I 242 -0.37 14.32 23.88
CA ALA I 242 -0.05 13.00 23.28
C ALA I 242 -0.86 11.86 23.92
N GLN I 243 -1.82 12.14 24.80
CA GLN I 243 -2.67 11.09 25.43
C GLN I 243 -3.44 10.30 24.36
N LEU I 244 -3.53 9.00 24.59
CA LEU I 244 -4.25 8.07 23.65
C LEU I 244 -5.62 7.67 24.24
N MET I 245 -5.87 7.98 25.52
CA MET I 245 -7.14 7.80 26.27
C MET I 245 -7.48 9.10 27.01
N ASN I 246 -8.74 9.51 26.93
CA ASN I 246 -9.34 10.63 27.71
C ASN I 246 -9.52 10.18 29.15
N LYS I 247 -9.97 11.10 29.99
CA LYS I 247 -10.19 10.80 31.41
C LYS I 247 -11.41 9.88 31.59
N ASP I 248 -12.37 9.82 30.68
CA ASP I 248 -13.53 8.89 30.82
C ASP I 248 -13.15 7.48 30.31
N GLY I 249 -11.93 7.28 29.83
CA GLY I 249 -11.46 6.00 29.29
C GLY I 249 -11.74 5.83 27.80
N SER I 250 -12.38 6.80 27.14
CA SER I 250 -12.55 6.79 25.66
C SER I 250 -11.18 7.08 25.01
N PHE I 251 -11.07 6.72 23.73
CA PHE I 251 -9.84 6.89 22.91
C PHE I 251 -9.83 8.23 22.22
N THR I 252 -8.66 8.83 22.07
CA THR I 252 -8.50 10.16 21.44
C THR I 252 -8.39 9.93 19.95
N ASP I 253 -8.39 10.99 19.16
CA ASP I 253 -8.21 10.87 17.69
C ASP I 253 -6.80 10.38 17.37
N LEU I 254 -5.81 10.78 18.17
CA LEU I 254 -4.43 10.31 17.92
C LEU I 254 -4.42 8.78 18.04
N MET I 255 -5.09 8.25 19.04
CA MET I 255 -5.21 6.79 19.23
C MET I 255 -5.95 6.15 18.06
N TRP I 256 -7.10 6.69 17.65
CA TRP I 256 -7.84 6.19 16.47
C TRP I 256 -6.86 6.02 15.32
N LYS I 257 -6.10 7.08 14.98
CA LYS I 257 -5.22 7.07 13.79
C LYS I 257 -4.17 6.00 13.96
N TYR I 258 -3.58 5.94 15.15
CA TYR I 258 -2.50 4.99 15.50
C TYR I 258 -2.97 3.56 15.21
N MET I 259 -4.19 3.26 15.64
CA MET I 259 -4.73 1.89 15.65
C MET I 259 -5.51 1.59 14.36
N SER I 260 -5.61 2.50 13.40
CA SER I 260 -6.52 2.34 12.24
C SER I 260 -5.83 2.65 10.91
N ASP I 261 -4.85 3.56 10.89
CA ASP I 261 -4.39 4.21 9.64
C ASP I 261 -2.94 3.80 9.33
N GLN I 262 -2.75 3.21 8.15
CA GLN I 262 -1.44 2.79 7.60
C GLN I 262 -1.51 2.99 6.09
N PRO I 263 -0.87 4.07 5.56
CA PRO I 263 -0.03 4.96 6.37
C PRO I 263 -0.83 5.87 7.28
N MET I 264 -0.21 6.37 8.36
CA MET I 264 -0.82 7.46 9.17
C MET I 264 -0.81 8.75 8.35
N HIS I 265 -1.77 9.61 8.60
CA HIS I 265 -1.79 10.98 8.02
C HIS I 265 -2.29 11.94 9.08
N ILE I 266 -2.09 13.23 8.85
CA ILE I 266 -2.56 14.26 9.80
C ILE I 266 -4.05 14.48 9.56
N GLY J 18 0.26 29.87 -28.81
CA GLY J 18 0.64 28.81 -29.76
C GLY J 18 1.82 27.98 -29.24
N SER J 19 2.07 26.84 -29.92
CA SER J 19 3.25 25.94 -29.78
C SER J 19 4.44 26.43 -30.64
N HIS J 20 4.17 26.85 -31.88
CA HIS J 20 5.15 27.37 -32.88
C HIS J 20 5.96 28.55 -32.25
N MET J 21 7.29 28.58 -32.36
CA MET J 21 8.00 29.86 -32.50
C MET J 21 7.46 30.56 -33.73
N VAL J 22 7.05 31.83 -33.64
CA VAL J 22 6.54 32.58 -34.81
C VAL J 22 7.73 33.18 -35.56
N LYS J 23 7.90 32.82 -36.82
CA LYS J 23 9.04 33.24 -37.67
C LYS J 23 8.52 34.05 -38.84
N LYS J 24 8.44 35.36 -38.66
CA LYS J 24 7.93 36.33 -39.67
C LYS J 24 8.91 37.50 -39.92
N ARG J 25 10.12 37.42 -39.36
CA ARG J 25 11.11 38.52 -39.39
C ARG J 25 12.06 38.34 -40.59
N VAL J 26 12.13 39.44 -41.34
CA VAL J 26 13.00 39.62 -42.52
C VAL J 26 14.31 40.24 -42.04
N LEU J 27 15.41 39.75 -42.61
CA LEU J 27 16.75 40.40 -42.51
C LEU J 27 16.93 41.30 -43.74
N LEU J 28 16.82 42.61 -43.52
CA LEU J 28 17.23 43.65 -44.49
C LEU J 28 18.73 43.76 -44.42
N TRP J 29 19.40 43.50 -45.54
CA TRP J 29 20.86 43.39 -45.59
C TRP J 29 21.40 44.34 -46.64
N ASP J 30 21.53 45.62 -46.26
CA ASP J 30 21.97 46.67 -47.21
C ASP J 30 23.23 46.15 -47.92
N TYR J 31 23.37 46.50 -49.18
CA TYR J 31 24.51 46.11 -50.02
C TYR J 31 25.80 46.62 -49.37
N THR J 32 25.76 47.64 -48.52
CA THR J 32 27.01 48.15 -47.87
C THR J 32 27.53 47.07 -46.90
N ASN J 33 26.65 46.19 -46.40
CA ASN J 33 27.13 45.06 -45.54
C ASN J 33 27.90 44.04 -46.43
N THR J 34 27.42 43.85 -47.64
CA THR J 34 28.06 42.90 -48.61
C THR J 34 29.41 43.55 -49.01
N ARG J 35 29.42 44.88 -49.13
CA ARG J 35 30.59 45.64 -49.66
C ARG J 35 31.72 45.60 -48.61
N ASP J 36 31.40 45.66 -47.32
CA ASP J 36 32.39 46.06 -46.27
C ASP J 36 32.53 44.97 -45.20
N VAL J 37 31.43 44.36 -44.77
CA VAL J 37 31.44 43.50 -43.55
C VAL J 37 30.63 42.21 -43.83
N LYS J 38 30.96 41.47 -44.88
CA LYS J 38 30.34 40.13 -45.21
C LYS J 38 30.31 39.24 -43.97
N TRP J 39 31.38 39.20 -43.19
CA TRP J 39 31.49 38.40 -41.94
C TRP J 39 30.30 38.63 -40.99
N ALA J 40 29.64 39.81 -41.00
CA ALA J 40 28.55 40.14 -40.04
C ALA J 40 27.40 39.12 -40.21
N MET J 41 27.21 38.64 -41.45
CA MET J 41 26.16 37.66 -41.79
C MET J 41 26.41 36.38 -41.00
N ASP J 42 27.67 36.06 -40.65
CA ASP J 42 27.96 34.78 -39.93
C ASP J 42 27.65 34.98 -38.44
N LYS J 43 27.37 36.21 -37.99
CA LYS J 43 27.02 36.49 -36.57
C LYS J 43 25.48 36.51 -36.38
N ILE J 44 24.72 36.44 -37.46
CA ILE J 44 23.24 36.39 -37.38
C ILE J 44 22.83 35.11 -36.65
N ASN J 45 21.74 35.20 -35.90
CA ASN J 45 21.03 34.08 -35.22
C ASN J 45 20.05 33.51 -36.21
N PHE J 46 20.33 32.30 -36.74
CA PHE J 46 19.55 31.71 -37.85
C PHE J 46 18.50 30.75 -37.26
N LYS J 47 18.36 30.67 -35.94
CA LYS J 47 17.52 29.65 -35.26
C LYS J 47 16.20 30.27 -34.78
N GLY J 48 16.25 31.55 -34.43
CA GLY J 48 15.10 32.27 -33.88
C GLY J 48 14.19 32.76 -34.98
N PRO J 49 13.49 33.88 -34.73
CA PRO J 49 12.39 34.34 -35.59
C PRO J 49 12.71 34.93 -36.96
N LEU J 50 13.99 35.00 -37.35
CA LEU J 50 14.23 35.43 -38.75
C LEU J 50 13.70 34.33 -39.67
N HIS J 51 13.08 34.67 -40.79
CA HIS J 51 12.66 33.59 -41.70
C HIS J 51 12.97 33.93 -43.15
N SER J 52 13.62 35.05 -43.41
CA SER J 52 13.84 35.54 -44.82
C SER J 52 14.79 36.75 -44.84
N CYS J 53 15.29 37.05 -46.04
CA CYS J 53 16.32 38.09 -46.23
C CYS J 53 16.01 38.84 -47.52
N SER J 54 16.18 40.16 -47.54
CA SER J 54 16.13 40.96 -48.80
C SER J 54 17.22 42.02 -48.72
N ASN J 55 17.56 42.65 -49.85
CA ASN J 55 18.76 43.51 -49.98
C ASN J 55 18.55 44.59 -51.01
N TRP J 56 17.30 44.80 -51.41
CA TRP J 56 16.86 45.84 -52.37
C TRP J 56 17.50 45.61 -53.71
N ASN J 57 17.99 44.40 -54.00
CA ASN J 57 18.61 44.17 -55.32
C ASN J 57 18.13 42.87 -55.95
N THR J 58 18.38 42.73 -57.24
CA THR J 58 18.08 41.51 -58.00
C THR J 58 19.08 40.43 -57.64
N TRP J 59 20.27 40.79 -57.12
CA TRP J 59 21.43 39.85 -56.99
C TRP J 59 21.47 39.30 -55.57
N TYR J 60 22.01 38.09 -55.46
CA TYR J 60 22.02 37.25 -54.24
C TYR J 60 23.20 37.66 -53.35
N PRO J 61 22.99 37.96 -52.06
CA PRO J 61 24.11 38.13 -51.13
C PRO J 61 24.76 36.80 -50.71
N ASP J 62 25.92 36.53 -51.32
CA ASP J 62 26.55 35.20 -51.24
C ASP J 62 26.79 34.87 -49.78
N GLU J 63 27.08 35.86 -48.92
CA GLU J 63 27.47 35.53 -47.53
C GLU J 63 26.24 34.91 -46.80
N LEU J 64 25.03 35.07 -47.31
CA LEU J 64 23.83 34.48 -46.69
C LEU J 64 23.96 32.93 -46.75
N LYS J 65 24.63 32.41 -47.78
CA LYS J 65 24.84 30.93 -47.98
C LYS J 65 23.51 30.16 -47.80
N HIS J 66 22.42 30.66 -48.40
CA HIS J 66 21.09 30.01 -48.36
C HIS J 66 20.61 29.68 -46.95
N ARG J 67 20.97 30.47 -45.94
CA ARG J 67 20.53 30.10 -44.56
C ARG J 67 19.13 30.63 -44.29
N LEU J 68 18.60 31.48 -45.16
CA LEU J 68 17.21 32.02 -45.10
C LEU J 68 16.81 32.17 -46.55
N PRO J 69 15.56 31.92 -46.92
CA PRO J 69 15.11 32.32 -48.25
C PRO J 69 15.44 33.79 -48.48
N PHE J 70 15.67 34.14 -49.74
CA PHE J 70 16.05 35.49 -50.16
C PHE J 70 14.98 35.98 -51.14
N ARG J 71 14.43 37.18 -50.95
CA ARG J 71 13.46 37.80 -51.89
C ARG J 71 14.19 38.79 -52.75
N PRO J 72 14.41 38.43 -54.01
CA PRO J 72 15.02 39.35 -54.94
C PRO J 72 14.03 40.51 -55.06
N MET J 73 14.52 41.66 -55.55
CA MET J 73 13.68 42.86 -55.77
C MET J 73 13.96 43.48 -57.14
N ILE J 74 12.89 43.77 -57.88
CA ILE J 74 12.92 44.63 -59.09
C ILE J 74 12.81 46.06 -58.54
N HIS J 75 13.95 46.65 -58.12
CA HIS J 75 14.05 47.95 -57.41
C HIS J 75 13.42 49.08 -58.24
N GLY J 76 13.80 49.24 -59.50
CA GLY J 76 13.40 50.38 -60.35
C GLY J 76 13.53 50.08 -61.83
N LYS J 77 13.59 51.09 -62.66
CA LYS J 77 13.65 50.91 -64.14
C LYS J 77 14.97 50.25 -64.56
N ASN J 78 16.07 50.43 -63.83
CA ASN J 78 17.40 49.81 -64.17
C ASN J 78 17.39 48.29 -63.98
N ASN J 79 16.28 47.68 -63.53
CA ASN J 79 16.25 46.26 -63.10
C ASN J 79 15.32 45.43 -63.98
N LEU J 80 14.89 45.96 -65.13
CA LEU J 80 13.87 45.31 -65.99
C LEU J 80 14.48 44.67 -67.25
N THR J 81 15.77 44.91 -67.54
CA THR J 81 16.47 44.45 -68.79
C THR J 81 17.85 43.90 -68.42
N GLY J 82 18.58 43.40 -69.42
CA GLY J 82 20.00 43.00 -69.28
C GLY J 82 20.20 41.91 -68.25
N GLY J 83 21.35 41.92 -67.56
CA GLY J 83 21.69 40.90 -66.55
C GLY J 83 20.87 41.08 -65.28
N GLU J 84 20.40 42.31 -64.99
CA GLU J 84 19.60 42.59 -63.78
C GLU J 84 18.39 41.69 -63.88
N TRP J 85 17.74 41.75 -65.04
CA TRP J 85 16.52 40.98 -65.33
C TRP J 85 16.86 39.49 -65.40
N GLN J 86 18.03 39.13 -65.97
CA GLN J 86 18.52 37.72 -65.94
C GLN J 86 18.63 37.24 -64.49
N ASN J 87 19.06 38.08 -63.54
CA ASN J 87 19.13 37.69 -62.10
C ASN J 87 17.73 37.25 -61.63
N ILE J 88 16.68 37.90 -62.13
CA ILE J 88 15.28 37.66 -61.70
C ILE J 88 14.82 36.37 -62.37
N LEU J 89 15.08 36.21 -63.68
CA LEU J 89 14.65 35.05 -64.50
C LEU J 89 15.21 33.76 -63.91
N LYS J 90 16.40 33.80 -63.33
CA LYS J 90 17.11 32.55 -62.97
C LYS J 90 17.01 32.28 -61.48
N THR J 91 16.30 33.03 -60.66
CA THR J 91 16.32 32.75 -59.21
C THR J 91 15.58 31.43 -58.94
N ASN J 92 16.14 30.61 -58.05
CA ASN J 92 15.48 29.45 -57.40
C ASN J 92 14.60 29.93 -56.24
N GLU J 93 14.67 31.20 -55.82
CA GLU J 93 13.88 31.66 -54.67
C GLU J 93 12.44 31.90 -55.12
N GLU J 94 11.48 31.99 -54.18
CA GLU J 94 10.02 31.81 -54.40
C GLU J 94 9.23 33.12 -54.54
N VAL J 95 9.72 34.19 -53.91
CA VAL J 95 8.96 35.48 -53.72
C VAL J 95 9.81 36.66 -54.22
N ILE J 96 9.28 37.42 -55.16
CA ILE J 96 9.97 38.56 -55.81
C ILE J 96 9.22 39.87 -55.47
N HIS J 97 9.96 40.85 -54.95
CA HIS J 97 9.47 42.25 -54.72
C HIS J 97 9.49 43.06 -56.02
N PHE J 98 8.45 43.87 -56.26
CA PHE J 98 8.43 44.88 -57.37
C PHE J 98 8.96 46.19 -56.78
N PHE J 99 8.73 47.33 -57.43
CA PHE J 99 9.49 48.60 -57.23
C PHE J 99 9.40 49.11 -55.80
N ASN J 100 10.57 49.59 -55.35
CA ASN J 100 10.80 50.32 -54.08
C ASN J 100 10.39 51.77 -54.32
N GLU J 101 9.43 52.28 -53.54
CA GLU J 101 8.96 53.70 -53.52
C GLU J 101 8.97 54.25 -54.93
N PRO J 102 8.24 53.62 -55.87
CA PRO J 102 8.20 54.14 -57.22
C PRO J 102 7.67 55.59 -57.24
N GLU J 103 6.87 56.00 -56.25
CA GLU J 103 6.29 57.37 -56.23
C GLU J 103 7.40 58.41 -56.00
N ARG J 104 8.54 58.02 -55.41
CA ARG J 104 9.71 58.91 -55.18
C ARG J 104 10.73 58.84 -56.32
N ALA J 105 10.51 58.05 -57.38
CA ALA J 105 11.45 57.78 -58.49
C ALA J 105 10.84 58.18 -59.83
N GLY J 106 9.66 58.79 -59.83
CA GLY J 106 9.06 59.31 -61.08
C GLY J 106 8.41 58.21 -61.91
N ILE J 107 8.05 57.09 -61.29
CA ILE J 107 7.28 56.00 -61.98
C ILE J 107 5.78 56.10 -61.66
N SER J 108 4.94 56.41 -62.66
CA SER J 108 3.49 56.55 -62.45
C SER J 108 2.89 55.17 -62.16
N PRO J 109 1.74 55.11 -61.49
CA PRO J 109 1.04 53.84 -61.39
C PRO J 109 0.77 53.21 -62.78
N GLU J 110 0.41 54.03 -63.78
CA GLU J 110 0.08 53.52 -65.15
C GLU J 110 1.32 52.84 -65.74
N GLU J 111 2.48 53.46 -65.55
CA GLU J 111 3.70 52.92 -66.14
C GLU J 111 4.02 51.59 -65.44
N ALA J 112 3.95 51.53 -64.10
CA ALA J 112 4.26 50.34 -63.30
C ALA J 112 3.25 49.22 -63.60
N ALA J 113 2.01 49.57 -63.90
CA ALA J 113 0.94 48.61 -64.28
C ALA J 113 1.24 47.97 -65.64
N LYS J 114 1.65 48.79 -66.63
CA LYS J 114 2.03 48.32 -67.98
C LYS J 114 3.11 47.25 -67.81
N ILE J 115 4.20 47.63 -67.15
CA ILE J 115 5.44 46.82 -66.89
C ILE J 115 5.07 45.52 -66.16
N TRP J 116 4.09 45.57 -65.25
CA TRP J 116 3.58 44.37 -64.52
C TRP J 116 2.88 43.46 -65.51
N ASN J 117 1.90 43.97 -66.25
CA ASN J 117 1.21 43.21 -67.31
C ASN J 117 2.30 42.73 -68.28
N ASP J 118 3.13 43.63 -68.84
CA ASP J 118 4.08 43.30 -69.94
C ASP J 118 5.12 42.27 -69.51
N GLN J 119 5.65 42.28 -68.29
CA GLN J 119 6.80 41.37 -68.02
C GLN J 119 6.83 40.79 -66.62
N VAL J 120 6.11 41.29 -65.63
CA VAL J 120 6.38 40.74 -64.26
C VAL J 120 5.42 39.58 -64.00
N LEU J 121 4.19 39.66 -64.50
CA LEU J 121 3.15 38.59 -64.37
C LEU J 121 3.69 37.23 -64.82
N ALA J 122 4.42 37.25 -65.94
CA ALA J 122 5.12 36.09 -66.52
C ALA J 122 5.88 35.36 -65.41
N LEU J 123 6.38 36.04 -64.36
CA LEU J 123 7.18 35.35 -63.31
C LEU J 123 6.23 34.47 -62.48
N ARG J 124 4.95 34.82 -62.45
CA ARG J 124 3.97 33.96 -61.74
C ARG J 124 3.39 32.94 -62.71
N THR J 125 2.78 33.41 -63.80
CA THR J 125 2.07 32.53 -64.77
C THR J 125 3.02 31.46 -65.32
N SER J 126 4.30 31.83 -65.55
CA SER J 126 5.31 30.96 -66.22
C SER J 126 6.36 30.44 -65.21
N HIS J 127 6.93 31.25 -64.29
CA HIS J 127 7.94 30.74 -63.33
C HIS J 127 7.33 30.36 -61.96
N HIS J 128 6.02 30.50 -61.78
CA HIS J 128 5.30 30.05 -60.55
C HIS J 128 5.85 30.77 -59.31
N LYS J 129 6.36 32.00 -59.45
CA LYS J 129 6.86 32.78 -58.30
C LYS J 129 5.69 33.62 -57.79
N ARG J 130 5.73 33.96 -56.51
CA ARG J 130 4.82 34.95 -55.91
C ARG J 130 5.43 36.38 -56.00
N LEU J 131 4.55 37.39 -56.15
CA LEU J 131 4.92 38.78 -56.49
C LEU J 131 4.38 39.72 -55.43
N VAL J 132 5.24 40.54 -54.84
CA VAL J 132 4.84 41.62 -53.90
C VAL J 132 4.61 42.87 -54.72
N SER J 133 3.50 43.59 -54.51
CA SER J 133 3.34 44.98 -55.04
C SER J 133 4.64 45.79 -54.88
N PRO J 134 4.80 46.90 -55.64
CA PRO J 134 5.62 48.01 -55.18
C PRO J 134 5.33 48.30 -53.72
N SER J 135 6.37 48.69 -53.00
CA SER J 135 6.35 49.04 -51.57
C SER J 135 6.51 50.55 -51.46
N CYS J 136 5.39 51.27 -51.25
CA CYS J 136 5.30 52.75 -51.24
C CYS J 136 5.54 53.25 -49.82
N ALA J 137 5.98 54.52 -49.68
CA ALA J 137 6.15 55.12 -48.35
C ALA J 137 4.75 55.25 -47.71
N SER J 138 4.63 55.25 -46.37
CA SER J 138 3.36 55.41 -45.63
C SER J 138 2.92 56.89 -45.58
N ASP J 139 3.47 57.76 -46.43
CA ASP J 139 3.00 59.16 -46.52
C ASP J 139 1.84 59.23 -47.50
N PRO J 140 1.07 60.34 -47.50
CA PRO J 140 -0.02 60.50 -48.45
C PRO J 140 0.34 60.17 -49.90
N ALA J 141 1.52 60.53 -50.42
CA ALA J 141 1.86 60.29 -51.84
C ALA J 141 1.95 58.77 -52.08
N GLY J 142 2.58 58.05 -51.14
CA GLY J 142 2.76 56.59 -51.23
C GLY J 142 1.41 55.89 -51.11
N ILE J 143 0.57 56.27 -50.13
CA ILE J 143 -0.78 55.69 -50.03
C ILE J 143 -1.51 55.95 -51.35
N ALA J 144 -1.50 57.17 -51.90
CA ALA J 144 -2.22 57.44 -53.18
C ALA J 144 -1.69 56.52 -54.30
N TRP J 145 -0.37 56.29 -54.33
CA TRP J 145 0.28 55.62 -55.48
C TRP J 145 -0.18 54.14 -55.52
N ILE J 146 -0.04 53.45 -54.39
CA ILE J 146 -0.43 52.03 -54.29
C ILE J 146 -1.93 51.88 -54.52
N LYS J 147 -2.74 52.83 -54.03
CA LYS J 147 -4.19 52.85 -54.35
C LYS J 147 -4.41 52.82 -55.88
N LYS J 148 -3.82 53.76 -56.62
CA LYS J 148 -4.08 53.74 -58.08
C LYS J 148 -3.53 52.43 -58.67
N TRP J 149 -2.29 52.06 -58.33
CA TRP J 149 -1.67 50.86 -58.92
C TRP J 149 -2.55 49.64 -58.62
N MET J 150 -2.92 49.40 -57.36
CA MET J 150 -3.73 48.20 -57.02
C MET J 150 -5.02 48.20 -57.84
N ASN J 151 -5.69 49.34 -57.96
CA ASN J 151 -6.90 49.42 -58.79
C ASN J 151 -6.54 49.01 -60.23
N LEU J 152 -5.41 49.46 -60.79
CA LEU J 152 -5.15 49.22 -62.22
C LEU J 152 -4.84 47.74 -62.49
N VAL J 153 -4.27 47.03 -61.50
CA VAL J 153 -3.81 45.63 -61.73
C VAL J 153 -4.80 44.70 -61.02
N ALA J 154 -5.97 45.17 -60.59
CA ALA J 154 -6.90 44.39 -59.72
C ALA J 154 -7.22 43.01 -60.35
N LYS J 155 -7.24 42.89 -61.69
CA LYS J 155 -7.58 41.59 -62.34
C LYS J 155 -6.33 40.72 -62.52
N ASN J 156 -5.16 41.19 -62.12
CA ASN J 156 -3.94 40.36 -62.10
C ASN J 156 -3.17 40.83 -60.90
N PRO J 157 -3.73 40.66 -59.68
CA PRO J 157 -3.25 41.42 -58.54
C PRO J 157 -1.95 40.81 -58.03
N PRO J 158 -1.19 41.49 -57.15
CA PRO J 158 -0.01 40.87 -56.53
C PRO J 158 -0.47 39.78 -55.56
N ASP J 159 0.42 38.88 -55.18
CA ASP J 159 0.19 37.91 -54.06
C ASP J 159 0.19 38.64 -52.70
N TYR J 160 0.98 39.69 -52.58
CA TYR J 160 1.31 40.33 -51.28
C TYR J 160 1.33 41.83 -51.50
N LEU J 161 0.79 42.57 -50.53
CA LEU J 161 0.80 44.04 -50.56
C LEU J 161 2.00 44.46 -49.71
N GLY J 162 2.98 45.07 -50.36
CA GLY J 162 4.19 45.51 -49.68
C GLY J 162 3.97 46.90 -49.11
N LEU J 163 4.29 47.10 -47.85
CA LEU J 163 4.23 48.46 -47.25
C LEU J 163 5.56 48.84 -46.59
N HIS J 164 5.81 50.14 -46.55
CA HIS J 164 6.79 50.75 -45.62
C HIS J 164 6.03 51.58 -44.59
N TRP J 165 6.58 51.65 -43.39
CA TRP J 165 6.09 52.52 -42.33
C TRP J 165 7.25 52.97 -41.46
N TYR J 166 7.29 54.28 -41.20
CA TYR J 166 8.26 54.97 -40.31
C TYR J 166 7.47 56.02 -39.55
N GLY J 167 7.66 56.14 -38.25
CA GLY J 167 7.20 57.24 -37.40
C GLY J 167 7.51 56.84 -35.98
N THR J 168 6.85 57.48 -35.00
CA THR J 168 7.22 57.38 -33.58
C THR J 168 6.14 56.69 -32.78
N LYS J 169 4.90 56.60 -33.26
CA LYS J 169 3.83 56.01 -32.41
C LYS J 169 3.39 54.62 -32.91
N GLY J 170 3.52 53.62 -32.06
CA GLY J 170 3.24 52.21 -32.42
C GLY J 170 1.74 52.02 -32.70
N ASP J 171 0.87 52.74 -31.97
CA ASP J 171 -0.59 52.69 -32.22
C ASP J 171 -0.88 53.18 -33.63
N GLU J 172 -0.06 54.09 -34.13
CA GLU J 172 -0.26 54.69 -35.46
C GLU J 172 0.17 53.65 -36.50
N MET J 173 1.21 52.87 -36.21
CA MET J 173 1.62 51.85 -37.22
C MET J 173 0.50 50.78 -37.29
N ILE J 174 -0.01 50.33 -36.14
CA ILE J 174 -1.16 49.35 -36.12
C ILE J 174 -2.35 49.94 -36.87
N ARG J 175 -2.68 51.19 -36.62
CA ARG J 175 -3.83 51.86 -37.27
C ARG J 175 -3.59 51.82 -38.78
N TYR J 176 -2.33 52.08 -39.19
CA TYR J 176 -2.01 52.18 -40.63
C TYR J 176 -2.17 50.78 -41.27
N LEU J 177 -1.64 49.75 -40.62
CA LEU J 177 -1.72 48.33 -41.12
C LEU J 177 -3.20 47.87 -41.20
N GLU J 178 -3.96 48.06 -40.13
CA GLU J 178 -5.44 47.81 -40.18
C GLU J 178 -6.09 48.57 -41.35
N SER J 179 -5.73 49.83 -41.56
CA SER J 179 -6.40 50.64 -42.60
C SER J 179 -6.07 50.04 -43.97
N MET J 180 -4.82 49.66 -44.17
CA MET J 180 -4.40 49.16 -45.50
C MET J 180 -5.00 47.77 -45.74
N HIS J 181 -5.15 46.95 -44.71
CA HIS J 181 -5.76 45.59 -44.82
C HIS J 181 -7.24 45.70 -45.25
N LYS J 182 -7.95 46.72 -44.77
CA LYS J 182 -9.35 47.02 -45.13
C LYS J 182 -9.40 47.57 -46.57
N GLU J 183 -8.53 48.50 -46.93
CA GLU J 183 -8.55 49.12 -48.28
C GLU J 183 -8.13 48.04 -49.30
N HIS J 184 -7.27 47.09 -48.94
CA HIS J 184 -6.77 46.04 -49.88
C HIS J 184 -6.86 44.70 -49.17
N PRO J 185 -8.10 44.14 -49.11
CA PRO J 185 -8.41 42.96 -48.30
C PRO J 185 -8.00 41.60 -48.92
N HIS J 186 -7.72 41.59 -50.21
CA HIS J 186 -7.55 40.36 -51.03
C HIS J 186 -6.13 39.77 -50.93
N GLN J 187 -5.14 40.35 -50.23
CA GLN J 187 -3.78 39.71 -50.18
C GLN J 187 -3.11 39.97 -48.82
N PRO J 188 -2.25 39.08 -48.31
CA PRO J 188 -1.60 39.36 -47.05
C PRO J 188 -0.63 40.53 -47.27
N ILE J 189 -0.23 41.12 -46.16
CA ILE J 189 0.72 42.29 -46.11
C ILE J 189 2.13 41.79 -45.86
N ILE J 190 3.10 42.32 -46.60
CA ILE J 190 4.53 42.31 -46.22
C ILE J 190 4.94 43.76 -45.90
N VAL J 191 5.32 43.99 -44.64
CA VAL J 191 5.98 45.26 -44.22
C VAL J 191 7.46 45.11 -44.61
N SER J 192 7.80 45.54 -45.81
CA SER J 192 9.15 45.38 -46.41
C SER J 192 10.21 46.35 -45.87
N GLU J 193 9.80 47.47 -45.25
CA GLU J 193 10.64 48.24 -44.31
C GLU J 193 9.77 48.88 -43.23
N TRP J 194 10.27 48.92 -42.00
CA TRP J 194 9.70 49.73 -40.92
C TRP J 194 10.75 49.99 -39.84
N ALA J 195 10.55 51.11 -39.12
CA ALA J 195 11.40 51.47 -37.98
C ALA J 195 10.72 52.58 -37.17
N SER J 196 10.98 52.63 -35.87
CA SER J 196 10.78 53.86 -35.05
C SER J 196 11.75 54.92 -35.56
N THR J 197 11.27 56.15 -35.80
CA THR J 197 12.14 57.33 -36.07
C THR J 197 12.30 58.18 -34.79
N SER J 198 11.83 57.73 -33.63
CA SER J 198 12.05 58.38 -32.31
C SER J 198 13.54 58.53 -32.04
N ARG J 199 13.97 59.68 -31.50
CA ARG J 199 15.38 59.87 -31.06
C ARG J 199 15.50 59.41 -29.60
N SER J 200 14.39 59.05 -28.96
CA SER J 200 14.39 58.44 -27.63
C SER J 200 14.49 56.91 -27.75
N TYR J 201 15.56 56.31 -27.18
CA TYR J 201 15.83 54.85 -27.26
C TYR J 201 14.67 54.11 -26.59
N PRO J 202 14.25 54.43 -25.35
CA PRO J 202 13.19 53.64 -24.71
C PRO J 202 11.96 53.55 -25.63
N ASP J 203 11.66 54.64 -26.34
CA ASP J 203 10.53 54.73 -27.31
C ASP J 203 10.81 53.95 -28.60
N VAL J 204 12.06 53.84 -29.04
CA VAL J 204 12.38 52.99 -30.23
C VAL J 204 12.08 51.53 -29.85
N LEU J 205 12.63 51.08 -28.73
CA LEU J 205 12.52 49.72 -28.22
C LEU J 205 11.05 49.40 -27.94
N GLY J 206 10.32 50.34 -27.30
CA GLY J 206 8.89 50.24 -27.02
C GLY J 206 8.09 50.03 -28.30
N LEU J 207 8.24 50.88 -29.31
CA LEU J 207 7.46 50.72 -30.58
C LEU J 207 7.90 49.39 -31.24
N THR J 208 9.21 49.07 -31.21
CA THR J 208 9.74 47.87 -31.95
C THR J 208 9.13 46.60 -31.33
N VAL J 209 9.17 46.50 -30.00
CA VAL J 209 8.60 45.41 -29.20
C VAL J 209 7.06 45.32 -29.42
N GLN J 210 6.36 46.45 -29.32
CA GLN J 210 4.89 46.45 -29.51
C GLN J 210 4.60 45.87 -30.91
N LEU J 211 5.24 46.37 -31.96
CA LEU J 211 4.78 46.05 -33.34
C LEU J 211 5.24 44.63 -33.75
N ALA J 212 6.37 44.15 -33.24
CA ALA J 212 6.85 42.78 -33.55
C ALA J 212 5.83 41.83 -32.95
N ASN J 213 5.48 41.99 -31.66
CA ASN J 213 4.49 41.12 -30.99
C ASN J 213 3.11 41.27 -31.64
N TRP J 214 2.70 42.48 -31.99
CA TRP J 214 1.40 42.63 -32.68
C TRP J 214 1.35 41.88 -34.04
N MET J 215 2.36 42.08 -34.91
CA MET J 215 2.39 41.53 -36.29
C MET J 215 2.59 39.98 -36.23
N ASP J 216 3.28 39.44 -35.22
CA ASP J 216 3.48 38.01 -34.96
C ASP J 216 2.11 37.37 -34.66
N SER J 217 1.19 38.07 -33.97
CA SER J 217 -0.19 37.61 -33.55
C SER J 217 -1.20 37.80 -34.68
N THR J 218 -0.84 38.52 -35.74
CA THR J 218 -1.75 38.95 -36.85
C THR J 218 -1.51 38.06 -38.07
N PRO J 219 -2.47 37.16 -38.40
CA PRO J 219 -2.24 36.20 -39.48
C PRO J 219 -2.12 36.86 -40.87
N TRP J 220 -2.83 37.98 -41.14
CA TRP J 220 -2.76 38.64 -42.47
C TRP J 220 -1.45 39.46 -42.57
N VAL J 221 -0.61 39.46 -41.55
CA VAL J 221 0.80 39.99 -41.77
C VAL J 221 1.71 38.80 -41.96
N ALA J 222 2.17 38.67 -43.19
CA ALA J 222 2.96 37.49 -43.65
C ALA J 222 4.42 37.60 -43.15
N GLU J 223 5.07 38.76 -43.34
CA GLU J 223 6.41 39.03 -42.76
C GLU J 223 6.65 40.55 -42.66
N TYR J 224 7.58 40.91 -41.82
CA TYR J 224 7.94 42.33 -41.55
C TYR J 224 9.47 42.44 -41.38
N ALA J 225 10.02 43.58 -41.78
CA ALA J 225 11.44 43.81 -42.15
C ALA J 225 11.92 45.12 -41.48
N LEU J 226 12.45 44.98 -40.27
CA LEU J 226 13.01 46.05 -39.42
C LEU J 226 14.27 46.66 -40.07
N PHE J 227 14.25 47.97 -40.26
CA PHE J 227 15.30 48.74 -40.95
C PHE J 227 16.37 49.20 -39.92
N GLY J 228 17.62 49.26 -40.38
CA GLY J 228 18.79 49.90 -39.72
C GLY J 228 20.02 49.00 -39.59
N CYS J 229 20.07 47.80 -40.21
CA CYS J 229 21.21 46.86 -40.07
C CYS J 229 22.26 47.27 -41.10
N MET J 230 22.98 48.32 -40.81
CA MET J 230 24.04 48.92 -41.65
C MET J 230 24.87 49.88 -40.79
N ARG J 231 26.12 50.10 -41.23
CA ARG J 231 27.10 50.75 -40.36
C ARG J 231 26.84 52.26 -40.28
N GLN J 232 26.35 52.83 -41.37
CA GLN J 232 26.13 54.29 -41.53
C GLN J 232 24.63 54.58 -41.53
N MET J 233 24.23 55.76 -41.01
CA MET J 233 22.85 56.29 -41.12
C MET J 233 22.54 56.37 -42.60
N ALA J 234 21.38 55.85 -42.98
CA ALA J 234 20.95 55.78 -44.39
C ALA J 234 20.67 57.20 -44.83
N ASP J 235 20.11 58.00 -43.93
CA ASP J 235 19.67 59.37 -44.27
C ASP J 235 19.47 60.12 -42.94
N ASP J 236 18.98 61.35 -43.02
CA ASP J 236 18.64 62.10 -41.80
C ASP J 236 17.24 61.71 -41.29
N PHE J 237 16.39 60.99 -42.02
CA PHE J 237 14.99 60.73 -41.53
C PHE J 237 15.08 59.65 -40.46
N VAL J 238 15.92 58.65 -40.68
CA VAL J 238 15.98 57.48 -39.76
C VAL J 238 16.73 57.90 -38.50
N SER J 239 16.47 57.19 -37.41
CA SER J 239 16.97 57.45 -36.06
C SER J 239 18.25 56.69 -35.77
N PRO J 240 19.30 57.42 -35.33
CA PRO J 240 20.51 56.75 -34.86
C PRO J 240 20.17 55.80 -33.71
N GLU J 241 19.08 55.99 -32.97
CA GLU J 241 18.77 55.15 -31.79
C GLU J 241 18.19 53.78 -32.25
N ALA J 242 17.66 53.74 -33.48
CA ALA J 242 17.03 52.56 -34.11
C ALA J 242 18.07 51.72 -34.88
N GLN J 243 19.35 52.04 -34.80
CA GLN J 243 20.38 51.29 -35.58
C GLN J 243 20.45 49.82 -35.08
N LEU J 244 20.59 48.90 -36.02
CA LEU J 244 20.71 47.46 -35.73
C LEU J 244 22.18 46.98 -35.83
N MET J 245 23.05 47.78 -36.44
CA MET J 245 24.51 47.56 -36.55
C MET J 245 25.26 48.79 -36.00
N ASN J 246 26.31 48.62 -35.20
CA ASN J 246 27.20 49.74 -34.79
C ASN J 246 28.12 50.05 -35.98
N LYS J 247 28.93 51.10 -35.83
CA LYS J 247 29.94 51.57 -36.84
C LYS J 247 30.97 50.50 -37.17
N ASP J 248 31.35 49.63 -36.23
CA ASP J 248 32.32 48.50 -36.41
C ASP J 248 31.66 47.27 -37.03
N GLY J 249 30.37 47.36 -37.37
CA GLY J 249 29.56 46.25 -37.89
C GLY J 249 29.10 45.25 -36.82
N SER J 250 29.43 45.41 -35.53
CA SER J 250 28.83 44.52 -34.51
C SER J 250 27.32 44.86 -34.46
N PHE J 251 26.50 44.01 -33.86
CA PHE J 251 25.02 44.18 -33.81
C PHE J 251 24.67 44.91 -32.52
N THR J 252 23.66 45.75 -32.56
CA THR J 252 23.18 46.48 -31.37
C THR J 252 22.23 45.58 -30.58
N ASP J 253 21.86 46.01 -29.38
CA ASP J 253 20.94 45.21 -28.54
C ASP J 253 19.58 45.14 -29.22
N LEU J 254 19.14 46.20 -29.92
CA LEU J 254 17.81 46.16 -30.60
C LEU J 254 17.84 45.00 -31.62
N MET J 255 18.95 44.86 -32.32
CA MET J 255 19.16 43.76 -33.30
C MET J 255 19.14 42.37 -32.61
N TRP J 256 19.89 42.21 -31.53
CA TRP J 256 19.93 40.95 -30.80
C TRP J 256 18.49 40.54 -30.52
N LYS J 257 17.73 41.45 -29.94
CA LYS J 257 16.34 41.21 -29.52
C LYS J 257 15.49 40.88 -30.74
N TYR J 258 15.59 41.62 -31.81
CA TYR J 258 14.80 41.38 -33.04
C TYR J 258 15.10 40.00 -33.60
N MET J 259 16.35 39.55 -33.55
CA MET J 259 16.69 38.28 -34.23
C MET J 259 16.62 37.11 -33.25
N SER J 260 16.37 37.33 -31.96
CA SER J 260 16.46 36.27 -30.93
C SER J 260 15.16 36.04 -30.14
N ASP J 261 14.30 37.06 -30.02
CA ASP J 261 13.27 37.07 -28.96
C ASP J 261 11.87 37.05 -29.60
N GLN J 262 11.11 35.99 -29.32
CA GLN J 262 9.69 35.80 -29.71
C GLN J 262 8.98 35.08 -28.57
N PRO J 263 8.19 35.78 -27.71
CA PRO J 263 7.94 37.24 -27.80
C PRO J 263 9.13 38.18 -27.67
N MET J 264 9.08 39.33 -28.34
CA MET J 264 9.95 40.52 -28.01
C MET J 264 9.53 41.11 -26.68
N HIS J 265 10.52 41.69 -25.99
CA HIS J 265 10.36 42.44 -24.73
C HIS J 265 11.36 43.60 -24.67
N ILE J 266 11.01 44.59 -23.85
CA ILE J 266 11.91 45.76 -23.57
C ILE J 266 13.05 45.28 -22.66
#